data_8GEL
#
_entry.id   8GEL
#
_cell.length_a   1.00
_cell.length_b   1.00
_cell.length_c   1.00
_cell.angle_alpha   90.00
_cell.angle_beta   90.00
_cell.angle_gamma   90.00
#
_symmetry.space_group_name_H-M   'P 1'
#
_entity_poly.entity_id   1
_entity_poly.type   'polypeptide(L)'
_entity_poly.pdbx_seq_one_letter_code
;MGSGHHHHHHGSGSSEKALEILREALKELEDIAKEQRKILKDALDELREEAEKLREDGNDEEEINKRLNELMKIAVEALE
LTIEVLRSLAESALRALELLLKLAEDHKVIEEAVKLLLEFLKKLAEVAEEANRLALEFLEELIELGGDVEAAAKASKEAA
RASAEFARAIVEILEEVARLAIEFIEDEKLLARIAQLIIKAITEIVRIMAEMASLNVKAMSEIIKLADDETAKKAVKIAL
EILEMAMKVAEEANEAALRVLELAVKAGGDVELAAEASHELAKASLEVLKIMVEAAELLARAAIEVIEDEKLLAEAAQLV
IEAIRRLMEIMARIAKLNAEFLARVMKLADEETAERVLEIITEILRQASELAEEANKAAERVLDLARKAGGDEELVHTAS
SLLIKASAEVLRILFEAAVHAILAFNEVLYRLLKEAGADEEFLKEIEIKLAEIEMKALVAKNKLESILSAIDMKAKRGAS
EEELKELLRELKKTVEDMLRELERLSEESRRIAEKARKT
;
_entity_poly.pdbx_strand_id   A,B,C,D
#
# COMPACT_ATOMS: atom_id res chain seq x y z
N SER A 15 -33.83 -39.96 14.25
CA SER A 15 -34.23 -39.23 13.06
C SER A 15 -35.31 -38.21 13.39
N GLU A 16 -36.55 -38.68 13.53
CA GLU A 16 -37.65 -37.76 13.83
C GLU A 16 -37.45 -37.05 15.16
N LYS A 17 -36.70 -37.67 16.08
CA LYS A 17 -36.49 -37.03 17.38
C LYS A 17 -35.64 -35.78 17.24
N ALA A 18 -34.67 -35.79 16.33
CA ALA A 18 -33.92 -34.56 16.07
C ALA A 18 -34.82 -33.50 15.45
N LEU A 19 -35.73 -33.89 14.57
CA LEU A 19 -36.66 -32.92 14.04
C LEU A 19 -37.52 -32.32 15.15
N GLU A 20 -37.96 -33.14 16.10
CA GLU A 20 -38.76 -32.59 17.20
C GLU A 20 -37.94 -31.71 18.12
N ILE A 21 -36.67 -32.03 18.34
CA ILE A 21 -35.84 -31.17 19.18
C ILE A 21 -35.62 -29.81 18.52
N LEU A 22 -35.40 -29.81 17.21
CA LEU A 22 -35.25 -28.53 16.53
C LEU A 22 -36.57 -27.78 16.50
N ARG A 23 -37.68 -28.50 16.39
CA ARG A 23 -38.98 -27.84 16.45
C ARG A 23 -39.17 -27.16 17.79
N GLU A 24 -38.75 -27.81 18.87
CA GLU A 24 -38.87 -27.19 20.19
C GLU A 24 -37.98 -25.97 20.31
N ALA A 25 -36.74 -26.07 19.84
CA ALA A 25 -35.85 -24.90 19.92
C ALA A 25 -36.38 -23.74 19.08
N LEU A 26 -36.91 -24.03 17.90
CA LEU A 26 -37.45 -22.96 17.07
C LEU A 26 -38.73 -22.38 17.67
N LYS A 27 -39.52 -23.20 18.34
CA LYS A 27 -40.68 -22.65 19.04
C LYS A 27 -40.25 -21.72 20.16
N GLU A 28 -39.21 -22.10 20.91
CA GLU A 28 -38.74 -21.21 21.97
C GLU A 28 -38.13 -19.93 21.39
N LEU A 29 -37.46 -20.02 20.24
CA LEU A 29 -36.91 -18.80 19.66
C LEU A 29 -38.01 -17.91 19.09
N GLU A 30 -39.06 -18.49 18.53
CA GLU A 30 -40.21 -17.69 18.15
C GLU A 30 -40.82 -17.01 19.36
N ASP A 31 -40.87 -17.72 20.49
CA ASP A 31 -41.45 -17.14 21.69
C ASP A 31 -40.61 -15.98 22.21
N ILE A 32 -39.29 -16.16 22.25
CA ILE A 32 -38.44 -15.07 22.70
C ILE A 32 -38.49 -13.89 21.74
N ALA A 33 -38.66 -14.14 20.45
CA ALA A 33 -38.80 -13.03 19.53
C ALA A 33 -40.08 -12.26 19.81
N LYS A 34 -41.18 -12.98 20.03
CA LYS A 34 -42.43 -12.31 20.38
C LYS A 34 -42.29 -11.51 21.67
N GLU A 35 -41.62 -12.08 22.66
CA GLU A 35 -41.42 -11.37 23.93
C GLU A 35 -40.54 -10.14 23.74
N GLN A 36 -39.57 -10.20 22.83
CA GLN A 36 -38.74 -9.03 22.57
C GLN A 36 -39.53 -7.95 21.87
N ARG A 37 -40.43 -8.33 20.97
CA ARG A 37 -41.32 -7.33 20.39
C ARG A 37 -42.19 -6.69 21.46
N LYS A 38 -42.67 -7.48 22.41
CA LYS A 38 -43.46 -6.89 23.50
C LYS A 38 -42.61 -5.96 24.35
N ILE A 39 -41.35 -6.32 24.59
CA ILE A 39 -40.46 -5.43 25.33
C ILE A 39 -40.26 -4.11 24.59
N LEU A 40 -40.08 -4.17 23.27
CA LEU A 40 -39.96 -2.94 22.51
C LEU A 40 -41.23 -2.10 22.62
N LYS A 41 -42.40 -2.74 22.51
CA LYS A 41 -43.64 -1.99 22.63
C LYS A 41 -43.77 -1.34 24.02
N ASP A 42 -43.35 -2.06 25.06
CA ASP A 42 -43.39 -1.51 26.41
C ASP A 42 -42.48 -0.28 26.52
N ALA A 43 -41.25 -0.40 26.02
CA ALA A 43 -40.33 0.72 26.13
C ALA A 43 -40.79 1.91 25.30
N LEU A 44 -41.33 1.64 24.11
CA LEU A 44 -41.85 2.73 23.30
C LEU A 44 -43.04 3.39 23.97
N ASP A 45 -43.89 2.61 24.62
CA ASP A 45 -45.00 3.18 25.35
C ASP A 45 -44.53 4.07 26.48
N GLU A 46 -43.51 3.62 27.22
CA GLU A 46 -42.95 4.45 28.28
C GLU A 46 -42.38 5.74 27.72
N LEU A 47 -41.66 5.66 26.60
CA LEU A 47 -41.11 6.86 25.98
C LEU A 47 -42.21 7.82 25.55
N ARG A 48 -43.27 7.29 24.94
CA ARG A 48 -44.37 8.14 24.49
C ARG A 48 -45.08 8.78 25.66
N GLU A 49 -45.21 8.06 26.77
CA GLU A 49 -45.82 8.65 27.96
C GLU A 49 -44.95 9.76 28.52
N GLU A 50 -43.64 9.58 28.54
CA GLU A 50 -42.76 10.66 28.97
C GLU A 50 -42.92 11.88 28.08
N ALA A 51 -42.98 11.66 26.76
CA ALA A 51 -43.13 12.77 25.84
C ALA A 51 -44.45 13.50 26.06
N GLU A 52 -45.54 12.74 26.24
CA GLU A 52 -46.83 13.37 26.47
C GLU A 52 -46.85 14.13 27.79
N LYS A 53 -46.16 13.61 28.81
CA LYS A 53 -46.11 14.32 30.09
C LYS A 53 -45.31 15.60 29.96
N LEU A 54 -44.28 15.61 29.11
CA LEU A 54 -43.52 16.83 28.90
C LEU A 54 -44.25 17.82 28.01
N ARG A 55 -45.18 17.35 27.19
CA ARG A 55 -45.93 18.26 26.32
C ARG A 55 -46.61 19.36 27.13
N GLU A 56 -47.17 19.02 28.30
CA GLU A 56 -47.79 20.03 29.14
C GLU A 56 -46.76 20.86 29.88
N ASP A 57 -45.75 20.21 30.45
CA ASP A 57 -44.74 20.90 31.24
C ASP A 57 -43.61 21.43 30.35
N ASP A 60 -41.48 25.08 28.04
CA ASP A 60 -40.65 25.88 27.15
C ASP A 60 -40.78 25.43 25.70
N GLU A 61 -40.37 26.29 24.78
CA GLU A 61 -40.23 25.87 23.39
C GLU A 61 -38.93 25.11 23.17
N GLU A 62 -37.83 25.60 23.76
CA GLU A 62 -36.54 24.92 23.60
C GLU A 62 -36.53 23.58 24.32
N GLU A 63 -37.15 23.52 25.50
CA GLU A 63 -37.29 22.25 26.21
C GLU A 63 -37.88 21.18 25.31
N ILE A 64 -39.01 21.48 24.69
CA ILE A 64 -39.67 20.52 23.81
C ILE A 64 -38.81 20.26 22.58
N ASN A 65 -38.36 21.33 21.91
CA ASN A 65 -37.61 21.19 20.68
C ASN A 65 -36.36 20.36 20.85
N LYS A 66 -35.81 20.29 22.07
CA LYS A 66 -34.63 19.47 22.33
C LYS A 66 -34.98 18.07 22.81
N ARG A 67 -35.91 17.98 23.76
CA ARG A 67 -36.23 16.68 24.34
C ARG A 67 -36.94 15.77 23.35
N LEU A 68 -37.75 16.33 22.44
CA LEU A 68 -38.41 15.47 21.46
C LEU A 68 -37.39 14.85 20.52
N ASN A 69 -36.36 15.59 20.14
CA ASN A 69 -35.30 15.03 19.31
C ASN A 69 -34.50 13.99 20.09
N GLU A 70 -34.19 14.25 21.36
CA GLU A 70 -33.50 13.24 22.15
C GLU A 70 -34.35 11.98 22.28
N LEU A 71 -35.67 12.14 22.41
CA LEU A 71 -36.54 10.99 22.59
C LEU A 71 -36.65 10.19 21.30
N MET A 72 -36.76 10.86 20.14
CA MET A 72 -36.77 10.09 18.90
C MET A 72 -35.43 9.40 18.68
N LYS A 73 -34.33 10.02 19.10
CA LYS A 73 -33.03 9.37 18.95
C LYS A 73 -32.95 8.11 19.81
N ILE A 74 -33.39 8.19 21.06
CA ILE A 74 -33.31 6.99 21.89
C ILE A 74 -34.35 5.95 21.49
N ALA A 75 -35.45 6.38 20.87
CA ALA A 75 -36.41 5.38 20.37
C ALA A 75 -35.84 4.64 19.17
N VAL A 76 -35.17 5.34 18.27
CA VAL A 76 -34.51 4.64 17.17
C VAL A 76 -33.38 3.77 17.69
N GLU A 77 -32.71 4.19 18.76
CA GLU A 77 -31.73 3.30 19.38
C GLU A 77 -32.40 2.04 19.90
N ALA A 78 -33.58 2.17 20.50
CA ALA A 78 -34.30 0.98 20.96
C ALA A 78 -34.68 0.07 19.79
N LEU A 79 -35.11 0.66 18.67
CA LEU A 79 -35.42 -0.17 17.50
C LEU A 79 -34.18 -0.87 16.97
N GLU A 80 -33.07 -0.16 16.86
CA GLU A 80 -31.82 -0.77 16.41
C GLU A 80 -31.41 -1.91 17.34
N LEU A 81 -31.66 -1.74 18.64
CA LEU A 81 -31.32 -2.80 19.58
C LEU A 81 -32.23 -4.02 19.39
N THR A 82 -33.52 -3.80 19.19
CA THR A 82 -34.40 -4.95 18.96
C THR A 82 -34.09 -5.64 17.65
N ILE A 83 -33.63 -4.89 16.65
CA ILE A 83 -33.18 -5.55 15.43
C ILE A 83 -31.94 -6.38 15.71
N GLU A 84 -31.02 -5.89 16.54
CA GLU A 84 -29.87 -6.70 16.89
C GLU A 84 -30.28 -7.99 17.59
N VAL A 85 -31.24 -7.91 18.50
CA VAL A 85 -31.69 -9.12 19.19
C VAL A 85 -32.32 -10.08 18.19
N LEU A 86 -33.12 -9.58 17.27
CA LEU A 86 -33.75 -10.49 16.31
C LEU A 86 -32.71 -11.13 15.39
N ARG A 87 -31.68 -10.38 15.01
CA ARG A 87 -30.65 -10.99 14.17
C ARG A 87 -29.87 -12.05 14.93
N SER A 88 -29.61 -11.82 16.22
CA SER A 88 -28.97 -12.88 17.01
C SER A 88 -29.86 -14.11 17.10
N LEU A 89 -31.17 -13.90 17.20
CA LEU A 89 -32.08 -15.04 17.20
C LEU A 89 -32.00 -15.80 15.87
N ALA A 90 -31.91 -15.07 14.76
CA ALA A 90 -31.78 -15.74 13.47
C ALA A 90 -30.50 -16.55 13.39
N GLU A 91 -29.38 -15.99 13.85
CA GLU A 91 -28.13 -16.74 13.82
C GLU A 91 -28.21 -17.98 14.70
N SER A 92 -28.86 -17.87 15.85
CA SER A 92 -28.99 -19.05 16.71
C SER A 92 -29.87 -20.11 16.06
N ALA A 93 -30.91 -19.70 15.33
CA ALA A 93 -31.73 -20.69 14.63
C ALA A 93 -30.93 -21.38 13.53
N LEU A 94 -30.09 -20.63 12.81
CA LEU A 94 -29.22 -21.26 11.84
C LEU A 94 -28.31 -22.28 12.50
N ARG A 95 -27.72 -21.91 13.64
CA ARG A 95 -26.86 -22.85 14.36
C ARG A 95 -27.64 -24.08 14.81
N ALA A 96 -28.90 -23.91 15.17
CA ALA A 96 -29.71 -25.07 15.54
C ALA A 96 -29.90 -26.00 14.34
N LEU A 97 -30.17 -25.44 13.17
CA LEU A 97 -30.29 -26.28 11.98
C LEU A 97 -28.97 -26.98 11.67
N GLU A 98 -27.85 -26.27 11.86
CA GLU A 98 -26.55 -26.89 11.66
C GLU A 98 -26.39 -28.09 12.58
N LEU A 99 -26.81 -27.97 13.83
CA LEU A 99 -26.75 -29.10 14.74
C LEU A 99 -27.59 -30.26 14.24
N LEU A 100 -28.81 -29.96 13.83
CA LEU A 100 -29.75 -30.96 13.34
C LEU A 100 -29.28 -31.69 12.09
N LEU A 101 -28.69 -30.95 11.15
CA LEU A 101 -28.20 -31.56 9.92
C LEU A 101 -27.11 -32.58 10.24
N LYS A 102 -26.22 -32.22 11.15
CA LYS A 102 -25.14 -33.11 11.56
C LYS A 102 -25.74 -34.33 12.25
N LEU A 103 -26.78 -34.09 13.05
CA LEU A 103 -27.44 -35.15 13.79
C LEU A 103 -28.35 -35.99 12.90
N ALA A 104 -28.36 -35.74 11.60
CA ALA A 104 -29.23 -36.50 10.71
C ALA A 104 -28.60 -36.97 9.40
N GLU A 105 -28.83 -38.22 9.04
CA GLU A 105 -28.33 -38.77 7.78
C GLU A 105 -29.50 -38.94 6.81
N ASP A 106 -30.71 -38.95 7.35
CA ASP A 106 -31.93 -39.11 6.55
C ASP A 106 -32.27 -37.85 5.76
N HIS A 107 -32.95 -38.03 4.63
CA HIS A 107 -33.34 -36.89 3.80
C HIS A 107 -34.68 -36.29 4.22
N LYS A 108 -35.63 -37.12 4.63
CA LYS A 108 -36.96 -36.60 4.98
C LYS A 108 -36.88 -35.62 6.15
N VAL A 109 -36.17 -36.00 7.21
CA VAL A 109 -36.04 -35.12 8.36
C VAL A 109 -35.26 -33.86 7.99
N ILE A 110 -34.25 -33.99 7.14
CA ILE A 110 -33.49 -32.81 6.72
C ILE A 110 -34.37 -31.83 5.99
N GLU A 111 -35.18 -32.32 5.05
CA GLU A 111 -36.06 -31.42 4.32
C GLU A 111 -37.09 -30.80 5.24
N GLU A 112 -37.64 -31.59 6.16
CA GLU A 112 -38.61 -31.03 7.09
C GLU A 112 -37.99 -29.95 7.96
N ALA A 113 -36.74 -30.16 8.38
CA ALA A 113 -36.06 -29.16 9.19
C ALA A 113 -35.82 -27.89 8.41
N VAL A 114 -35.42 -27.99 7.15
CA VAL A 114 -35.22 -26.79 6.36
C VAL A 114 -36.53 -26.05 6.16
N LYS A 115 -37.62 -26.79 5.89
CA LYS A 115 -38.91 -26.14 5.75
C LYS A 115 -39.30 -25.40 7.03
N LEU A 116 -39.12 -26.05 8.18
CA LEU A 116 -39.47 -25.41 9.43
C LEU A 116 -38.60 -24.19 9.71
N LEU A 117 -37.31 -24.27 9.39
CA LEU A 117 -36.44 -23.13 9.65
C LEU A 117 -36.77 -21.96 8.72
N LEU A 118 -37.14 -22.24 7.47
CA LEU A 118 -37.58 -21.16 6.61
C LEU A 118 -38.85 -20.52 7.15
N GLU A 119 -39.78 -21.33 7.64
CA GLU A 119 -40.97 -20.76 8.26
C GLU A 119 -40.61 -19.88 9.45
N PHE A 120 -39.64 -20.32 10.25
CA PHE A 120 -39.26 -19.52 11.41
C PHE A 120 -38.61 -18.21 10.99
N LEU A 121 -37.76 -18.22 9.97
CA LEU A 121 -37.14 -16.97 9.57
C LEU A 121 -38.16 -16.05 8.90
N LYS A 122 -39.18 -16.61 8.28
CA LYS A 122 -40.30 -15.78 7.83
C LYS A 122 -40.98 -15.09 9.01
N LYS A 123 -41.31 -15.86 10.06
CA LYS A 123 -41.93 -15.25 11.23
C LYS A 123 -41.02 -14.24 11.90
N LEU A 124 -39.71 -14.45 11.87
CA LEU A 124 -38.80 -13.51 12.48
C LEU A 124 -38.75 -12.21 11.71
N ALA A 125 -38.65 -12.27 10.38
CA ALA A 125 -38.71 -11.05 9.60
C ALA A 125 -40.06 -10.36 9.78
N GLU A 126 -41.13 -11.13 9.99
CA GLU A 126 -42.42 -10.51 10.26
C GLU A 126 -42.39 -9.74 11.58
N VAL A 127 -41.80 -10.31 12.61
CA VAL A 127 -41.68 -9.59 13.88
C VAL A 127 -40.84 -8.33 13.69
N ALA A 128 -39.79 -8.42 12.88
CA ALA A 128 -38.98 -7.24 12.63
C ALA A 128 -39.77 -6.16 11.90
N GLU A 129 -40.64 -6.57 10.96
CA GLU A 129 -41.50 -5.59 10.32
C GLU A 129 -42.46 -4.95 11.30
N GLU A 130 -42.98 -5.74 12.25
CA GLU A 130 -43.86 -5.16 13.26
C GLU A 130 -43.10 -4.17 14.14
N ALA A 131 -41.85 -4.48 14.48
CA ALA A 131 -41.06 -3.54 15.26
C ALA A 131 -40.79 -2.26 14.50
N ASN A 132 -40.46 -2.36 13.21
CA ASN A 132 -40.28 -1.16 12.42
C ASN A 132 -41.56 -0.34 12.36
N ARG A 133 -42.70 -1.00 12.17
CA ARG A 133 -43.96 -0.27 12.11
C ARG A 133 -44.23 0.43 13.43
N LEU A 134 -43.88 -0.21 14.56
CA LEU A 134 -44.05 0.45 15.84
C LEU A 134 -43.16 1.68 15.95
N ALA A 135 -41.90 1.57 15.54
CA ALA A 135 -41.03 2.74 15.63
C ALA A 135 -41.55 3.89 14.76
N LEU A 136 -42.05 3.58 13.57
CA LEU A 136 -42.52 4.66 12.70
C LEU A 136 -43.82 5.26 13.21
N GLU A 137 -44.75 4.44 13.70
CA GLU A 137 -45.96 5.00 14.27
C GLU A 137 -45.66 5.81 15.52
N PHE A 138 -44.63 5.45 16.27
CA PHE A 138 -44.25 6.28 17.41
C PHE A 138 -43.63 7.59 16.95
N LEU A 139 -42.83 7.57 15.89
CA LEU A 139 -42.33 8.83 15.36
C LEU A 139 -43.48 9.70 14.87
N GLU A 140 -44.55 9.09 14.35
CA GLU A 140 -45.71 9.88 13.96
C GLU A 140 -46.42 10.47 15.17
N GLU A 141 -46.64 9.67 16.21
CA GLU A 141 -47.21 10.20 17.44
C GLU A 141 -46.33 11.29 18.03
N LEU A 142 -45.03 11.26 17.73
CA LEU A 142 -44.15 12.31 18.21
C LEU A 142 -44.28 13.57 17.38
N ILE A 143 -44.40 13.44 16.05
CA ILE A 143 -44.59 14.62 15.22
C ILE A 143 -45.95 15.26 15.50
N GLU A 144 -46.84 14.49 16.11
CA GLU A 144 -48.10 15.04 16.55
C GLU A 144 -47.77 16.05 17.65
N LEU A 145 -46.73 15.76 18.43
CA LEU A 145 -46.37 16.56 19.59
C LEU A 145 -45.57 17.80 19.22
N GLY A 146 -44.96 17.82 18.05
CA GLY A 146 -44.31 19.03 17.59
C GLY A 146 -42.81 18.95 17.56
N GLY A 147 -42.26 17.75 17.40
CA GLY A 147 -40.83 17.59 17.29
C GLY A 147 -40.32 18.17 15.99
N ASP A 148 -39.02 18.01 15.79
CA ASP A 148 -38.43 18.45 14.55
C ASP A 148 -38.96 17.61 13.39
N VAL A 149 -38.72 18.11 12.17
CA VAL A 149 -39.06 17.39 10.96
C VAL A 149 -37.82 16.80 10.30
N GLU A 150 -36.72 17.55 10.26
CA GLU A 150 -35.47 16.97 9.76
C GLU A 150 -34.96 15.88 10.68
N ALA A 151 -35.02 16.11 12.00
CA ALA A 151 -34.56 15.09 12.93
C ALA A 151 -35.47 13.88 12.90
N ALA A 152 -36.79 14.08 12.79
CA ALA A 152 -37.70 12.95 12.68
C ALA A 152 -37.44 12.17 11.41
N ALA A 153 -37.18 12.87 10.30
CA ALA A 153 -36.86 12.17 9.07
C ALA A 153 -35.56 11.40 9.19
N LYS A 154 -34.56 11.97 9.86
CA LYS A 154 -33.29 11.26 10.03
C LYS A 154 -33.44 10.04 10.92
N ALA A 155 -34.20 10.15 11.99
CA ALA A 155 -34.47 8.98 12.83
C ALA A 155 -35.21 7.91 12.06
N SER A 156 -36.18 8.31 11.22
CA SER A 156 -36.87 7.34 10.39
C SER A 156 -35.93 6.66 9.40
N LYS A 157 -35.01 7.43 8.83
CA LYS A 157 -34.06 6.82 7.89
C LYS A 157 -33.13 5.86 8.61
N GLU A 158 -32.72 6.18 9.83
CA GLU A 158 -31.92 5.24 10.59
C GLU A 158 -32.71 3.97 10.91
N ALA A 159 -33.98 4.11 11.24
CA ALA A 159 -34.83 2.94 11.45
C ALA A 159 -34.87 2.06 10.21
N ALA A 160 -35.12 2.67 9.06
CA ALA A 160 -35.18 1.89 7.83
C ALA A 160 -33.83 1.28 7.48
N ARG A 161 -32.73 1.94 7.81
CA ARG A 161 -31.43 1.36 7.49
C ARG A 161 -31.14 0.16 8.38
N ALA A 162 -31.47 0.25 9.67
CA ALA A 162 -31.32 -0.93 10.52
C ALA A 162 -32.22 -2.07 10.06
N SER A 163 -33.43 -1.75 9.60
CA SER A 163 -34.31 -2.79 9.09
C SER A 163 -33.74 -3.43 7.84
N ALA A 164 -33.16 -2.64 6.94
CA ALA A 164 -32.55 -3.21 5.75
C ALA A 164 -31.34 -4.05 6.11
N GLU A 165 -30.59 -3.66 7.14
CA GLU A 165 -29.49 -4.49 7.61
C GLU A 165 -30.00 -5.83 8.10
N PHE A 166 -31.11 -5.83 8.83
CA PHE A 166 -31.69 -7.10 9.26
C PHE A 166 -32.12 -7.93 8.06
N ALA A 167 -32.69 -7.29 7.04
CA ALA A 167 -33.08 -8.04 5.85
C ALA A 167 -31.87 -8.68 5.18
N ARG A 168 -30.76 -7.97 5.12
CA ARG A 168 -29.56 -8.56 4.52
C ARG A 168 -29.02 -9.70 5.38
N ALA A 169 -29.07 -9.56 6.71
CA ALA A 169 -28.60 -10.66 7.55
C ALA A 169 -29.48 -11.89 7.35
N ILE A 170 -30.79 -11.72 7.24
CA ILE A 170 -31.65 -12.86 6.99
C ILE A 170 -31.36 -13.47 5.63
N VAL A 171 -31.11 -12.65 4.62
CA VAL A 171 -30.77 -13.20 3.31
C VAL A 171 -29.51 -14.05 3.40
N GLU A 172 -28.51 -13.59 4.14
CA GLU A 172 -27.29 -14.38 4.26
C GLU A 172 -27.54 -15.66 5.04
N ILE A 173 -28.40 -15.62 6.06
CA ILE A 173 -28.69 -16.86 6.77
C ILE A 173 -29.44 -17.83 5.87
N LEU A 174 -30.32 -17.32 5.01
CA LEU A 174 -31.00 -18.20 4.07
C LEU A 174 -30.02 -18.82 3.10
N GLU A 175 -29.05 -18.03 2.62
CA GLU A 175 -28.05 -18.58 1.73
C GLU A 175 -27.23 -19.65 2.45
N GLU A 176 -26.91 -19.43 3.72
CA GLU A 176 -26.16 -20.43 4.47
C GLU A 176 -26.97 -21.71 4.67
N VAL A 177 -28.28 -21.58 4.89
CA VAL A 177 -29.12 -22.77 5.00
C VAL A 177 -29.16 -23.52 3.68
N ALA A 178 -29.30 -22.80 2.57
CA ALA A 178 -29.25 -23.47 1.28
C ALA A 178 -27.93 -24.18 1.08
N ARG A 179 -26.83 -23.56 1.53
CA ARG A 179 -25.53 -24.20 1.35
C ARG A 179 -25.38 -25.44 2.23
N LEU A 180 -25.89 -25.39 3.46
CA LEU A 180 -25.86 -26.59 4.30
C LEU A 180 -26.68 -27.70 3.68
N ALA A 181 -27.89 -27.38 3.20
CA ALA A 181 -28.71 -28.41 2.56
C ALA A 181 -28.01 -28.98 1.34
N ILE A 182 -27.32 -28.15 0.56
CA ILE A 182 -26.59 -28.64 -0.60
C ILE A 182 -25.46 -29.57 -0.15
N GLU A 183 -24.75 -29.19 0.91
CA GLU A 183 -23.59 -29.96 1.33
C GLU A 183 -23.99 -31.30 1.93
N PHE A 184 -25.08 -31.36 2.69
CA PHE A 184 -25.47 -32.59 3.35
C PHE A 184 -26.60 -33.31 2.63
N ILE A 185 -26.65 -33.13 1.31
CA ILE A 185 -27.69 -33.76 0.48
C ILE A 185 -27.14 -34.49 -0.74
N GLU A 186 -27.61 -35.71 -0.98
CA GLU A 186 -27.16 -36.52 -2.11
C GLU A 186 -28.15 -36.78 -3.26
N ASP A 187 -29.29 -36.08 -3.30
CA ASP A 187 -30.26 -36.32 -4.37
C ASP A 187 -30.80 -35.08 -5.08
N GLU A 188 -31.27 -35.25 -6.32
CA GLU A 188 -31.81 -34.13 -7.10
C GLU A 188 -33.28 -33.84 -6.89
N LYS A 189 -34.09 -34.88 -6.72
CA LYS A 189 -35.52 -34.69 -6.59
C LYS A 189 -35.80 -33.81 -5.37
N LEU A 190 -35.03 -34.01 -4.32
CA LEU A 190 -35.21 -33.25 -3.08
C LEU A 190 -34.37 -31.99 -3.04
N LEU A 191 -33.19 -32.02 -3.64
CA LEU A 191 -32.30 -30.86 -3.57
C LEU A 191 -32.87 -29.70 -4.36
N ALA A 192 -33.49 -29.98 -5.51
CA ALA A 192 -34.14 -28.91 -6.25
C ALA A 192 -35.37 -28.39 -5.50
N ARG A 193 -36.06 -29.27 -4.76
CA ARG A 193 -37.15 -28.80 -3.92
C ARG A 193 -36.65 -27.82 -2.87
N ILE A 194 -35.53 -28.13 -2.23
CA ILE A 194 -34.96 -27.20 -1.25
C ILE A 194 -34.52 -25.91 -1.93
N ALA A 195 -34.00 -26.01 -3.15
CA ALA A 195 -33.65 -24.78 -3.87
C ALA A 195 -34.87 -23.89 -4.05
N GLN A 196 -35.97 -24.45 -4.55
CA GLN A 196 -37.13 -23.62 -4.78
C GLN A 196 -37.74 -23.11 -3.49
N LEU A 197 -37.61 -23.87 -2.39
CA LEU A 197 -38.14 -23.40 -1.11
C LEU A 197 -37.31 -22.25 -0.55
N ILE A 198 -35.98 -22.36 -0.62
CA ILE A 198 -35.14 -21.25 -0.20
C ILE A 198 -35.42 -20.01 -1.05
N ILE A 199 -35.66 -20.21 -2.35
CA ILE A 199 -35.94 -19.05 -3.19
C ILE A 199 -37.26 -18.42 -2.80
N LYS A 200 -38.28 -19.22 -2.52
CA LYS A 200 -39.52 -18.65 -2.03
C LYS A 200 -39.30 -17.86 -0.76
N ALA A 201 -38.46 -18.38 0.14
CA ALA A 201 -38.20 -17.65 1.38
C ALA A 201 -37.47 -16.34 1.11
N ILE A 202 -36.54 -16.32 0.17
CA ILE A 202 -35.84 -15.06 -0.11
C ILE A 202 -36.78 -14.05 -0.75
N THR A 203 -37.66 -14.49 -1.64
CA THR A 203 -38.65 -13.55 -2.17
C THR A 203 -39.55 -13.04 -1.05
N GLU A 204 -39.89 -13.88 -0.08
CA GLU A 204 -40.70 -13.41 1.03
C GLU A 204 -39.96 -12.37 1.86
N ILE A 205 -38.67 -12.59 2.11
CA ILE A 205 -37.90 -11.62 2.87
C ILE A 205 -37.82 -10.30 2.12
N VAL A 206 -37.56 -10.34 0.82
CA VAL A 206 -37.43 -9.08 0.12
C VAL A 206 -38.78 -8.39 0.00
N ARG A 207 -39.88 -9.15 -0.05
CA ARG A 207 -41.18 -8.49 -0.05
C ARG A 207 -41.44 -7.80 1.28
N ILE A 208 -41.07 -8.44 2.39
CA ILE A 208 -41.25 -7.80 3.69
C ILE A 208 -40.36 -6.56 3.81
N MET A 209 -39.14 -6.62 3.29
CA MET A 209 -38.28 -5.44 3.37
C MET A 209 -38.81 -4.30 2.52
N ALA A 210 -39.31 -4.61 1.32
CA ALA A 210 -39.91 -3.57 0.51
C ALA A 210 -41.16 -3.02 1.15
N GLU A 211 -41.92 -3.86 1.86
CA GLU A 211 -43.09 -3.35 2.57
C GLU A 211 -42.69 -2.42 3.70
N MET A 212 -41.64 -2.75 4.44
CA MET A 212 -41.14 -1.85 5.47
C MET A 212 -40.72 -0.52 4.86
N ALA A 213 -40.02 -0.56 3.72
CA ALA A 213 -39.58 0.68 3.10
C ALA A 213 -40.75 1.49 2.54
N SER A 214 -41.76 0.82 2.00
CA SER A 214 -42.93 1.55 1.52
C SER A 214 -43.70 2.20 2.66
N LEU A 215 -43.80 1.50 3.79
CA LEU A 215 -44.43 2.10 4.95
C LEU A 215 -43.64 3.31 5.45
N ASN A 216 -42.31 3.20 5.44
CA ASN A 216 -41.51 4.33 5.89
C ASN A 216 -41.62 5.52 4.93
N VAL A 217 -41.72 5.26 3.63
CA VAL A 217 -41.93 6.35 2.69
C VAL A 217 -43.29 6.99 2.90
N LYS A 218 -44.32 6.19 3.16
CA LYS A 218 -45.62 6.77 3.46
C LYS A 218 -45.57 7.59 4.73
N ALA A 219 -44.80 7.16 5.72
CA ALA A 219 -44.66 7.97 6.94
C ALA A 219 -43.99 9.30 6.64
N MET A 220 -42.93 9.29 5.83
CA MET A 220 -42.30 10.55 5.45
C MET A 220 -43.26 11.42 4.64
N SER A 221 -44.11 10.80 3.82
CA SER A 221 -45.11 11.53 3.06
C SER A 221 -46.14 12.19 3.97
N GLU A 222 -46.48 11.54 5.09
CA GLU A 222 -47.36 12.17 6.06
C GLU A 222 -46.62 13.12 6.99
N ILE A 223 -45.29 13.09 6.98
CA ILE A 223 -44.52 14.05 7.75
C ILE A 223 -44.41 15.38 7.03
N ILE A 224 -44.13 15.35 5.72
CA ILE A 224 -43.85 16.60 5.00
C ILE A 224 -45.00 17.60 5.05
N LYS A 225 -46.15 17.17 5.56
CA LYS A 225 -47.31 18.03 5.62
C LYS A 225 -47.03 19.29 6.43
N LEU A 226 -46.28 19.15 7.52
CA LEU A 226 -45.99 20.31 8.34
C LEU A 226 -44.48 20.48 8.46
N ALA A 227 -43.88 20.90 7.35
CA ALA A 227 -42.44 21.13 7.26
C ALA A 227 -42.18 22.36 6.38
N ASP A 228 -41.04 23.00 6.59
CA ASP A 228 -40.69 24.19 5.81
C ASP A 228 -40.19 23.80 4.42
N ASP A 229 -40.24 24.71 3.45
CA ASP A 229 -39.89 24.30 2.10
C ASP A 229 -38.61 23.45 2.11
N GLU A 230 -37.54 23.97 2.73
CA GLU A 230 -36.28 23.26 2.76
C GLU A 230 -36.36 21.98 3.58
N THR A 231 -37.08 22.02 4.70
CA THR A 231 -37.23 20.82 5.52
C THR A 231 -38.01 19.75 4.78
N ALA A 232 -39.05 20.14 4.04
CA ALA A 232 -39.77 19.16 3.22
C ALA A 232 -38.87 18.59 2.15
N LYS A 233 -38.02 19.42 1.55
CA LYS A 233 -37.10 18.91 0.53
C LYS A 233 -36.10 17.92 1.14
N LYS A 234 -35.61 18.20 2.35
CA LYS A 234 -34.70 17.25 2.99
C LYS A 234 -35.42 15.95 3.34
N ALA A 235 -36.67 16.04 3.77
CA ALA A 235 -37.45 14.84 4.04
C ALA A 235 -37.61 14.00 2.77
N VAL A 236 -37.93 14.64 1.65
CA VAL A 236 -38.06 13.91 0.39
C VAL A 236 -36.72 13.32 -0.02
N LYS A 237 -35.64 14.06 0.19
CA LYS A 237 -34.32 13.55 -0.15
C LYS A 237 -34.04 12.25 0.58
N ILE A 238 -34.20 12.23 1.90
CA ILE A 238 -33.82 11.00 2.59
C ILE A 238 -34.90 9.93 2.49
N ALA A 239 -36.13 10.28 2.13
CA ALA A 239 -37.07 9.23 1.78
C ALA A 239 -36.66 8.52 0.50
N LEU A 240 -36.22 9.28 -0.50
CA LEU A 240 -35.66 8.61 -1.67
C LEU A 240 -34.39 7.86 -1.33
N GLU A 241 -33.65 8.32 -0.33
CA GLU A 241 -32.48 7.55 0.11
C GLU A 241 -32.89 6.20 0.69
N ILE A 242 -33.94 6.17 1.51
CA ILE A 242 -34.36 4.87 2.05
C ILE A 242 -34.91 3.99 0.94
N LEU A 243 -35.54 4.58 -0.07
CA LEU A 243 -35.96 3.76 -1.20
C LEU A 243 -34.75 3.21 -1.94
N GLU A 244 -33.68 4.00 -2.05
CA GLU A 244 -32.47 3.50 -2.69
C GLU A 244 -31.89 2.32 -1.92
N MET A 245 -31.87 2.40 -0.60
CA MET A 245 -31.28 1.29 0.15
C MET A 245 -32.20 0.06 0.17
N ALA A 246 -33.52 0.26 0.09
CA ALA A 246 -34.39 -0.89 -0.08
C ALA A 246 -34.19 -1.53 -1.45
N MET A 247 -33.95 -0.71 -2.48
CA MET A 247 -33.59 -1.27 -3.77
C MET A 247 -32.29 -2.05 -3.69
N LYS A 248 -31.32 -1.55 -2.93
CA LYS A 248 -30.09 -2.29 -2.77
C LYS A 248 -30.35 -3.63 -2.10
N VAL A 249 -31.25 -3.67 -1.13
CA VAL A 249 -31.58 -4.96 -0.51
C VAL A 249 -32.26 -5.88 -1.51
N ALA A 250 -33.09 -5.33 -2.39
CA ALA A 250 -33.72 -6.18 -3.40
C ALA A 250 -32.68 -6.77 -4.34
N GLU A 251 -31.73 -5.94 -4.78
CA GLU A 251 -30.68 -6.45 -5.66
C GLU A 251 -29.81 -7.48 -4.97
N GLU A 252 -29.50 -7.26 -3.69
CA GLU A 252 -28.68 -8.22 -2.97
C GLU A 252 -29.42 -9.53 -2.73
N ALA A 253 -30.72 -9.45 -2.43
CA ALA A 253 -31.50 -10.67 -2.30
C ALA A 253 -31.53 -11.42 -3.61
N ASN A 254 -31.65 -10.72 -4.73
CA ASN A 254 -31.60 -11.38 -6.02
C ASN A 254 -30.26 -12.08 -6.23
N GLU A 255 -29.16 -11.38 -5.96
CA GLU A 255 -27.86 -11.99 -6.17
C GLU A 255 -27.65 -13.21 -5.28
N ALA A 256 -28.07 -13.15 -4.02
CA ALA A 256 -27.90 -14.30 -3.16
C ALA A 256 -28.80 -15.45 -3.57
N ALA A 257 -30.02 -15.15 -3.98
CA ALA A 257 -30.92 -16.20 -4.45
C ALA A 257 -30.36 -16.87 -5.69
N LEU A 258 -29.79 -16.07 -6.59
CA LEU A 258 -29.22 -16.64 -7.79
C LEU A 258 -27.96 -17.44 -7.50
N ARG A 259 -27.17 -17.01 -6.52
CA ARG A 259 -26.04 -17.83 -6.08
C ARG A 259 -26.54 -19.18 -5.58
N VAL A 260 -27.63 -19.18 -4.82
CA VAL A 260 -28.17 -20.44 -4.32
C VAL A 260 -28.64 -21.32 -5.47
N LEU A 261 -29.31 -20.75 -6.45
CA LEU A 261 -29.78 -21.59 -7.54
C LEU A 261 -28.62 -22.12 -8.39
N GLU A 262 -27.58 -21.32 -8.56
CA GLU A 262 -26.38 -21.80 -9.23
C GLU A 262 -25.73 -22.93 -8.45
N LEU A 263 -25.70 -22.86 -7.13
CA LEU A 263 -25.02 -23.94 -6.40
C LEU A 263 -25.69 -25.31 -6.63
N ALA A 264 -27.02 -25.33 -6.55
CA ALA A 264 -27.76 -26.57 -6.74
C ALA A 264 -27.62 -27.13 -8.15
N VAL A 265 -27.65 -26.24 -9.14
CA VAL A 265 -27.51 -26.64 -10.54
C VAL A 265 -26.14 -27.29 -10.69
N LYS A 266 -25.16 -26.73 -9.99
CA LYS A 266 -23.79 -27.24 -9.97
C LYS A 266 -23.75 -28.63 -9.32
N ALA A 267 -24.57 -28.83 -8.31
CA ALA A 267 -24.68 -30.08 -7.57
C ALA A 267 -25.62 -31.11 -8.22
N GLY A 268 -26.19 -30.77 -9.37
CA GLY A 268 -27.09 -31.67 -10.08
C GLY A 268 -28.58 -31.50 -9.85
N GLY A 269 -28.97 -30.41 -9.20
CA GLY A 269 -30.39 -30.18 -8.95
C GLY A 269 -31.15 -30.07 -10.26
N ASP A 270 -32.34 -30.65 -10.30
CA ASP A 270 -33.19 -30.68 -11.49
C ASP A 270 -33.04 -29.37 -12.25
N VAL A 271 -32.98 -29.46 -13.57
CA VAL A 271 -32.73 -28.27 -14.38
C VAL A 271 -34.01 -27.44 -14.57
N GLU A 272 -35.07 -28.08 -15.04
CA GLU A 272 -36.30 -27.33 -15.30
C GLU A 272 -36.86 -26.73 -14.02
N LEU A 273 -36.71 -27.40 -12.88
CA LEU A 273 -37.21 -26.84 -11.64
C LEU A 273 -36.40 -25.62 -11.22
N ALA A 274 -35.08 -25.66 -11.40
CA ALA A 274 -34.29 -24.46 -11.13
C ALA A 274 -34.67 -23.33 -12.08
N ALA A 275 -35.01 -23.65 -13.32
CA ALA A 275 -35.48 -22.61 -14.22
C ALA A 275 -36.77 -21.99 -13.71
N GLU A 276 -37.71 -22.82 -13.26
CA GLU A 276 -38.95 -22.28 -12.72
C GLU A 276 -38.70 -21.46 -11.47
N ALA A 277 -37.73 -21.86 -10.65
CA ALA A 277 -37.42 -21.09 -9.46
C ALA A 277 -36.85 -19.72 -9.82
N SER A 278 -35.95 -19.66 -10.80
CA SER A 278 -35.43 -18.35 -11.22
C SER A 278 -36.52 -17.49 -11.84
N HIS A 279 -37.44 -18.10 -12.59
CA HIS A 279 -38.54 -17.33 -13.14
C HIS A 279 -39.41 -16.73 -12.04
N GLU A 280 -39.76 -17.54 -11.04
CA GLU A 280 -40.58 -17.04 -9.95
C GLU A 280 -39.83 -15.98 -9.15
N LEU A 281 -38.53 -16.16 -8.95
CA LEU A 281 -37.74 -15.14 -8.28
C LEU A 281 -37.77 -13.83 -9.04
N ALA A 282 -37.54 -13.89 -10.35
CA ALA A 282 -37.59 -12.68 -11.15
C ALA A 282 -38.95 -12.01 -11.06
N LYS A 283 -40.02 -12.81 -11.11
CA LYS A 283 -41.37 -12.25 -11.03
C LYS A 283 -41.59 -11.54 -9.69
N ALA A 284 -41.22 -12.20 -8.59
CA ALA A 284 -41.43 -11.58 -7.29
C ALA A 284 -40.61 -10.30 -7.14
N SER A 285 -39.36 -10.32 -7.58
CA SER A 285 -38.54 -9.13 -7.42
C SER A 285 -39.00 -8.02 -8.36
N LEU A 286 -39.55 -8.34 -9.52
CA LEU A 286 -40.12 -7.30 -10.34
C LEU A 286 -41.35 -6.69 -9.69
N GLU A 287 -42.15 -7.50 -9.00
CA GLU A 287 -43.26 -6.92 -8.25
C GLU A 287 -42.75 -6.03 -7.12
N VAL A 288 -41.64 -6.42 -6.49
CA VAL A 288 -41.05 -5.59 -5.45
C VAL A 288 -40.60 -4.25 -6.00
N LEU A 289 -39.90 -4.27 -7.14
CA LEU A 289 -39.49 -3.00 -7.73
C LEU A 289 -40.69 -2.19 -8.18
N LYS A 290 -41.78 -2.85 -8.58
CA LYS A 290 -42.99 -2.11 -8.91
C LYS A 290 -43.57 -1.42 -7.69
N ILE A 291 -43.63 -2.10 -6.54
CA ILE A 291 -44.18 -1.45 -5.36
C ILE A 291 -43.27 -0.32 -4.89
N MET A 292 -41.97 -0.43 -5.12
CA MET A 292 -41.10 0.69 -4.78
C MET A 292 -41.35 1.88 -5.71
N VAL A 293 -41.59 1.61 -7.00
CA VAL A 293 -42.01 2.69 -7.90
C VAL A 293 -43.27 3.35 -7.37
N GLU A 294 -44.23 2.55 -6.92
CA GLU A 294 -45.47 3.11 -6.40
C GLU A 294 -45.22 3.99 -5.18
N ALA A 295 -44.36 3.53 -4.27
CA ALA A 295 -44.04 4.34 -3.10
C ALA A 295 -43.38 5.65 -3.51
N ALA A 296 -42.45 5.61 -4.46
CA ALA A 296 -41.78 6.84 -4.89
C ALA A 296 -42.78 7.79 -5.56
N GLU A 297 -43.75 7.25 -6.29
CA GLU A 297 -44.73 8.13 -6.93
C GLU A 297 -45.64 8.77 -5.89
N LEU A 298 -46.05 8.02 -4.87
CA LEU A 298 -46.85 8.64 -3.81
C LEU A 298 -46.06 9.72 -3.07
N LEU A 299 -44.79 9.45 -2.79
CA LEU A 299 -43.95 10.46 -2.16
C LEU A 299 -43.84 11.71 -3.02
N ALA A 300 -43.66 11.53 -4.33
CA ALA A 300 -43.56 12.68 -5.23
C ALA A 300 -44.87 13.47 -5.27
N ARG A 301 -46.00 12.77 -5.30
CA ARG A 301 -47.29 13.46 -5.26
C ARG A 301 -47.40 14.32 -4.02
N ALA A 302 -47.12 13.74 -2.86
CA ALA A 302 -47.23 14.51 -1.62
C ALA A 302 -46.25 15.68 -1.59
N ALA A 303 -45.01 15.46 -2.02
CA ALA A 303 -44.03 16.54 -2.06
C ALA A 303 -44.53 17.69 -2.93
N ILE A 304 -44.87 17.40 -4.19
CA ILE A 304 -45.36 18.42 -5.08
C ILE A 304 -46.56 19.15 -4.49
N GLU A 305 -47.45 18.42 -3.82
CA GLU A 305 -48.63 19.07 -3.26
C GLU A 305 -48.37 19.80 -1.96
N VAL A 306 -47.16 19.68 -1.38
CA VAL A 306 -46.84 20.41 -0.16
C VAL A 306 -45.58 21.26 -0.27
N ILE A 307 -44.72 21.05 -1.27
CA ILE A 307 -43.43 21.74 -1.29
C ILE A 307 -43.62 23.24 -1.48
N GLU A 308 -44.58 23.64 -2.33
CA GLU A 308 -45.04 25.02 -2.46
C GLU A 308 -43.88 25.97 -2.84
N ASP A 309 -43.36 25.75 -4.05
CA ASP A 309 -42.32 26.63 -4.57
C ASP A 309 -42.30 26.46 -6.09
N GLU A 310 -41.32 27.11 -6.72
CA GLU A 310 -41.08 27.03 -8.16
C GLU A 310 -39.70 26.42 -8.47
N LYS A 311 -38.81 26.41 -7.48
CA LYS A 311 -37.46 25.87 -7.60
C LYS A 311 -37.30 24.57 -6.83
N LEU A 312 -37.61 24.57 -5.53
CA LEU A 312 -37.52 23.34 -4.76
C LEU A 312 -38.57 22.32 -5.21
N LEU A 313 -39.69 22.79 -5.74
CA LEU A 313 -40.65 21.87 -6.34
C LEU A 313 -40.00 21.03 -7.43
N ALA A 314 -39.40 21.70 -8.42
CA ALA A 314 -38.74 20.97 -9.49
C ALA A 314 -37.54 20.20 -8.98
N GLU A 315 -36.87 20.68 -7.93
CA GLU A 315 -35.75 19.94 -7.38
C GLU A 315 -36.20 18.59 -6.81
N ALA A 316 -37.26 18.61 -6.00
CA ALA A 316 -37.77 17.36 -5.45
C ALA A 316 -38.33 16.46 -6.55
N ALA A 317 -38.98 17.05 -7.56
CA ALA A 317 -39.47 16.26 -8.67
C ALA A 317 -38.33 15.58 -9.42
N GLN A 318 -37.26 16.32 -9.68
CA GLN A 318 -36.09 15.76 -10.35
C GLN A 318 -35.41 14.70 -9.49
N LEU A 319 -35.44 14.86 -8.17
CA LEU A 319 -34.85 13.84 -7.32
C LEU A 319 -35.67 12.55 -7.35
N VAL A 320 -36.99 12.67 -7.32
CA VAL A 320 -37.83 11.48 -7.51
C VAL A 320 -37.56 10.87 -8.89
N ILE A 321 -37.29 11.70 -9.88
CA ILE A 321 -36.97 11.20 -11.21
C ILE A 321 -35.67 10.41 -11.21
N GLU A 322 -34.68 10.87 -10.44
CA GLU A 322 -33.46 10.06 -10.35
C GLU A 322 -33.73 8.75 -9.63
N ALA A 323 -34.59 8.76 -8.61
CA ALA A 323 -34.96 7.50 -7.96
C ALA A 323 -35.65 6.55 -8.93
N ILE A 324 -36.57 7.05 -9.75
CA ILE A 324 -37.24 6.20 -10.73
C ILE A 324 -36.26 5.74 -11.79
N ARG A 325 -35.27 6.56 -12.13
CA ARG A 325 -34.24 6.12 -13.07
C ARG A 325 -33.50 4.92 -12.50
N ARG A 326 -33.13 5.00 -11.22
CA ARG A 326 -32.43 3.88 -10.61
C ARG A 326 -33.33 2.66 -10.50
N LEU A 327 -34.63 2.85 -10.26
CA LEU A 327 -35.55 1.73 -10.25
C LEU A 327 -35.63 1.05 -11.60
N MET A 328 -35.73 1.82 -12.67
CA MET A 328 -35.71 1.24 -14.01
C MET A 328 -34.43 0.47 -14.26
N GLU A 329 -33.29 1.06 -13.90
CA GLU A 329 -32.02 0.40 -14.13
C GLU A 329 -31.91 -0.91 -13.36
N ILE A 330 -32.41 -0.94 -12.12
CA ILE A 330 -32.31 -2.18 -11.35
C ILE A 330 -33.29 -3.23 -11.86
N MET A 331 -34.48 -2.80 -12.30
CA MET A 331 -35.36 -3.73 -12.98
C MET A 331 -34.65 -4.40 -14.15
N ALA A 332 -34.03 -3.59 -14.99
CA ALA A 332 -33.34 -4.11 -16.15
C ALA A 332 -32.20 -5.03 -15.75
N ARG A 333 -31.44 -4.65 -14.73
CA ARG A 333 -30.30 -5.46 -14.33
C ARG A 333 -30.73 -6.81 -13.78
N ILE A 334 -31.79 -6.84 -12.96
CA ILE A 334 -32.24 -8.11 -12.43
C ILE A 334 -32.79 -8.99 -13.55
N ALA A 335 -33.50 -8.38 -14.50
CA ALA A 335 -33.98 -9.17 -15.62
C ALA A 335 -32.83 -9.76 -16.42
N LYS A 336 -31.81 -8.95 -16.71
CA LYS A 336 -30.67 -9.46 -17.45
C LYS A 336 -29.97 -10.57 -16.70
N LEU A 337 -29.79 -10.41 -15.40
CA LEU A 337 -29.06 -11.42 -14.64
C LEU A 337 -29.82 -12.74 -14.59
N ASN A 338 -31.13 -12.69 -14.39
CA ASN A 338 -31.88 -13.93 -14.39
C ASN A 338 -31.95 -14.55 -15.78
N ALA A 339 -32.02 -13.73 -16.83
CA ALA A 339 -31.97 -14.29 -18.18
C ALA A 339 -30.64 -14.97 -18.45
N GLU A 340 -29.55 -14.41 -17.94
CA GLU A 340 -28.25 -15.04 -18.14
C GLU A 340 -28.13 -16.34 -17.36
N PHE A 341 -28.65 -16.38 -16.13
CA PHE A 341 -28.65 -17.65 -15.41
C PHE A 341 -29.45 -18.71 -16.14
N LEU A 342 -30.65 -18.35 -16.60
CA LEU A 342 -31.41 -19.32 -17.37
C LEU A 342 -30.67 -19.73 -18.63
N ALA A 343 -29.88 -18.83 -19.21
CA ALA A 343 -29.11 -19.20 -20.40
C ALA A 343 -28.05 -20.24 -20.07
N ARG A 344 -27.34 -20.08 -18.95
CA ARG A 344 -26.37 -21.10 -18.55
C ARG A 344 -27.05 -22.43 -18.28
N VAL A 345 -28.14 -22.40 -17.52
CA VAL A 345 -28.85 -23.64 -17.19
C VAL A 345 -29.43 -24.27 -18.44
N MET A 346 -29.82 -23.47 -19.44
CA MET A 346 -30.19 -24.01 -20.73
C MET A 346 -29.00 -24.71 -21.39
N LYS A 347 -27.86 -24.03 -21.42
CA LYS A 347 -26.63 -24.63 -21.90
C LYS A 347 -26.40 -26.01 -21.32
N LEU A 348 -26.85 -26.23 -20.09
CA LEU A 348 -26.68 -27.55 -19.49
C LEU A 348 -27.88 -28.48 -19.67
N ALA A 349 -29.00 -28.01 -20.22
CA ALA A 349 -30.25 -28.71 -19.89
C ALA A 349 -30.60 -29.96 -20.70
N ASP A 350 -31.06 -29.80 -21.94
CA ASP A 350 -31.75 -30.92 -22.59
C ASP A 350 -32.20 -30.53 -24.00
N GLU A 351 -32.89 -31.44 -24.67
CA GLU A 351 -33.49 -31.16 -25.98
C GLU A 351 -34.72 -30.27 -25.86
N GLU A 352 -35.61 -30.56 -24.91
CA GLU A 352 -36.88 -29.85 -24.82
C GLU A 352 -37.01 -28.93 -23.63
N THR A 353 -36.42 -29.26 -22.48
CA THR A 353 -36.39 -28.28 -21.41
C THR A 353 -35.65 -27.03 -21.84
N ALA A 354 -34.76 -27.13 -22.83
CA ALA A 354 -34.12 -25.94 -23.37
C ALA A 354 -35.13 -25.03 -24.04
N GLU A 355 -36.04 -25.57 -24.85
CA GLU A 355 -37.07 -24.72 -25.44
C GLU A 355 -38.01 -24.20 -24.38
N ARG A 356 -38.27 -24.99 -23.34
CA ARG A 356 -39.07 -24.47 -22.24
C ARG A 356 -38.37 -23.30 -21.55
N VAL A 357 -37.05 -23.40 -21.38
CA VAL A 357 -36.29 -22.31 -20.78
C VAL A 357 -36.26 -21.09 -21.70
N LEU A 358 -36.20 -21.30 -23.00
CA LEU A 358 -36.27 -20.14 -23.89
C LEU A 358 -37.62 -19.45 -23.80
N GLU A 359 -38.69 -20.22 -23.74
CA GLU A 359 -40.01 -19.63 -23.55
C GLU A 359 -40.13 -18.90 -22.22
N ILE A 360 -39.57 -19.48 -21.16
CA ILE A 360 -39.63 -18.82 -19.85
C ILE A 360 -38.82 -17.52 -19.87
N ILE A 361 -37.68 -17.51 -20.56
CA ILE A 361 -36.90 -16.27 -20.65
C ILE A 361 -37.68 -15.22 -21.41
N THR A 362 -38.34 -15.61 -22.50
CA THR A 362 -39.18 -14.66 -23.20
C THR A 362 -40.25 -14.10 -22.27
N GLU A 363 -40.81 -14.96 -21.42
CA GLU A 363 -41.80 -14.48 -20.45
C GLU A 363 -41.20 -13.48 -19.49
N ILE A 364 -40.01 -13.77 -18.96
CA ILE A 364 -39.39 -12.85 -18.00
C ILE A 364 -39.07 -11.52 -18.63
N LEU A 365 -38.60 -11.54 -19.87
CA LEU A 365 -38.27 -10.27 -20.53
C LEU A 365 -39.51 -9.50 -20.91
N ARG A 366 -40.59 -10.18 -21.29
CA ARG A 366 -41.84 -9.46 -21.50
C ARG A 366 -42.31 -8.82 -20.20
N GLN A 367 -42.21 -9.54 -19.09
CA GLN A 367 -42.62 -8.96 -17.80
C GLN A 367 -41.74 -7.77 -17.44
N ALA A 368 -40.43 -7.87 -17.67
CA ALA A 368 -39.55 -6.76 -17.35
C ALA A 368 -39.80 -5.56 -18.23
N SER A 369 -40.08 -5.77 -19.51
CA SER A 369 -40.42 -4.65 -20.37
C SER A 369 -41.72 -4.00 -19.94
N GLU A 370 -42.71 -4.82 -19.55
CA GLU A 370 -43.97 -4.24 -19.09
C GLU A 370 -43.77 -3.41 -17.84
N LEU A 371 -42.94 -3.88 -16.91
CA LEU A 371 -42.74 -3.11 -15.68
C LEU A 371 -41.87 -1.88 -15.92
N ALA A 372 -40.94 -1.95 -16.88
CA ALA A 372 -40.22 -0.73 -17.23
C ALA A 372 -41.15 0.30 -17.85
N GLU A 373 -42.10 -0.15 -18.68
CA GLU A 373 -43.07 0.78 -19.23
C GLU A 373 -43.96 1.37 -18.15
N GLU A 374 -44.34 0.55 -17.17
CA GLU A 374 -45.12 1.09 -16.06
C GLU A 374 -44.32 2.08 -15.25
N ALA A 375 -43.00 1.85 -15.11
CA ALA A 375 -42.15 2.84 -14.45
C ALA A 375 -42.10 4.14 -15.25
N ASN A 376 -42.09 4.03 -16.58
CA ASN A 376 -42.10 5.24 -17.39
C ASN A 376 -43.41 5.99 -17.24
N LYS A 377 -44.52 5.27 -17.15
CA LYS A 377 -45.79 5.93 -16.90
C LYS A 377 -45.79 6.62 -15.54
N ALA A 378 -45.17 5.98 -14.55
CA ALA A 378 -45.08 6.61 -13.23
C ALA A 378 -44.29 7.91 -13.30
N ALA A 379 -43.14 7.88 -13.97
CA ALA A 379 -42.33 9.09 -14.07
C ALA A 379 -43.04 10.17 -14.87
N GLU A 380 -43.77 9.78 -15.92
CA GLU A 380 -44.53 10.77 -16.68
C GLU A 380 -45.63 11.38 -15.83
N ARG A 381 -46.29 10.58 -15.00
CA ARG A 381 -47.30 11.13 -14.10
C ARG A 381 -46.66 12.11 -13.12
N VAL A 382 -45.48 11.78 -12.61
CA VAL A 382 -44.81 12.68 -11.69
C VAL A 382 -44.44 13.99 -12.39
N LEU A 383 -43.95 13.90 -13.62
CA LEU A 383 -43.57 15.12 -14.33
C LEU A 383 -44.79 15.94 -14.71
N ASP A 384 -45.94 15.31 -14.96
CA ASP A 384 -47.14 16.09 -15.22
C ASP A 384 -47.65 16.75 -13.95
N LEU A 385 -47.56 16.07 -12.82
CA LEU A 385 -47.91 16.71 -11.55
C LEU A 385 -46.93 17.80 -11.17
N ALA A 386 -45.71 17.76 -11.70
CA ALA A 386 -44.80 18.89 -11.50
C ALA A 386 -45.07 20.02 -12.47
N ARG A 387 -45.56 19.71 -13.68
CA ARG A 387 -45.94 20.74 -14.62
C ARG A 387 -47.16 21.50 -14.14
N LYS A 388 -48.18 20.78 -13.67
CA LYS A 388 -49.41 21.43 -13.24
C LYS A 388 -49.21 22.24 -11.97
N ALA A 389 -48.24 21.88 -11.14
CA ALA A 389 -47.95 22.63 -9.94
C ALA A 389 -46.99 23.79 -10.19
N GLY A 390 -46.57 23.99 -11.44
CA GLY A 390 -45.76 25.14 -11.78
C GLY A 390 -44.36 25.11 -11.20
N GLY A 391 -43.55 24.16 -11.68
CA GLY A 391 -42.16 24.09 -11.28
C GLY A 391 -41.22 24.67 -12.31
N ASP A 392 -39.94 24.61 -12.00
CA ASP A 392 -38.92 25.05 -12.94
C ASP A 392 -39.04 24.26 -14.24
N GLU A 393 -38.72 24.93 -15.35
CA GLU A 393 -38.87 24.29 -16.66
C GLU A 393 -37.61 23.55 -17.09
N GLU A 394 -36.44 24.11 -16.81
CA GLU A 394 -35.20 23.41 -17.16
C GLU A 394 -35.10 22.08 -16.43
N LEU A 395 -35.45 22.06 -15.14
CA LEU A 395 -35.38 20.81 -14.39
C LEU A 395 -36.35 19.78 -14.96
N VAL A 396 -37.55 20.21 -15.34
CA VAL A 396 -38.52 19.28 -15.89
C VAL A 396 -38.06 18.74 -17.23
N HIS A 397 -37.47 19.60 -18.07
CA HIS A 397 -36.94 19.12 -19.35
C HIS A 397 -35.81 18.13 -19.13
N THR A 398 -34.93 18.41 -18.17
CA THR A 398 -33.85 17.48 -17.89
C THR A 398 -34.38 16.15 -17.37
N ALA A 399 -35.45 16.18 -16.56
CA ALA A 399 -36.04 14.94 -16.09
C ALA A 399 -36.65 14.14 -17.23
N SER A 400 -37.36 14.81 -18.13
CA SER A 400 -37.92 14.09 -19.28
C SER A 400 -36.83 13.49 -20.15
N SER A 401 -35.73 14.24 -20.34
CA SER A 401 -34.61 13.71 -21.10
C SER A 401 -34.00 12.50 -20.41
N LEU A 402 -33.88 12.56 -19.08
CA LEU A 402 -33.32 11.44 -18.35
C LEU A 402 -34.21 10.21 -18.47
N LEU A 403 -35.53 10.39 -18.47
CA LEU A 403 -36.40 9.22 -18.64
C LEU A 403 -36.35 8.67 -20.06
N ILE A 404 -36.25 9.52 -21.07
CA ILE A 404 -36.07 8.97 -22.41
C ILE A 404 -34.77 8.18 -22.48
N LYS A 405 -33.69 8.72 -21.93
CA LYS A 405 -32.43 7.98 -21.93
C LYS A 405 -32.54 6.67 -21.15
N ALA A 406 -33.22 6.67 -20.01
CA ALA A 406 -33.31 5.46 -19.21
C ALA A 406 -34.20 4.40 -19.86
N SER A 407 -35.31 4.82 -20.45
CA SER A 407 -36.14 3.87 -21.18
C SER A 407 -35.40 3.27 -22.35
N ALA A 408 -34.61 4.09 -23.05
CA ALA A 408 -33.78 3.55 -24.12
C ALA A 408 -32.77 2.56 -23.56
N GLU A 409 -32.19 2.86 -22.41
CA GLU A 409 -31.23 1.93 -21.81
C GLU A 409 -31.89 0.60 -21.46
N VAL A 410 -33.10 0.64 -20.92
CA VAL A 410 -33.79 -0.61 -20.59
C VAL A 410 -34.10 -1.39 -21.86
N LEU A 411 -34.53 -0.70 -22.92
CA LEU A 411 -34.74 -1.41 -24.18
C LEU A 411 -33.46 -2.07 -24.65
N ARG A 412 -32.34 -1.36 -24.58
CA ARG A 412 -31.07 -1.94 -24.98
C ARG A 412 -30.73 -3.19 -24.19
N ILE A 413 -30.82 -3.11 -22.86
CA ILE A 413 -30.41 -4.23 -22.03
C ILE A 413 -31.35 -5.42 -22.21
N LEU A 414 -32.65 -5.20 -22.24
CA LEU A 414 -33.57 -6.33 -22.40
C LEU A 414 -33.40 -6.97 -23.78
N PHE A 415 -33.14 -6.16 -24.80
CA PHE A 415 -32.88 -6.76 -26.10
C PHE A 415 -31.61 -7.58 -26.07
N GLU A 416 -30.56 -7.08 -25.42
CA GLU A 416 -29.35 -7.88 -25.31
C GLU A 416 -29.62 -9.21 -24.61
N ALA A 417 -30.46 -9.19 -23.57
CA ALA A 417 -30.78 -10.43 -22.88
C ALA A 417 -31.54 -11.39 -23.78
N ALA A 418 -32.50 -10.89 -24.54
CA ALA A 418 -33.25 -11.77 -25.43
C ALA A 418 -32.34 -12.37 -26.50
N VAL A 419 -31.42 -11.57 -27.03
CA VAL A 419 -30.49 -12.09 -28.03
C VAL A 419 -29.59 -13.14 -27.40
N HIS A 420 -29.16 -12.91 -26.16
CA HIS A 420 -28.34 -13.91 -25.49
C HIS A 420 -29.10 -15.21 -25.29
N ALA A 421 -30.40 -15.11 -24.98
CA ALA A 421 -31.21 -16.31 -24.87
C ALA A 421 -31.29 -17.05 -26.20
N ILE A 422 -31.47 -16.32 -27.29
CA ILE A 422 -31.55 -16.98 -28.60
C ILE A 422 -30.22 -17.65 -28.94
N LEU A 423 -29.11 -16.97 -28.66
CA LEU A 423 -27.81 -17.59 -28.91
C LEU A 423 -27.64 -18.85 -28.08
N ALA A 424 -28.01 -18.81 -26.81
CA ALA A 424 -27.83 -19.99 -25.98
C ALA A 424 -28.71 -21.14 -26.45
N PHE A 425 -29.93 -20.85 -26.88
CA PHE A 425 -30.78 -21.92 -27.37
C PHE A 425 -30.24 -22.52 -28.65
N ASN A 426 -29.70 -21.69 -29.54
CA ASN A 426 -29.09 -22.24 -30.74
C ASN A 426 -27.88 -23.10 -30.40
N GLU A 427 -27.06 -22.65 -29.44
CA GLU A 427 -25.92 -23.45 -29.03
C GLU A 427 -26.36 -24.77 -28.42
N VAL A 428 -27.50 -24.78 -27.73
CA VAL A 428 -27.99 -26.04 -27.18
C VAL A 428 -28.48 -26.95 -28.28
N LEU A 429 -29.16 -26.40 -29.29
CA LEU A 429 -29.54 -27.23 -30.44
C LEU A 429 -28.32 -27.86 -31.09
N TYR A 430 -27.25 -27.08 -31.25
CA TYR A 430 -26.04 -27.61 -31.84
C TYR A 430 -25.40 -28.66 -30.95
N ARG A 431 -25.36 -28.43 -29.64
CA ARG A 431 -24.78 -29.40 -28.72
C ARG A 431 -25.56 -30.70 -28.75
N LEU A 432 -26.89 -30.60 -28.83
CA LEU A 432 -27.72 -31.80 -28.94
C LEU A 432 -27.43 -32.55 -30.24
N LEU A 433 -27.32 -31.84 -31.35
CA LEU A 433 -27.04 -32.52 -32.61
C LEU A 433 -25.67 -33.17 -32.61
N LYS A 434 -24.69 -32.53 -31.96
CA LYS A 434 -23.36 -33.13 -31.89
C LYS A 434 -23.36 -34.35 -30.96
N GLU A 435 -24.12 -34.29 -29.88
CA GLU A 435 -24.19 -35.42 -28.97
C GLU A 435 -24.92 -36.59 -29.59
N ALA A 436 -25.94 -36.32 -30.41
CA ALA A 436 -26.74 -37.36 -31.03
C ALA A 436 -26.06 -37.98 -32.24
N GLY A 437 -24.77 -37.74 -32.42
CA GLY A 437 -23.99 -38.40 -33.47
C GLY A 437 -24.48 -38.15 -34.89
N ALA A 438 -24.63 -36.88 -35.26
CA ALA A 438 -25.00 -36.56 -36.62
C ALA A 438 -23.76 -36.54 -37.50
N ASP A 439 -23.96 -36.26 -38.79
CA ASP A 439 -22.87 -36.26 -39.75
C ASP A 439 -21.93 -35.07 -39.49
N GLU A 440 -20.75 -35.13 -40.11
CA GLU A 440 -19.79 -34.06 -39.91
C GLU A 440 -20.08 -32.87 -40.82
N GLU A 441 -20.34 -33.12 -42.10
CA GLU A 441 -20.75 -32.04 -43.00
C GLU A 441 -22.05 -31.41 -42.54
N PHE A 442 -22.98 -32.22 -42.04
CA PHE A 442 -24.24 -31.70 -41.53
C PHE A 442 -24.01 -30.79 -40.32
N LEU A 443 -23.17 -31.22 -39.40
CA LEU A 443 -22.85 -30.40 -38.23
C LEU A 443 -22.09 -29.15 -38.64
N LYS A 444 -21.29 -29.22 -39.69
CA LYS A 444 -20.63 -28.01 -40.18
C LYS A 444 -21.64 -27.03 -40.73
N GLU A 445 -22.64 -27.52 -41.47
CA GLU A 445 -23.69 -26.63 -41.95
C GLU A 445 -24.46 -26.01 -40.80
N ILE A 446 -24.73 -26.78 -39.75
CA ILE A 446 -25.44 -26.24 -38.60
C ILE A 446 -24.58 -25.21 -37.87
N GLU A 447 -23.29 -25.47 -37.72
CA GLU A 447 -22.47 -24.49 -37.02
C GLU A 447 -22.27 -23.23 -37.86
N ILE A 448 -22.28 -23.33 -39.19
CA ILE A 448 -22.19 -22.10 -39.96
C ILE A 448 -23.51 -21.34 -39.95
N LYS A 449 -24.65 -22.02 -39.91
CA LYS A 449 -25.89 -21.28 -39.75
C LYS A 449 -25.99 -20.63 -38.38
N LEU A 450 -25.43 -21.27 -37.35
CA LEU A 450 -25.38 -20.62 -36.05
C LEU A 450 -24.42 -19.44 -36.05
N ALA A 451 -23.33 -19.53 -36.81
CA ALA A 451 -22.48 -18.37 -36.98
C ALA A 451 -23.24 -17.24 -37.67
N GLU A 452 -24.10 -17.59 -38.63
CA GLU A 452 -24.99 -16.60 -39.23
C GLU A 452 -25.86 -15.93 -38.19
N ILE A 453 -26.48 -16.75 -37.33
CA ILE A 453 -27.30 -16.20 -36.26
C ILE A 453 -26.50 -15.21 -35.44
N GLU A 454 -25.27 -15.58 -35.07
CA GLU A 454 -24.48 -14.70 -34.22
C GLU A 454 -24.05 -13.43 -34.96
N MET A 455 -23.69 -13.54 -36.25
CA MET A 455 -23.35 -12.35 -37.02
C MET A 455 -24.51 -11.37 -37.07
N LYS A 456 -25.68 -11.86 -37.49
CA LYS A 456 -26.82 -10.95 -37.59
C LYS A 456 -27.25 -10.46 -36.22
N ALA A 457 -27.01 -11.22 -35.16
CA ALA A 457 -27.31 -10.74 -33.82
C ALA A 457 -26.38 -9.60 -33.43
N LEU A 458 -25.09 -9.74 -33.70
CA LEU A 458 -24.17 -8.64 -33.43
C LEU A 458 -24.54 -7.39 -34.22
N VAL A 459 -24.90 -7.58 -35.48
CA VAL A 459 -25.30 -6.43 -36.30
C VAL A 459 -26.56 -5.79 -35.73
N ALA A 460 -27.52 -6.60 -35.31
CA ALA A 460 -28.74 -6.05 -34.71
C ALA A 460 -28.41 -5.29 -33.44
N LYS A 461 -27.52 -5.82 -32.63
CA LYS A 461 -27.16 -5.13 -31.39
C LYS A 461 -26.55 -3.78 -31.68
N ASN A 462 -25.64 -3.71 -32.65
CA ASN A 462 -25.00 -2.43 -32.92
C ASN A 462 -25.95 -1.47 -33.65
N LYS A 463 -26.94 -1.99 -34.38
CA LYS A 463 -27.95 -1.11 -34.97
C LYS A 463 -28.82 -0.50 -33.89
N LEU A 464 -29.22 -1.30 -32.92
CA LEU A 464 -29.91 -0.77 -31.76
C LEU A 464 -29.07 0.28 -31.06
N GLU A 465 -27.78 0.02 -30.91
CA GLU A 465 -26.90 0.99 -30.26
C GLU A 465 -26.82 2.29 -31.07
N SER A 466 -26.78 2.20 -32.40
CA SER A 466 -26.73 3.41 -33.21
C SER A 466 -28.01 4.23 -33.09
N ILE A 467 -29.16 3.57 -33.15
CA ILE A 467 -30.41 4.33 -33.05
C ILE A 467 -30.53 4.94 -31.66
N LEU A 468 -30.13 4.20 -30.63
CA LEU A 468 -30.11 4.76 -29.29
C LEU A 468 -29.17 5.97 -29.23
N SER A 469 -28.04 5.90 -29.93
CA SER A 469 -27.12 7.03 -29.97
C SER A 469 -27.77 8.25 -30.60
N ALA A 470 -28.51 8.05 -31.68
CA ALA A 470 -29.19 9.19 -32.31
C ALA A 470 -30.22 9.80 -31.38
N ILE A 471 -31.00 8.96 -30.69
CA ILE A 471 -31.97 9.49 -29.73
C ILE A 471 -31.27 10.26 -28.63
N ASP A 472 -30.17 9.74 -28.09
CA ASP A 472 -29.49 10.45 -27.03
C ASP A 472 -28.88 11.75 -27.53
N MET A 473 -28.41 11.78 -28.78
CA MET A 473 -27.93 13.02 -29.37
C MET A 473 -29.02 14.07 -29.39
N LYS A 474 -30.18 13.72 -29.99
CA LYS A 474 -31.30 14.65 -30.02
C LYS A 474 -31.73 15.06 -28.61
N ALA A 475 -31.60 14.16 -27.63
CA ALA A 475 -32.03 14.47 -26.29
C ALA A 475 -31.11 15.50 -25.63
N LYS A 476 -29.81 15.22 -25.61
CA LYS A 476 -28.88 16.17 -25.03
C LYS A 476 -28.92 17.50 -25.75
N ARG A 477 -29.23 17.49 -27.04
CA ARG A 477 -29.43 18.76 -27.73
C ARG A 477 -30.66 19.50 -27.24
N GLY A 478 -31.62 18.79 -26.63
CA GLY A 478 -32.77 19.45 -26.06
C GLY A 478 -34.01 19.37 -26.92
N ALA A 479 -34.27 18.21 -27.50
CA ALA A 479 -35.42 18.07 -28.38
C ALA A 479 -36.72 18.06 -27.58
N SER A 480 -37.82 18.21 -28.30
CA SER A 480 -39.12 18.19 -27.68
C SER A 480 -39.51 16.78 -27.26
N GLU A 481 -40.37 16.69 -26.24
CA GLU A 481 -40.64 15.41 -25.63
C GLU A 481 -41.51 14.53 -26.51
N GLU A 482 -42.45 15.15 -27.24
CA GLU A 482 -43.31 14.43 -28.15
C GLU A 482 -42.43 13.82 -29.25
N GLU A 483 -41.44 14.60 -29.69
CA GLU A 483 -40.51 14.15 -30.72
C GLU A 483 -39.72 12.93 -30.24
N LEU A 484 -39.19 12.99 -29.02
CA LEU A 484 -38.45 11.84 -28.51
C LEU A 484 -39.35 10.64 -28.25
N LYS A 485 -40.61 10.87 -27.88
CA LYS A 485 -41.52 9.75 -27.73
C LYS A 485 -41.73 9.04 -29.06
N GLU A 486 -41.90 9.80 -30.14
CA GLU A 486 -42.03 9.17 -31.45
C GLU A 486 -40.75 8.47 -31.86
N LEU A 487 -39.59 9.07 -31.58
CA LEU A 487 -38.34 8.42 -31.92
C LEU A 487 -38.13 7.13 -31.11
N LEU A 488 -38.59 7.13 -29.87
CA LEU A 488 -38.48 5.93 -29.05
C LEU A 488 -39.45 4.86 -29.52
N ARG A 489 -40.64 5.26 -29.97
CA ARG A 489 -41.55 4.33 -30.62
C ARG A 489 -40.88 3.69 -31.82
N GLU A 490 -40.15 4.47 -32.60
CA GLU A 490 -39.45 3.92 -33.74
C GLU A 490 -38.36 2.93 -33.31
N LEU A 491 -37.59 3.28 -32.28
CA LEU A 491 -36.56 2.36 -31.80
C LEU A 491 -37.17 1.06 -31.31
N LYS A 492 -38.32 1.14 -30.62
CA LYS A 492 -38.98 -0.06 -30.14
C LYS A 492 -39.48 -0.91 -31.30
N LYS A 493 -40.06 -0.28 -32.31
CA LYS A 493 -40.45 -1.02 -33.50
C LYS A 493 -39.26 -1.73 -34.11
N THR A 494 -38.13 -1.04 -34.21
CA THR A 494 -36.94 -1.63 -34.81
C THR A 494 -36.44 -2.81 -34.00
N VAL A 495 -36.38 -2.67 -32.68
CA VAL A 495 -35.86 -3.77 -31.85
C VAL A 495 -36.79 -4.97 -31.90
N GLU A 496 -38.10 -4.74 -31.89
CA GLU A 496 -39.01 -5.87 -31.97
C GLU A 496 -38.92 -6.55 -33.33
N ASP A 497 -38.81 -5.76 -34.40
CA ASP A 497 -38.64 -6.34 -35.72
C ASP A 497 -37.37 -7.18 -35.80
N MET A 498 -36.28 -6.68 -35.22
CA MET A 498 -35.02 -7.42 -35.31
C MET A 498 -35.07 -8.69 -34.46
N LEU A 499 -35.70 -8.63 -33.30
CA LEU A 499 -35.88 -9.85 -32.51
C LEU A 499 -36.73 -10.87 -33.27
N ARG A 500 -37.81 -10.41 -33.89
CA ARG A 500 -38.65 -11.34 -34.65
C ARG A 500 -37.87 -11.94 -35.80
N GLU A 501 -37.07 -11.14 -36.50
CA GLU A 501 -36.28 -11.67 -37.61
C GLU A 501 -35.24 -12.66 -37.12
N LEU A 502 -34.56 -12.35 -36.01
CA LEU A 502 -33.54 -13.25 -35.50
C LEU A 502 -34.15 -14.56 -35.03
N GLU A 503 -35.33 -14.49 -34.39
CA GLU A 503 -36.02 -15.71 -34.00
C GLU A 503 -36.44 -16.52 -35.23
N ARG A 504 -36.91 -15.85 -36.27
CA ARG A 504 -37.28 -16.56 -37.49
C ARG A 504 -36.06 -17.24 -38.13
N LEU A 505 -34.93 -16.55 -38.14
CA LEU A 505 -33.72 -17.13 -38.70
C LEU A 505 -33.25 -18.33 -37.88
N SER A 506 -33.34 -18.23 -36.55
CA SER A 506 -32.98 -19.37 -35.71
C SER A 506 -33.93 -20.54 -35.93
N GLU A 507 -35.22 -20.25 -36.09
CA GLU A 507 -36.17 -21.33 -36.32
C GLU A 507 -35.95 -21.99 -37.67
N GLU A 508 -35.58 -21.20 -38.68
CA GLU A 508 -35.23 -21.79 -39.96
C GLU A 508 -33.95 -22.62 -39.87
N SER A 509 -33.01 -22.21 -39.04
CA SER A 509 -31.83 -23.04 -38.76
C SER A 509 -32.25 -24.37 -38.15
N ARG A 510 -33.14 -24.32 -37.15
CA ARG A 510 -33.61 -25.54 -36.51
C ARG A 510 -34.37 -26.43 -37.48
N ARG A 511 -35.10 -25.83 -38.42
CA ARG A 511 -35.80 -26.62 -39.42
C ARG A 511 -34.83 -27.27 -40.40
N ILE A 512 -33.81 -26.53 -40.83
CA ILE A 512 -32.75 -27.12 -41.64
C ILE A 512 -32.10 -28.28 -40.90
N ALA A 513 -31.95 -28.14 -39.59
CA ALA A 513 -31.42 -29.25 -38.78
C ALA A 513 -32.34 -30.46 -38.86
N GLU A 514 -33.57 -30.33 -38.37
CA GLU A 514 -34.50 -31.46 -38.39
C GLU A 514 -35.59 -31.28 -39.43
N SER B 15 -16.10 -23.82 -45.99
CA SER B 15 -14.91 -22.99 -46.12
C SER B 15 -15.27 -21.63 -46.71
N GLU B 16 -15.46 -21.58 -48.03
CA GLU B 16 -15.79 -20.32 -48.68
C GLU B 16 -17.10 -19.73 -48.18
N LYS B 17 -18.00 -20.59 -47.68
CA LYS B 17 -19.28 -20.09 -47.19
C LYS B 17 -19.10 -19.25 -45.93
N ALA B 18 -18.15 -19.64 -45.07
CA ALA B 18 -17.84 -18.79 -43.92
C ALA B 18 -17.24 -17.47 -44.36
N LEU B 19 -16.40 -17.48 -45.40
CA LEU B 19 -15.89 -16.22 -45.91
C LEU B 19 -17.03 -15.35 -46.42
N GLU B 20 -18.00 -15.93 -47.11
CA GLU B 20 -19.12 -15.12 -47.58
C GLU B 20 -20.01 -14.62 -46.45
N ILE B 21 -20.17 -15.41 -45.38
CA ILE B 21 -20.98 -14.94 -44.26
C ILE B 21 -20.29 -13.77 -43.56
N LEU B 22 -18.97 -13.83 -43.41
CA LEU B 22 -18.25 -12.72 -42.80
C LEU B 22 -18.27 -11.52 -43.73
N ARG B 23 -18.21 -11.76 -45.05
CA ARG B 23 -18.32 -10.65 -45.98
C ARG B 23 -19.65 -9.95 -45.84
N GLU B 24 -20.73 -10.71 -45.66
CA GLU B 24 -22.03 -10.09 -45.49
C GLU B 24 -22.11 -9.31 -44.19
N ALA B 25 -21.59 -9.88 -43.10
CA ALA B 25 -21.62 -9.15 -41.83
C ALA B 25 -20.78 -7.87 -41.90
N LEU B 26 -19.63 -7.92 -42.55
CA LEU B 26 -18.80 -6.73 -42.67
C LEU B 26 -19.44 -5.71 -43.60
N LYS B 27 -20.16 -6.16 -44.63
CA LYS B 27 -20.90 -5.21 -45.45
C LYS B 27 -21.98 -4.51 -44.64
N GLU B 28 -22.71 -5.26 -43.81
CA GLU B 28 -23.72 -4.63 -42.99
C GLU B 28 -23.12 -3.69 -41.96
N LEU B 29 -21.94 -4.02 -41.43
CA LEU B 29 -21.31 -3.11 -40.47
C LEU B 29 -20.78 -1.86 -41.16
N GLU B 30 -20.27 -1.99 -42.37
CA GLU B 30 -19.91 -0.80 -43.14
C GLU B 30 -21.14 0.05 -43.40
N ASP B 31 -22.28 -0.58 -43.67
CA ASP B 31 -23.49 0.18 -43.93
C ASP B 31 -23.95 0.92 -42.68
N ILE B 32 -23.95 0.24 -41.54
CA ILE B 32 -24.37 0.92 -40.32
C ILE B 32 -23.39 2.03 -39.95
N ALA B 33 -22.11 1.87 -40.25
CA ALA B 33 -21.17 2.96 -40.00
C ALA B 33 -21.49 4.15 -40.87
N LYS B 34 -21.77 3.91 -42.14
CA LYS B 34 -22.15 5.01 -43.03
C LYS B 34 -23.42 5.69 -42.53
N GLU B 35 -24.40 4.90 -42.10
CA GLU B 35 -25.63 5.48 -41.59
C GLU B 35 -25.40 6.27 -40.32
N GLN B 36 -24.46 5.84 -39.48
CA GLN B 36 -24.15 6.60 -38.28
C GLN B 36 -23.47 7.91 -38.62
N ARG B 37 -22.61 7.91 -39.63
CA ARG B 37 -22.04 9.19 -40.09
C ARG B 37 -23.14 10.10 -40.60
N LYS B 38 -24.13 9.55 -41.31
CA LYS B 38 -25.22 10.40 -41.76
C LYS B 38 -26.04 10.93 -40.59
N ILE B 39 -26.22 10.12 -39.56
CA ILE B 39 -26.92 10.59 -38.36
C ILE B 39 -26.15 11.73 -37.70
N LEU B 40 -24.84 11.60 -37.62
CA LEU B 40 -24.05 12.70 -37.07
C LEU B 40 -24.20 13.96 -37.90
N LYS B 41 -24.14 13.82 -39.23
CA LYS B 41 -24.30 15.00 -40.08
C LYS B 41 -25.67 15.64 -39.89
N ASP B 42 -26.70 14.82 -39.74
CA ASP B 42 -28.05 15.35 -39.51
C ASP B 42 -28.11 16.12 -38.20
N ALA B 43 -27.57 15.53 -37.13
CA ALA B 43 -27.64 16.22 -35.84
C ALA B 43 -26.80 17.48 -35.85
N LEU B 44 -25.63 17.46 -36.50
CA LEU B 44 -24.82 18.66 -36.58
C LEU B 44 -25.53 19.73 -37.40
N ASP B 45 -26.22 19.33 -38.47
CA ASP B 45 -26.99 20.29 -39.24
C ASP B 45 -28.09 20.92 -38.41
N GLU B 46 -28.79 20.12 -37.62
CA GLU B 46 -29.82 20.66 -36.74
C GLU B 46 -29.22 21.64 -35.73
N LEU B 47 -28.07 21.29 -35.16
CA LEU B 47 -27.41 22.19 -34.21
C LEU B 47 -27.01 23.49 -34.87
N ARG B 48 -26.45 23.42 -36.07
CA ARG B 48 -26.03 24.62 -36.78
C ARG B 48 -27.23 25.49 -37.14
N GLU B 49 -28.36 24.87 -37.49
CA GLU B 49 -29.54 25.65 -37.77
C GLU B 49 -30.06 26.35 -36.52
N GLU B 50 -30.03 25.66 -35.39
CA GLU B 50 -30.42 26.33 -34.14
C GLU B 50 -29.51 27.51 -33.86
N ALA B 51 -28.20 27.33 -34.05
CA ALA B 51 -27.27 28.43 -33.80
C ALA B 51 -27.52 29.60 -34.73
N GLU B 52 -27.76 29.32 -36.02
CA GLU B 52 -28.03 30.40 -36.96
C GLU B 52 -29.34 31.11 -36.63
N LYS B 53 -30.34 30.36 -36.16
CA LYS B 53 -31.60 30.98 -35.77
C LYS B 53 -31.43 31.87 -34.55
N LEU B 54 -30.54 31.48 -33.64
CA LEU B 54 -30.28 32.31 -32.47
C LEU B 54 -29.41 33.51 -32.80
N ARG B 55 -28.63 33.44 -33.87
CA ARG B 55 -27.78 34.56 -34.25
C ARG B 55 -28.59 35.84 -34.43
N GLU B 56 -29.78 35.73 -35.02
CA GLU B 56 -30.64 36.90 -35.17
C GLU B 56 -31.33 37.27 -33.87
N ASP B 57 -31.87 36.29 -33.17
CA ASP B 57 -32.60 36.54 -31.93
C ASP B 57 -31.67 36.59 -30.73
N ASP B 60 -29.22 39.14 -27.45
CA ASP B 60 -28.30 39.56 -26.41
C ASP B 60 -26.86 39.19 -26.76
N GLU B 61 -25.91 39.83 -26.10
CA GLU B 61 -24.52 39.39 -26.19
C GLU B 61 -24.26 38.19 -25.28
N GLU B 62 -24.80 38.21 -24.06
CA GLU B 62 -24.60 37.09 -23.14
C GLU B 62 -25.33 35.86 -23.62
N GLU B 63 -26.54 36.03 -24.16
CA GLU B 63 -27.28 34.92 -24.74
C GLU B 63 -26.42 34.15 -25.74
N ILE B 64 -25.84 34.88 -26.70
CA ILE B 64 -25.00 34.23 -27.71
C ILE B 64 -23.73 33.67 -27.07
N ASN B 65 -23.04 34.49 -26.27
CA ASN B 65 -21.77 34.07 -25.67
C ASN B 65 -21.92 32.81 -24.84
N LYS B 66 -23.12 32.54 -24.31
CA LYS B 66 -23.34 31.33 -23.52
C LYS B 66 -23.85 30.18 -24.37
N ARG B 67 -24.84 30.45 -25.23
CA ARG B 67 -25.45 29.37 -25.99
C ARG B 67 -24.51 28.81 -27.04
N LEU B 68 -23.61 29.63 -27.60
CA LEU B 68 -22.68 29.10 -28.58
C LEU B 68 -21.69 28.13 -27.93
N ASN B 69 -21.28 28.43 -26.70
CA ASN B 69 -20.41 27.49 -25.98
C ASN B 69 -21.18 26.22 -25.61
N GLU B 70 -22.43 26.36 -25.18
CA GLU B 70 -23.21 25.15 -24.90
C GLU B 70 -23.39 24.31 -26.15
N LEU B 71 -23.56 24.97 -27.30
CA LEU B 71 -23.79 24.24 -28.54
C LEU B 71 -22.52 23.54 -29.00
N MET B 72 -21.36 24.20 -28.89
CA MET B 72 -20.14 23.51 -29.25
C MET B 72 -19.87 22.35 -28.30
N LYS B 73 -20.23 22.50 -27.02
CA LYS B 73 -20.06 21.40 -26.07
C LYS B 73 -20.92 20.21 -26.46
N ILE B 74 -22.20 20.45 -26.78
CA ILE B 74 -23.04 19.31 -27.13
C ILE B 74 -22.68 18.75 -28.50
N ALA B 75 -22.10 19.56 -29.39
CA ALA B 75 -21.66 19.02 -30.66
C ALA B 75 -20.45 18.12 -30.49
N VAL B 76 -19.51 18.51 -29.62
CA VAL B 76 -18.40 17.61 -29.34
C VAL B 76 -18.88 16.37 -28.61
N GLU B 77 -19.92 16.49 -27.79
CA GLU B 77 -20.52 15.30 -27.20
C GLU B 77 -21.08 14.38 -28.27
N ALA B 78 -21.72 14.95 -29.29
CA ALA B 78 -22.22 14.15 -30.39
C ALA B 78 -21.09 13.45 -31.15
N LEU B 79 -19.97 14.15 -31.35
CA LEU B 79 -18.83 13.51 -32.01
C LEU B 79 -18.26 12.39 -31.16
N GLU B 80 -18.09 12.62 -29.87
CA GLU B 80 -17.61 11.57 -28.97
C GLU B 80 -18.54 10.37 -29.00
N LEU B 81 -19.84 10.61 -29.11
CA LEU B 81 -20.78 9.50 -29.17
C LEU B 81 -20.66 8.73 -30.47
N THR B 82 -20.50 9.43 -31.59
CA THR B 82 -20.32 8.72 -32.85
C THR B 82 -19.00 7.95 -32.89
N ILE B 83 -17.97 8.47 -32.22
CA ILE B 83 -16.75 7.69 -32.09
C ILE B 83 -17.00 6.44 -31.27
N GLU B 84 -17.78 6.55 -30.20
CA GLU B 84 -18.09 5.34 -29.43
C GLU B 84 -18.83 4.32 -30.28
N VAL B 85 -19.78 4.77 -31.09
CA VAL B 85 -20.50 3.82 -31.95
C VAL B 85 -19.55 3.17 -32.94
N LEU B 86 -18.65 3.94 -33.53
CA LEU B 86 -17.72 3.36 -34.49
C LEU B 86 -16.78 2.37 -33.82
N ARG B 87 -16.35 2.65 -32.59
CA ARG B 87 -15.47 1.71 -31.91
C ARG B 87 -16.23 0.42 -31.57
N SER B 88 -17.49 0.52 -31.19
CA SER B 88 -18.27 -0.69 -30.98
C SER B 88 -18.41 -1.48 -32.26
N LEU B 89 -18.57 -0.79 -33.39
CA LEU B 89 -18.61 -1.50 -34.67
C LEU B 89 -17.29 -2.23 -34.93
N ALA B 90 -16.18 -1.59 -34.62
CA ALA B 90 -14.89 -2.25 -34.81
C ALA B 90 -14.77 -3.50 -33.94
N GLU B 91 -15.17 -3.40 -32.68
CA GLU B 91 -15.12 -4.57 -31.82
C GLU B 91 -16.01 -5.69 -32.34
N SER B 92 -17.19 -5.34 -32.84
CA SER B 92 -18.06 -6.38 -33.39
C SER B 92 -17.47 -7.01 -34.63
N ALA B 93 -16.78 -6.24 -35.46
CA ALA B 93 -16.13 -6.84 -36.62
C ALA B 93 -15.00 -7.78 -36.19
N LEU B 94 -14.24 -7.40 -35.17
CA LEU B 94 -13.23 -8.33 -34.64
C LEU B 94 -13.88 -9.62 -34.16
N ARG B 95 -14.99 -9.51 -33.43
CA ARG B 95 -15.69 -10.71 -32.97
C ARG B 95 -16.19 -11.55 -34.15
N ALA B 96 -16.60 -10.91 -35.24
CA ALA B 96 -17.01 -11.66 -36.41
C ALA B 96 -15.84 -12.44 -36.99
N LEU B 97 -14.67 -11.82 -37.07
CA LEU B 97 -13.50 -12.55 -37.56
C LEU B 97 -13.15 -13.69 -36.62
N GLU B 98 -13.28 -13.48 -35.31
CA GLU B 98 -13.04 -14.55 -34.35
C GLU B 98 -13.97 -15.73 -34.63
N LEU B 99 -15.23 -15.45 -34.92
CA LEU B 99 -16.17 -16.52 -35.27
C LEU B 99 -15.71 -17.27 -36.51
N LEU B 100 -15.35 -16.52 -37.54
CA LEU B 100 -14.91 -17.08 -38.81
C LEU B 100 -13.64 -17.93 -38.70
N LEU B 101 -12.67 -17.47 -37.91
CA LEU B 101 -11.43 -18.22 -37.75
C LEU B 101 -11.72 -19.58 -37.12
N LYS B 102 -12.60 -19.59 -36.12
CA LYS B 102 -12.99 -20.83 -35.45
C LYS B 102 -13.72 -21.73 -36.44
N LEU B 103 -14.55 -21.11 -37.28
CA LEU B 103 -15.33 -21.83 -38.27
C LEU B 103 -14.49 -22.25 -39.47
N ALA B 104 -13.18 -22.03 -39.43
CA ALA B 104 -12.33 -22.39 -40.56
C ALA B 104 -11.01 -23.06 -40.22
N GLU B 105 -10.68 -24.13 -40.92
CA GLU B 105 -9.42 -24.83 -40.73
C GLU B 105 -8.48 -24.53 -41.90
N ASP B 106 -9.06 -24.08 -43.01
CA ASP B 106 -8.32 -23.75 -44.23
C ASP B 106 -7.53 -22.45 -44.09
N HIS B 107 -6.42 -22.35 -44.83
CA HIS B 107 -5.60 -21.16 -44.78
C HIS B 107 -6.05 -20.09 -45.77
N LYS B 108 -6.52 -20.49 -46.96
CA LYS B 108 -6.91 -19.50 -47.96
C LYS B 108 -8.05 -18.63 -47.45
N VAL B 109 -9.10 -19.25 -46.92
CA VAL B 109 -10.23 -18.48 -46.41
C VAL B 109 -9.81 -17.63 -45.23
N ILE B 110 -8.92 -18.13 -44.37
CA ILE B 110 -8.47 -17.34 -43.23
C ILE B 110 -7.75 -16.09 -43.70
N GLU B 111 -6.85 -16.23 -44.67
CA GLU B 111 -6.13 -15.06 -45.16
C GLU B 111 -7.08 -14.09 -45.84
N GLU B 112 -8.04 -14.60 -46.61
CA GLU B 112 -9.00 -13.72 -47.26
C GLU B 112 -9.83 -12.97 -46.23
N ALA B 113 -10.20 -13.64 -45.14
CA ALA B 113 -10.97 -12.98 -44.10
C ALA B 113 -10.17 -11.90 -43.41
N VAL B 114 -8.89 -12.16 -43.14
CA VAL B 114 -8.07 -11.11 -42.52
C VAL B 114 -7.91 -9.92 -43.46
N LYS B 115 -7.70 -10.19 -44.75
CA LYS B 115 -7.59 -9.08 -45.70
C LYS B 115 -8.88 -8.26 -45.73
N LEU B 116 -10.03 -8.93 -45.76
CA LEU B 116 -11.30 -8.22 -45.79
C LEU B 116 -11.52 -7.43 -44.51
N LEU B 117 -11.15 -7.99 -43.37
CA LEU B 117 -11.35 -7.27 -42.11
C LEU B 117 -10.43 -6.06 -42.00
N LEU B 118 -9.20 -6.18 -42.50
CA LEU B 118 -8.34 -5.01 -42.53
C LEU B 118 -8.91 -3.93 -43.43
N GLU B 119 -9.45 -4.32 -44.58
CA GLU B 119 -10.11 -3.33 -45.43
C GLU B 119 -11.26 -2.67 -44.71
N PHE B 120 -12.04 -3.45 -43.96
CA PHE B 120 -13.17 -2.86 -43.24
C PHE B 120 -12.71 -1.90 -42.17
N LEU B 121 -11.66 -2.23 -41.43
CA LEU B 121 -11.20 -1.32 -40.39
C LEU B 121 -10.58 -0.07 -41.00
N LYS B 122 -9.99 -0.19 -42.19
CA LYS B 122 -9.58 1.00 -42.92
C LYS B 122 -10.77 1.89 -43.22
N LYS B 123 -11.84 1.31 -43.78
CA LYS B 123 -13.03 2.11 -44.07
C LYS B 123 -13.65 2.70 -42.81
N LEU B 124 -13.57 1.99 -41.70
CA LEU B 124 -14.13 2.51 -40.45
C LEU B 124 -13.34 3.70 -39.95
N ALA B 125 -12.01 3.60 -39.94
CA ALA B 125 -11.22 4.76 -39.56
C ALA B 125 -11.43 5.91 -40.53
N GLU B 126 -11.70 5.61 -41.80
CA GLU B 126 -12.01 6.67 -42.73
C GLU B 126 -13.31 7.39 -42.37
N VAL B 127 -14.33 6.62 -42.00
CA VAL B 127 -15.58 7.24 -41.55
C VAL B 127 -15.36 8.07 -40.30
N ALA B 128 -14.49 7.59 -39.40
CA ALA B 128 -14.20 8.37 -38.21
C ALA B 128 -13.49 9.67 -38.56
N GLU B 129 -12.59 9.63 -39.55
CA GLU B 129 -11.96 10.87 -39.99
C GLU B 129 -12.98 11.82 -40.59
N GLU B 130 -13.95 11.30 -41.34
CA GLU B 130 -14.99 12.17 -41.88
C GLU B 130 -15.82 12.79 -40.76
N ALA B 131 -16.11 12.03 -39.72
CA ALA B 131 -16.86 12.58 -38.60
C ALA B 131 -16.06 13.66 -37.89
N ASN B 132 -14.77 13.44 -37.68
CA ASN B 132 -13.94 14.49 -37.08
C ASN B 132 -13.92 15.73 -37.94
N ARG B 133 -13.79 15.55 -39.26
CA ARG B 133 -13.77 16.71 -40.14
C ARG B 133 -15.09 17.46 -40.07
N LEU B 134 -16.21 16.74 -39.95
CA LEU B 134 -17.49 17.42 -39.79
C LEU B 134 -17.55 18.21 -38.50
N ALA B 135 -17.09 17.62 -37.40
CA ALA B 135 -17.12 18.36 -36.14
C ALA B 135 -16.27 19.62 -36.21
N LEU B 136 -15.10 19.54 -36.83
CA LEU B 136 -14.24 20.72 -36.90
C LEU B 136 -14.78 21.78 -37.85
N GLU B 137 -15.33 21.37 -39.00
CA GLU B 137 -15.93 22.36 -39.87
C GLU B 137 -17.16 22.99 -39.23
N PHE B 138 -17.88 22.25 -38.39
CA PHE B 138 -18.98 22.86 -37.67
C PHE B 138 -18.49 23.84 -36.62
N LEU B 139 -17.40 23.51 -35.93
CA LEU B 139 -16.83 24.49 -35.01
C LEU B 139 -16.37 25.74 -35.75
N GLU B 140 -15.90 25.59 -36.98
CA GLU B 140 -15.54 26.75 -37.78
C GLU B 140 -16.77 27.58 -38.15
N GLU B 141 -17.82 26.92 -38.63
CA GLU B 141 -19.07 27.63 -38.89
C GLU B 141 -19.61 28.29 -37.65
N LEU B 142 -19.26 27.77 -36.47
CA LEU B 142 -19.69 28.39 -35.23
C LEU B 142 -18.84 29.61 -34.90
N ILE B 143 -17.53 29.53 -35.11
CA ILE B 143 -16.69 30.70 -34.87
C ILE B 143 -17.00 31.81 -35.87
N GLU B 144 -17.66 31.45 -36.96
CA GLU B 144 -18.14 32.44 -37.89
C GLU B 144 -19.21 33.24 -37.16
N LEU B 145 -19.95 32.58 -36.27
CA LEU B 145 -21.09 33.17 -35.59
C LEU B 145 -20.68 34.01 -34.39
N GLY B 146 -19.47 33.79 -33.86
CA GLY B 146 -18.98 34.65 -32.82
C GLY B 146 -18.89 34.00 -31.46
N GLY B 147 -18.73 32.69 -31.43
CA GLY B 147 -18.57 32.00 -30.18
C GLY B 147 -17.24 32.32 -29.53
N ASP B 148 -17.00 31.69 -28.40
CA ASP B 148 -15.72 31.86 -27.73
C ASP B 148 -14.60 31.30 -28.60
N VAL B 149 -13.37 31.67 -28.24
CA VAL B 149 -12.18 31.12 -28.88
C VAL B 149 -11.48 30.11 -27.99
N GLU B 150 -11.39 30.38 -26.68
CA GLU B 150 -10.84 29.36 -25.79
C GLU B 150 -11.77 28.16 -25.69
N ALA B 151 -13.08 28.39 -25.59
CA ALA B 151 -14.01 27.28 -25.54
C ALA B 151 -14.02 26.51 -26.85
N ALA B 152 -13.98 27.20 -27.98
CA ALA B 152 -13.90 26.51 -29.27
C ALA B 152 -12.64 25.69 -29.37
N ALA B 153 -11.52 26.22 -28.91
CA ALA B 153 -10.29 25.47 -28.94
C ALA B 153 -10.36 24.25 -28.02
N LYS B 154 -10.99 24.39 -26.85
CA LYS B 154 -11.12 23.26 -25.95
C LYS B 154 -12.03 22.18 -26.53
N ALA B 155 -13.13 22.57 -27.15
CA ALA B 155 -14.00 21.61 -27.80
C ALA B 155 -13.26 20.90 -28.94
N SER B 156 -12.46 21.64 -29.70
CA SER B 156 -11.68 21.02 -30.75
C SER B 156 -10.66 20.03 -30.19
N LYS B 157 -10.03 20.38 -29.07
CA LYS B 157 -9.08 19.47 -28.45
C LYS B 157 -9.77 18.21 -27.95
N GLU B 158 -10.97 18.36 -27.40
CA GLU B 158 -11.72 17.16 -26.99
C GLU B 158 -12.08 16.30 -28.19
N ALA B 159 -12.46 16.92 -29.30
CA ALA B 159 -12.72 16.16 -30.51
C ALA B 159 -11.49 15.38 -30.94
N ALA B 160 -10.33 16.03 -30.98
CA ALA B 160 -9.13 15.34 -31.39
C ALA B 160 -8.73 14.26 -30.40
N ARG B 161 -9.01 14.44 -29.11
CA ARG B 161 -8.65 13.40 -28.16
C ARG B 161 -9.55 12.19 -28.30
N ALA B 162 -10.85 12.39 -28.53
CA ALA B 162 -11.71 11.24 -28.81
C ALA B 162 -11.30 10.54 -30.09
N SER B 163 -10.89 11.31 -31.11
CA SER B 163 -10.43 10.69 -32.34
C SER B 163 -9.15 9.88 -32.11
N ALA B 164 -8.22 10.39 -31.31
CA ALA B 164 -7.02 9.62 -31.01
C ALA B 164 -7.34 8.38 -30.21
N GLU B 165 -8.34 8.45 -29.33
CA GLU B 165 -8.78 7.26 -28.61
C GLU B 165 -9.32 6.22 -29.57
N PHE B 166 -10.08 6.65 -30.57
CA PHE B 166 -10.54 5.69 -31.57
C PHE B 166 -9.38 5.10 -32.34
N ALA B 167 -8.37 5.91 -32.66
CA ALA B 167 -7.22 5.37 -33.35
C ALA B 167 -6.51 4.31 -32.52
N ARG B 168 -6.40 4.54 -31.22
CA ARG B 168 -5.76 3.53 -30.37
C ARG B 168 -6.61 2.27 -30.28
N ALA B 169 -7.93 2.42 -30.21
CA ALA B 169 -8.78 1.23 -30.18
C ALA B 169 -8.63 0.42 -31.45
N ILE B 170 -8.56 1.09 -32.60
CA ILE B 170 -8.37 0.37 -33.85
C ILE B 170 -7.01 -0.31 -33.87
N VAL B 171 -5.97 0.36 -33.36
CA VAL B 171 -4.66 -0.28 -33.32
C VAL B 171 -4.72 -1.55 -32.48
N GLU B 172 -5.42 -1.50 -31.35
CA GLU B 172 -5.49 -2.71 -30.53
C GLU B 172 -6.30 -3.80 -31.21
N ILE B 173 -7.35 -3.43 -31.95
CA ILE B 173 -8.10 -4.46 -32.66
C ILE B 173 -7.24 -5.06 -33.77
N LEU B 174 -6.41 -4.26 -34.43
CA LEU B 174 -5.50 -4.80 -35.43
C LEU B 174 -4.50 -5.75 -34.80
N GLU B 175 -3.98 -5.40 -33.63
CA GLU B 175 -3.06 -6.30 -32.94
C GLU B 175 -3.76 -7.60 -32.57
N GLU B 176 -5.02 -7.52 -32.14
CA GLU B 176 -5.75 -8.73 -31.80
C GLU B 176 -6.00 -9.59 -33.04
N VAL B 177 -6.26 -8.98 -34.19
CA VAL B 177 -6.43 -9.75 -35.41
C VAL B 177 -5.12 -10.43 -35.79
N ALA B 178 -4.01 -9.71 -35.69
CA ALA B 178 -2.72 -10.34 -35.96
C ALA B 178 -2.48 -11.51 -35.02
N ARG B 179 -2.87 -11.36 -33.74
CA ARG B 179 -2.67 -12.44 -32.80
C ARG B 179 -3.56 -13.64 -33.11
N LEU B 180 -4.81 -13.41 -33.50
CA LEU B 180 -5.67 -14.53 -33.90
C LEU B 180 -5.09 -15.24 -35.12
N ALA B 181 -4.64 -14.48 -36.11
CA ALA B 181 -4.05 -15.11 -37.29
C ALA B 181 -2.82 -15.90 -36.93
N ILE B 182 -2.00 -15.40 -36.00
CA ILE B 182 -0.83 -16.14 -35.56
C ILE B 182 -1.24 -17.43 -34.87
N GLU B 183 -2.26 -17.35 -34.02
CA GLU B 183 -2.65 -18.51 -33.23
C GLU B 183 -3.28 -19.60 -34.09
N PHE B 184 -4.09 -19.22 -35.08
CA PHE B 184 -4.79 -20.21 -35.89
C PHE B 184 -4.11 -20.44 -37.23
N ILE B 185 -2.80 -20.26 -37.27
CA ILE B 185 -2.01 -20.43 -38.50
C ILE B 185 -0.78 -21.32 -38.32
N GLU B 186 -0.59 -22.27 -39.25
CA GLU B 186 0.54 -23.19 -39.19
C GLU B 186 1.66 -23.04 -40.24
N ASP B 187 1.67 -21.96 -41.02
CA ASP B 187 2.70 -21.81 -42.07
C ASP B 187 3.41 -20.45 -42.11
N GLU B 188 4.62 -20.42 -42.65
CA GLU B 188 5.39 -19.18 -42.75
C GLU B 188 5.13 -18.34 -43.99
N LYS B 189 4.92 -18.99 -45.13
CA LYS B 189 4.72 -18.26 -46.37
C LYS B 189 3.52 -17.35 -46.24
N LEU B 190 2.50 -17.84 -45.56
CA LEU B 190 1.27 -17.06 -45.39
C LEU B 190 1.27 -16.22 -44.12
N LEU B 191 1.92 -16.70 -43.07
CA LEU B 191 1.89 -15.98 -41.80
C LEU B 191 2.68 -14.69 -41.91
N ALA B 192 3.80 -14.71 -42.63
CA ALA B 192 4.53 -13.46 -42.86
C ALA B 192 3.75 -12.52 -43.77
N ARG B 193 2.97 -13.06 -44.70
CA ARG B 193 2.09 -12.22 -45.50
C ARG B 193 1.09 -11.50 -44.62
N ILE B 194 0.48 -12.21 -43.68
CA ILE B 194 -0.46 -11.58 -42.75
C ILE B 194 0.25 -10.55 -41.89
N ALA B 195 1.48 -10.84 -41.49
CA ALA B 195 2.24 -9.85 -40.73
C ALA B 195 2.38 -8.56 -41.52
N GLN B 196 2.83 -8.66 -42.77
CA GLN B 196 3.04 -7.43 -43.52
C GLN B 196 1.72 -6.74 -43.83
N LEU B 197 0.62 -7.49 -43.97
CA LEU B 197 -0.67 -6.86 -44.22
C LEU B 197 -1.18 -6.11 -42.98
N ILE B 198 -1.06 -6.72 -41.80
CA ILE B 198 -1.44 -6.02 -40.58
C ILE B 198 -0.58 -4.77 -40.40
N ILE B 199 0.71 -4.85 -40.75
CA ILE B 199 1.55 -3.68 -40.59
C ILE B 199 1.12 -2.58 -41.55
N LYS B 200 0.79 -2.94 -42.80
CA LYS B 200 0.27 -1.93 -43.71
C LYS B 200 -0.99 -1.29 -43.14
N ALA B 201 -1.87 -2.10 -42.53
CA ALA B 201 -3.08 -1.52 -41.96
C ALA B 201 -2.77 -0.59 -40.80
N ILE B 202 -1.79 -0.93 -39.97
CA ILE B 202 -1.46 -0.05 -38.85
C ILE B 202 -0.85 1.26 -39.35
N THR B 203 -0.01 1.19 -40.37
CA THR B 203 0.50 2.43 -40.94
C THR B 203 -0.63 3.26 -41.53
N GLU B 204 -1.63 2.60 -42.12
CA GLU B 204 -2.77 3.35 -42.65
C GLU B 204 -3.55 4.03 -41.53
N ILE B 205 -3.76 3.33 -40.42
CA ILE B 205 -4.48 3.93 -39.30
C ILE B 205 -3.71 5.11 -38.75
N VAL B 206 -2.40 4.98 -38.59
CA VAL B 206 -1.67 6.09 -38.01
C VAL B 206 -1.59 7.25 -38.99
N ARG B 207 -1.59 6.98 -40.29
CA ARG B 207 -1.64 8.08 -41.24
C ARG B 207 -2.97 8.81 -41.16
N ILE B 208 -4.07 8.08 -41.02
CA ILE B 208 -5.36 8.73 -40.88
C ILE B 208 -5.44 9.54 -39.58
N MET B 209 -4.87 9.01 -38.50
CA MET B 209 -4.90 9.77 -37.25
C MET B 209 -4.05 11.03 -37.34
N ALA B 210 -2.88 10.94 -37.96
CA ALA B 210 -2.07 12.13 -38.15
C ALA B 210 -2.76 13.12 -39.07
N GLU B 211 -3.52 12.64 -40.06
CA GLU B 211 -4.25 13.56 -40.91
C GLU B 211 -5.35 14.27 -40.14
N MET B 212 -6.05 13.54 -39.27
CA MET B 212 -7.05 14.18 -38.42
C MET B 212 -6.40 15.25 -37.55
N ALA B 213 -5.24 14.95 -36.97
CA ALA B 213 -4.59 15.92 -36.10
C ALA B 213 -4.07 17.12 -36.89
N SER B 214 -3.58 16.90 -38.11
CA SER B 214 -3.12 18.02 -38.93
C SER B 214 -4.29 18.91 -39.33
N LEU B 215 -5.43 18.31 -39.66
CA LEU B 215 -6.61 19.11 -39.96
C LEU B 215 -7.05 19.90 -38.73
N ASN B 216 -7.00 19.29 -37.56
CA ASN B 216 -7.39 20.03 -36.36
C ASN B 216 -6.43 21.17 -36.06
N VAL B 217 -5.14 20.97 -36.30
CA VAL B 217 -4.19 22.06 -36.10
C VAL B 217 -4.43 23.17 -37.11
N LYS B 218 -4.74 22.83 -38.36
CA LYS B 218 -5.08 23.87 -39.33
C LYS B 218 -6.35 24.62 -38.91
N ALA B 219 -7.31 23.91 -38.31
CA ALA B 219 -8.50 24.59 -37.83
C ALA B 219 -8.18 25.56 -36.71
N MET B 220 -7.32 25.15 -35.77
CA MET B 220 -6.89 26.08 -34.73
C MET B 220 -6.12 27.26 -35.31
N SER B 221 -5.33 27.01 -36.36
CA SER B 221 -4.60 28.07 -37.04
C SER B 221 -5.55 29.07 -37.69
N GLU B 222 -6.68 28.60 -38.21
CA GLU B 222 -7.68 29.52 -38.74
C GLU B 222 -8.56 30.10 -37.65
N ILE B 223 -8.50 29.57 -36.43
CA ILE B 223 -9.23 30.16 -35.33
C ILE B 223 -8.48 31.35 -34.74
N ILE B 224 -7.17 31.22 -34.55
CA ILE B 224 -6.41 32.25 -33.84
C ILE B 224 -6.51 33.62 -34.51
N LYS B 225 -7.06 33.66 -35.72
CA LYS B 225 -7.15 34.91 -36.45
C LYS B 225 -7.93 35.95 -35.68
N LEU B 226 -9.00 35.55 -35.00
CA LEU B 226 -9.79 36.50 -34.24
C LEU B 226 -9.84 36.08 -32.78
N ALA B 227 -8.70 36.23 -32.11
CA ALA B 227 -8.56 35.89 -30.70
C ALA B 227 -7.66 36.92 -30.03
N ASP B 228 -7.80 37.08 -28.72
CA ASP B 228 -6.99 38.05 -27.97
C ASP B 228 -5.59 37.49 -27.72
N ASP B 229 -4.61 38.36 -27.46
CA ASP B 229 -3.26 37.83 -27.33
C ASP B 229 -3.24 36.57 -26.49
N GLU B 230 -3.81 36.64 -25.29
CA GLU B 230 -3.79 35.49 -24.39
C GLU B 230 -4.64 34.34 -24.93
N THR B 231 -5.78 34.65 -25.52
CA THR B 231 -6.62 33.60 -26.09
C THR B 231 -5.92 32.91 -27.26
N ALA B 232 -5.22 33.68 -28.09
CA ALA B 232 -4.45 33.06 -29.16
C ALA B 232 -3.35 32.17 -28.60
N LYS B 233 -2.70 32.62 -27.51
CA LYS B 233 -1.67 31.79 -26.92
C LYS B 233 -2.24 30.49 -26.35
N LYS B 234 -3.42 30.56 -25.73
CA LYS B 234 -4.06 29.33 -25.24
C LYS B 234 -4.45 28.40 -26.39
N ALA B 235 -4.93 28.98 -27.49
CA ALA B 235 -5.24 28.17 -28.66
C ALA B 235 -3.99 27.46 -29.18
N VAL B 236 -2.88 28.18 -29.27
CA VAL B 236 -1.63 27.55 -29.72
C VAL B 236 -1.18 26.49 -28.74
N LYS B 237 -1.33 26.76 -27.44
CA LYS B 237 -0.95 25.77 -26.44
C LYS B 237 -1.69 24.47 -26.64
N ILE B 238 -3.01 24.51 -26.75
CA ILE B 238 -3.71 23.22 -26.84
C ILE B 238 -3.66 22.65 -28.25
N ALA B 239 -3.35 23.45 -29.27
CA ALA B 239 -3.05 22.84 -30.56
C ALA B 239 -1.77 22.04 -30.50
N LEU B 240 -0.73 22.56 -29.84
CA LEU B 240 0.45 21.73 -29.63
C LEU B 240 0.14 20.56 -28.73
N GLU B 241 -0.83 20.69 -27.84
CA GLU B 241 -1.23 19.54 -27.04
C GLU B 241 -1.84 18.44 -27.91
N ILE B 242 -2.71 18.81 -28.85
CA ILE B 242 -3.28 17.78 -29.72
C ILE B 242 -2.20 17.18 -30.61
N LEU B 243 -1.21 17.97 -31.02
CA LEU B 243 -0.10 17.38 -31.75
C LEU B 243 0.67 16.41 -30.88
N GLU B 244 0.83 16.72 -29.60
CA GLU B 244 1.51 15.80 -28.70
C GLU B 244 0.74 14.48 -28.59
N MET B 245 -0.58 14.55 -28.49
CA MET B 245 -1.32 13.29 -28.34
C MET B 245 -1.39 12.52 -29.66
N ALA B 246 -1.36 13.21 -30.80
CA ALA B 246 -1.23 12.49 -32.06
C ALA B 246 0.14 11.82 -32.18
N MET B 247 1.18 12.48 -31.68
CA MET B 247 2.48 11.82 -31.61
C MET B 247 2.44 10.60 -30.71
N LYS B 248 1.72 10.70 -29.60
CA LYS B 248 1.59 9.54 -28.73
C LYS B 248 0.90 8.40 -29.46
N VAL B 249 -0.11 8.70 -30.27
CA VAL B 249 -0.75 7.64 -31.05
C VAL B 249 0.21 7.06 -32.07
N ALA B 250 1.06 7.89 -32.66
CA ALA B 250 2.03 7.35 -33.61
C ALA B 250 3.00 6.41 -32.91
N GLU B 251 3.50 6.79 -31.74
CA GLU B 251 4.41 5.93 -31.00
C GLU B 251 3.72 4.64 -30.57
N GLU B 252 2.47 4.72 -30.15
CA GLU B 252 1.76 3.51 -29.73
C GLU B 252 1.48 2.60 -30.90
N ALA B 253 1.13 3.16 -32.06
CA ALA B 253 0.96 2.35 -33.24
C ALA B 253 2.25 1.65 -33.62
N ASN B 254 3.37 2.37 -33.50
CA ASN B 254 4.66 1.72 -33.76
C ASN B 254 4.91 0.58 -32.81
N GLU B 255 4.68 0.79 -31.51
CA GLU B 255 4.94 -0.28 -30.55
C GLU B 255 4.04 -1.48 -30.79
N ALA B 256 2.76 -1.26 -31.11
CA ALA B 256 1.89 -2.40 -31.35
C ALA B 256 2.25 -3.11 -32.65
N ALA B 257 2.62 -2.36 -33.67
CA ALA B 257 3.04 -2.98 -34.92
C ALA B 257 4.30 -3.81 -34.72
N LEU B 258 5.22 -3.30 -33.93
CA LEU B 258 6.44 -4.04 -33.67
C LEU B 258 6.18 -5.26 -32.80
N ARG B 259 5.24 -5.17 -31.87
CA ARG B 259 4.82 -6.36 -31.13
C ARG B 259 4.29 -7.42 -32.08
N VAL B 260 3.50 -7.00 -33.06
CA VAL B 260 2.95 -7.96 -34.02
C VAL B 260 4.06 -8.59 -34.84
N LEU B 261 5.04 -7.80 -35.27
CA LEU B 261 6.10 -8.39 -36.08
C LEU B 261 6.97 -9.32 -35.24
N GLU B 262 7.19 -8.99 -33.98
CA GLU B 262 7.90 -9.89 -33.09
C GLU B 262 7.14 -11.18 -32.89
N LEU B 263 5.81 -11.13 -32.79
CA LEU B 263 5.10 -12.39 -32.55
C LEU B 263 5.29 -13.40 -33.70
N ALA B 264 5.15 -12.91 -34.93
CA ALA B 264 5.30 -13.77 -36.10
C ALA B 264 6.71 -14.33 -36.23
N VAL B 265 7.71 -13.50 -35.96
CA VAL B 265 9.10 -13.92 -36.04
C VAL B 265 9.30 -15.05 -35.04
N LYS B 266 8.64 -14.91 -33.89
CA LYS B 266 8.66 -15.91 -32.82
C LYS B 266 8.01 -17.21 -33.29
N ALA B 267 6.95 -17.08 -34.10
CA ALA B 267 6.19 -18.19 -34.65
C ALA B 267 6.80 -18.78 -35.94
N GLY B 268 7.93 -18.24 -36.37
CA GLY B 268 8.58 -18.73 -37.57
C GLY B 268 8.30 -18.00 -38.87
N GLY B 269 7.66 -16.84 -38.80
CA GLY B 269 7.36 -16.07 -39.99
C GLY B 269 8.64 -15.68 -40.71
N ASP B 270 8.61 -15.76 -42.04
CA ASP B 270 9.78 -15.46 -42.87
C ASP B 270 10.56 -14.30 -42.27
N VAL B 271 11.89 -14.40 -42.29
CA VAL B 271 12.72 -13.40 -41.65
C VAL B 271 12.87 -12.16 -42.51
N GLU B 272 13.29 -12.33 -43.76
CA GLU B 272 13.51 -11.17 -44.61
C GLU B 272 12.22 -10.40 -44.85
N LEU B 273 11.08 -11.08 -44.91
CA LEU B 273 9.83 -10.37 -45.11
C LEU B 273 9.46 -9.55 -43.88
N ALA B 274 9.69 -10.09 -42.68
CA ALA B 274 9.47 -9.29 -41.48
C ALA B 274 10.42 -8.10 -41.44
N ALA B 275 11.64 -8.27 -41.92
CA ALA B 275 12.53 -7.12 -42.00
C ALA B 275 11.98 -6.06 -42.94
N GLU B 276 11.49 -6.47 -44.10
CA GLU B 276 10.92 -5.48 -45.01
C GLU B 276 9.68 -4.83 -44.41
N ALA B 277 8.89 -5.57 -43.64
CA ALA B 277 7.73 -4.99 -43.00
C ALA B 277 8.13 -3.94 -41.96
N SER B 278 9.15 -4.23 -41.16
CA SER B 278 9.60 -3.23 -40.20
C SER B 278 10.20 -2.01 -40.89
N HIS B 279 10.90 -2.21 -42.00
CA HIS B 279 11.41 -1.08 -42.74
C HIS B 279 10.29 -0.19 -43.27
N GLU B 280 9.27 -0.82 -43.86
CA GLU B 280 8.16 -0.03 -44.38
C GLU B 280 7.40 0.67 -43.25
N LEU B 281 7.25 -0.01 -42.11
CA LEU B 281 6.62 0.62 -40.96
C LEU B 281 7.40 1.85 -40.52
N ALA B 282 8.71 1.70 -40.37
CA ALA B 282 9.54 2.85 -39.99
C ALA B 282 9.40 3.98 -40.99
N LYS B 283 9.40 3.66 -42.29
CA LYS B 283 9.27 4.70 -43.31
C LYS B 283 7.95 5.44 -43.18
N ALA B 284 6.84 4.69 -43.05
CA ALA B 284 5.54 5.33 -42.96
C ALA B 284 5.44 6.19 -41.71
N SER B 285 5.93 5.69 -40.58
CA SER B 285 5.83 6.48 -39.36
C SER B 285 6.76 7.68 -39.38
N LEU B 286 7.89 7.60 -40.07
CA LEU B 286 8.71 8.78 -40.21
C LEU B 286 8.02 9.82 -41.09
N GLU B 287 7.29 9.37 -42.11
CA GLU B 287 6.51 10.34 -42.88
C GLU B 287 5.41 10.96 -42.03
N VAL B 288 4.81 10.18 -41.13
CA VAL B 288 3.80 10.72 -40.22
C VAL B 288 4.40 11.78 -39.31
N LEU B 289 5.55 11.50 -38.72
CA LEU B 289 6.18 12.51 -37.88
C LEU B 289 6.60 13.73 -38.70
N LYS B 290 6.95 13.53 -39.96
CA LYS B 290 7.24 14.67 -40.82
C LYS B 290 6.01 15.54 -41.03
N ILE B 291 4.86 14.93 -41.29
CA ILE B 291 3.67 15.74 -41.52
C ILE B 291 3.24 16.43 -40.23
N MET B 292 3.53 15.83 -39.07
CA MET B 292 3.23 16.53 -37.83
C MET B 292 4.17 17.72 -37.64
N VAL B 293 5.45 17.58 -38.01
CA VAL B 293 6.34 18.73 -38.02
C VAL B 293 5.78 19.82 -38.92
N GLU B 294 5.27 19.45 -40.08
CA GLU B 294 4.72 20.45 -40.99
C GLU B 294 3.52 21.16 -40.37
N ALA B 295 2.64 20.41 -39.71
CA ALA B 295 1.50 21.03 -39.07
C ALA B 295 1.94 21.98 -37.96
N ALA B 296 2.93 21.58 -37.16
CA ALA B 296 3.41 22.46 -36.10
C ALA B 296 4.05 23.72 -36.67
N GLU B 297 4.74 23.61 -37.80
CA GLU B 297 5.35 24.79 -38.40
C GLU B 297 4.28 25.73 -38.95
N LEU B 298 3.23 25.20 -39.58
CA LEU B 298 2.15 26.08 -40.03
C LEU B 298 1.47 26.76 -38.85
N LEU B 299 1.23 26.03 -37.77
CA LEU B 299 0.64 26.64 -36.60
C LEU B 299 1.54 27.75 -36.04
N ALA B 300 2.85 27.51 -36.00
CA ALA B 300 3.75 28.55 -35.50
C ALA B 300 3.75 29.77 -36.40
N ARG B 301 3.74 29.56 -37.72
CA ARG B 301 3.66 30.69 -38.64
C ARG B 301 2.42 31.53 -38.36
N ALA B 302 1.26 30.88 -38.27
CA ALA B 302 0.03 31.64 -38.03
C ALA B 302 0.07 32.34 -36.67
N ALA B 303 0.54 31.66 -35.63
CA ALA B 303 0.63 32.29 -34.32
C ALA B 303 1.50 33.53 -34.36
N ILE B 304 2.73 33.39 -34.85
CA ILE B 304 3.63 34.53 -34.95
C ILE B 304 3.00 35.67 -35.75
N GLU B 305 2.28 35.34 -36.81
CA GLU B 305 1.69 36.39 -37.63
C GLU B 305 0.40 36.96 -37.05
N VAL B 306 -0.13 36.38 -35.98
CA VAL B 306 -1.33 36.94 -35.34
C VAL B 306 -1.15 37.23 -33.86
N ILE B 307 -0.13 36.70 -33.18
CA ILE B 307 -0.04 36.85 -31.73
C ILE B 307 0.16 38.31 -31.33
N GLU B 308 0.97 39.05 -32.11
CA GLU B 308 1.11 40.50 -31.99
C GLU B 308 1.56 40.93 -30.59
N ASP B 309 2.78 40.53 -30.24
CA ASP B 309 3.35 40.93 -28.96
C ASP B 309 4.87 40.78 -29.07
N GLU B 310 5.53 41.00 -27.94
CA GLU B 310 6.98 40.83 -27.80
C GLU B 310 7.34 39.73 -26.78
N LYS B 311 6.39 39.38 -25.93
CA LYS B 311 6.56 38.36 -24.91
C LYS B 311 5.77 37.10 -25.22
N LEU B 312 4.46 37.23 -25.45
CA LEU B 312 3.69 36.04 -25.81
C LEU B 312 4.07 35.52 -27.18
N LEU B 313 4.57 36.38 -28.06
CA LEU B 313 5.11 35.90 -29.33
C LEU B 313 6.21 34.87 -29.09
N ALA B 314 7.23 35.27 -28.33
CA ALA B 314 8.32 34.34 -28.03
C ALA B 314 7.85 33.17 -27.20
N GLU B 315 6.82 33.36 -26.36
CA GLU B 315 6.30 32.23 -25.59
C GLU B 315 5.70 31.17 -26.50
N ALA B 316 4.85 31.58 -27.44
CA ALA B 316 4.27 30.62 -28.37
C ALA B 316 5.33 30.02 -29.28
N ALA B 317 6.32 30.81 -29.67
CA ALA B 317 7.40 30.26 -30.50
C ALA B 317 8.19 29.21 -29.73
N GLN B 318 8.50 29.48 -28.46
CA GLN B 318 9.20 28.51 -27.64
C GLN B 318 8.36 27.26 -27.37
N LEU B 319 7.04 27.42 -27.30
CA LEU B 319 6.19 26.25 -27.10
C LEU B 319 6.18 25.38 -28.36
N VAL B 320 6.10 26.00 -29.53
CA VAL B 320 6.24 25.22 -30.77
C VAL B 320 7.61 24.56 -30.81
N ILE B 321 8.63 25.23 -30.29
CA ILE B 321 9.97 24.65 -30.23
C ILE B 321 10.00 23.42 -29.34
N GLU B 322 9.28 23.45 -28.22
CA GLU B 322 9.22 22.24 -27.41
C GLU B 322 8.47 21.13 -28.14
N ALA B 323 7.43 21.47 -28.88
CA ALA B 323 6.75 20.45 -29.66
C ALA B 323 7.66 19.83 -30.71
N ILE B 324 8.45 20.66 -31.40
CA ILE B 324 9.39 20.13 -32.38
C ILE B 324 10.49 19.33 -31.70
N ARG B 325 10.88 19.71 -30.49
CA ARG B 325 11.85 18.91 -29.75
C ARG B 325 11.30 17.51 -29.50
N ARG B 326 10.03 17.45 -29.08
CA ARG B 326 9.43 16.14 -28.84
C ARG B 326 9.27 15.35 -30.14
N LEU B 327 8.97 16.04 -31.25
CA LEU B 327 8.91 15.35 -32.54
C LEU B 327 10.26 14.75 -32.92
N MET B 328 11.34 15.52 -32.76
CA MET B 328 12.66 14.98 -33.03
C MET B 328 12.94 13.77 -32.15
N GLU B 329 12.63 13.88 -30.86
CA GLU B 329 12.91 12.78 -29.94
C GLU B 329 12.13 11.53 -30.32
N ILE B 330 10.88 11.68 -30.74
CA ILE B 330 10.08 10.50 -31.09
C ILE B 330 10.53 9.92 -32.42
N MET B 331 10.95 10.76 -33.37
CA MET B 331 11.57 10.24 -34.58
C MET B 331 12.76 9.36 -34.22
N ALA B 332 13.63 9.88 -33.37
CA ALA B 332 14.82 9.12 -32.98
C ALA B 332 14.44 7.83 -32.26
N ARG B 333 13.45 7.89 -31.38
CA ARG B 333 13.09 6.71 -30.61
C ARG B 333 12.50 5.62 -31.52
N ILE B 334 11.65 6.00 -32.46
CA ILE B 334 11.08 5.00 -33.35
C ILE B 334 12.16 4.41 -34.25
N ALA B 335 13.10 5.24 -34.71
CA ALA B 335 14.19 4.70 -35.51
C ALA B 335 15.03 3.71 -34.70
N LYS B 336 15.35 4.06 -33.45
CA LYS B 336 16.15 3.15 -32.63
C LYS B 336 15.41 1.86 -32.38
N LEU B 337 14.10 1.93 -32.11
CA LEU B 337 13.36 0.73 -31.78
C LEU B 337 13.26 -0.20 -32.99
N ASN B 338 13.01 0.35 -34.18
CA ASN B 338 12.97 -0.50 -35.35
C ASN B 338 14.35 -1.05 -35.71
N ALA B 339 15.41 -0.26 -35.49
CA ALA B 339 16.74 -0.80 -35.72
C ALA B 339 17.06 -1.94 -34.76
N GLU B 340 16.59 -1.84 -33.53
CA GLU B 340 16.84 -2.92 -32.58
C GLU B 340 16.04 -4.16 -32.95
N PHE B 341 14.80 -4.00 -33.38
CA PHE B 341 14.06 -5.18 -33.84
C PHE B 341 14.74 -5.84 -35.01
N LEU B 342 15.16 -5.06 -36.00
CA LEU B 342 15.89 -5.65 -37.10
C LEU B 342 17.17 -6.31 -36.63
N ALA B 343 17.80 -5.79 -35.58
CA ALA B 343 19.00 -6.43 -35.06
C ALA B 343 18.70 -7.80 -34.47
N ARG B 344 17.61 -7.93 -33.71
CA ARG B 344 17.23 -9.24 -33.19
C ARG B 344 16.92 -10.21 -34.33
N VAL B 345 16.11 -9.76 -35.28
CA VAL B 345 15.74 -10.62 -36.40
C VAL B 345 16.97 -10.99 -37.22
N MET B 346 17.95 -10.09 -37.32
CA MET B 346 19.23 -10.45 -37.93
C MET B 346 19.91 -11.55 -37.12
N LYS B 347 20.00 -11.36 -35.81
CA LYS B 347 20.52 -12.39 -34.92
C LYS B 347 19.93 -13.76 -35.22
N LEU B 348 18.68 -13.79 -35.66
CA LEU B 348 18.07 -15.06 -36.00
C LEU B 348 18.20 -15.46 -37.47
N ALA B 349 18.70 -14.60 -38.35
CA ALA B 349 18.32 -14.76 -39.75
C ALA B 349 19.08 -15.78 -40.59
N ASP B 350 20.31 -15.46 -41.00
CA ASP B 350 20.93 -16.22 -42.09
C ASP B 350 22.32 -15.69 -42.42
N GLU B 351 22.96 -16.26 -43.44
CA GLU B 351 24.24 -15.77 -43.93
C GLU B 351 24.09 -14.47 -44.72
N GLU B 352 23.10 -14.40 -45.61
CA GLU B 352 22.98 -13.26 -46.51
C GLU B 352 21.78 -12.35 -46.22
N THR B 353 20.66 -12.90 -45.77
CA THR B 353 19.61 -11.99 -45.32
C THR B 353 20.08 -11.13 -44.16
N ALA B 354 21.11 -11.57 -43.43
CA ALA B 354 21.68 -10.72 -42.40
C ALA B 354 22.33 -9.48 -43.00
N GLU B 355 23.10 -9.63 -44.08
CA GLU B 355 23.66 -8.45 -44.72
C GLU B 355 22.57 -7.60 -45.36
N ARG B 356 21.50 -8.23 -45.85
CA ARG B 356 20.38 -7.45 -46.35
C ARG B 356 19.74 -6.65 -45.23
N VAL B 357 19.62 -7.24 -44.04
CA VAL B 357 19.06 -6.53 -42.90
C VAL B 357 20.00 -5.41 -42.44
N LEU B 358 21.30 -5.62 -42.52
CA LEU B 358 22.21 -4.54 -42.17
C LEU B 358 22.07 -3.37 -43.14
N GLU B 359 21.96 -3.68 -44.43
CA GLU B 359 21.73 -2.61 -45.40
C GLU B 359 20.41 -1.90 -45.18
N ILE B 360 19.36 -2.65 -44.84
CA ILE B 360 18.07 -2.02 -44.59
C ILE B 360 18.13 -1.13 -43.35
N ILE B 361 18.86 -1.57 -42.32
CA ILE B 361 19.00 -0.73 -41.12
C ILE B 361 19.75 0.55 -41.47
N THR B 362 20.80 0.44 -42.27
CA THR B 362 21.49 1.65 -42.72
C THR B 362 20.52 2.57 -43.45
N GLU B 363 19.64 2.00 -44.27
CA GLU B 363 18.64 2.81 -44.95
C GLU B 363 17.71 3.51 -43.97
N ILE B 364 17.23 2.79 -42.95
CA ILE B 364 16.30 3.38 -42.01
C ILE B 364 16.97 4.50 -41.21
N LEU B 365 18.23 4.30 -40.85
CA LEU B 365 18.92 5.34 -40.07
C LEU B 365 19.26 6.54 -40.95
N ARG B 366 19.58 6.32 -42.21
CA ARG B 366 19.76 7.46 -43.09
C ARG B 366 18.45 8.25 -43.23
N GLN B 367 17.33 7.54 -43.37
CA GLN B 367 16.05 8.22 -43.46
C GLN B 367 15.74 8.98 -42.19
N ALA B 368 16.02 8.39 -41.03
CA ALA B 368 15.74 9.07 -39.77
C ALA B 368 16.63 10.28 -39.59
N SER B 369 17.89 10.19 -39.97
CA SER B 369 18.75 11.36 -39.88
C SER B 369 18.28 12.46 -40.82
N GLU B 370 17.84 12.09 -42.03
CA GLU B 370 17.35 13.10 -42.96
C GLU B 370 16.11 13.78 -42.39
N LEU B 371 15.21 13.03 -41.78
CA LEU B 371 14.01 13.66 -41.25
C LEU B 371 14.30 14.46 -39.99
N ALA B 372 15.28 14.05 -39.19
CA ALA B 372 15.68 14.90 -38.07
C ALA B 372 16.29 16.21 -38.56
N GLU B 373 17.06 16.15 -39.64
CA GLU B 373 17.60 17.39 -40.20
C GLU B 373 16.49 18.27 -40.76
N GLU B 374 15.47 17.67 -41.37
CA GLU B 374 14.34 18.46 -41.84
C GLU B 374 13.59 19.07 -40.68
N ALA B 375 13.49 18.35 -39.56
CA ALA B 375 12.89 18.93 -38.37
C ALA B 375 13.71 20.11 -37.85
N ASN B 376 15.03 20.01 -37.93
CA ASN B 376 15.86 21.12 -37.51
C ASN B 376 15.67 22.32 -38.41
N LYS B 377 15.53 22.08 -39.71
CA LYS B 377 15.24 23.18 -40.62
C LYS B 377 13.89 23.81 -40.31
N ALA B 378 12.90 23.00 -39.94
CA ALA B 378 11.60 23.54 -39.56
C ALA B 378 11.72 24.42 -38.33
N ALA B 379 12.43 23.96 -37.31
CA ALA B 379 12.58 24.76 -36.10
C ALA B 379 13.38 26.03 -36.37
N GLU B 380 14.39 25.96 -37.24
CA GLU B 380 15.13 27.16 -37.59
C GLU B 380 14.25 28.16 -38.34
N ARG B 381 13.38 27.67 -39.22
CA ARG B 381 12.45 28.57 -39.90
C ARG B 381 11.52 29.22 -38.90
N VAL B 382 11.05 28.46 -37.92
CA VAL B 382 10.16 29.04 -36.91
C VAL B 382 10.90 30.09 -36.10
N LEU B 383 12.14 29.83 -35.73
CA LEU B 383 12.88 30.81 -34.94
C LEU B 383 13.23 32.04 -35.76
N ASP B 384 13.42 31.90 -37.07
CA ASP B 384 13.65 33.07 -37.90
C ASP B 384 12.37 33.89 -38.07
N LEU B 385 11.23 33.22 -38.18
CA LEU B 385 9.97 33.95 -38.21
C LEU B 385 9.64 34.58 -36.87
N ALA B 386 10.21 34.07 -35.79
CA ALA B 386 10.07 34.75 -34.50
C ALA B 386 11.05 35.91 -34.37
N ARG B 387 12.22 35.81 -34.97
CA ARG B 387 13.17 36.91 -34.96
C ARG B 387 12.64 38.08 -35.79
N LYS B 388 12.13 37.80 -36.99
CA LYS B 388 11.67 38.88 -37.85
C LYS B 388 10.41 39.54 -37.31
N ALA B 389 9.63 38.83 -36.51
CA ALA B 389 8.43 39.42 -35.90
C ALA B 389 8.74 40.13 -34.59
N GLY B 390 10.00 40.15 -34.18
CA GLY B 390 10.39 40.90 -32.99
C GLY B 390 9.88 40.32 -31.69
N GLY B 391 10.37 39.14 -31.33
CA GLY B 391 10.01 38.53 -30.07
C GLY B 391 11.10 38.72 -29.01
N ASP B 392 10.83 38.15 -27.84
CA ASP B 392 11.82 38.18 -26.78
C ASP B 392 13.10 37.50 -27.24
N GLU B 393 14.22 37.99 -26.74
CA GLU B 393 15.52 37.46 -27.17
C GLU B 393 15.99 36.29 -26.31
N GLU B 394 15.76 36.36 -25.00
CA GLU B 394 16.15 35.24 -24.14
C GLU B 394 15.41 33.97 -24.53
N LEU B 395 14.10 34.08 -24.81
CA LEU B 395 13.34 32.90 -25.20
C LEU B 395 13.86 32.33 -26.51
N VAL B 396 14.19 33.19 -27.47
CA VAL B 396 14.70 32.71 -28.75
C VAL B 396 16.05 32.03 -28.58
N HIS B 397 16.92 32.60 -27.75
CA HIS B 397 18.20 31.95 -27.49
C HIS B 397 18.02 30.60 -26.82
N THR B 398 17.10 30.52 -25.87
CA THR B 398 16.84 29.24 -25.21
C THR B 398 16.28 28.21 -26.19
N ALA B 399 15.44 28.67 -27.13
CA ALA B 399 14.92 27.74 -28.14
C ALA B 399 16.03 27.24 -29.05
N SER B 400 16.92 28.13 -29.49
CA SER B 400 18.03 27.69 -30.33
C SER B 400 18.93 26.72 -29.58
N SER B 401 19.17 26.98 -28.29
CA SER B 401 19.98 26.07 -27.50
C SER B 401 19.29 24.72 -27.36
N LEU B 402 17.97 24.72 -27.17
CA LEU B 402 17.24 23.47 -27.07
C LEU B 402 17.31 22.68 -28.37
N LEU B 403 17.26 23.36 -29.51
CA LEU B 403 17.38 22.61 -30.77
C LEU B 403 18.78 22.08 -31.00
N ILE B 404 19.82 22.83 -30.62
CA ILE B 404 21.15 22.26 -30.71
C ILE B 404 21.26 21.02 -29.83
N LYS B 405 20.76 21.10 -28.60
CA LYS B 405 20.80 19.94 -27.73
C LYS B 405 19.99 18.77 -28.29
N ALA B 406 18.83 19.03 -28.88
CA ALA B 406 18.01 17.94 -29.39
C ALA B 406 18.62 17.32 -30.64
N SER B 407 19.17 18.14 -31.54
CA SER B 407 19.85 17.58 -32.70
C SER B 407 21.04 16.73 -32.29
N ALA B 408 21.78 17.19 -31.27
CA ALA B 408 22.87 16.37 -30.76
C ALA B 408 22.35 15.07 -30.19
N GLU B 409 21.21 15.12 -29.50
CA GLU B 409 20.63 13.90 -28.94
C GLU B 409 20.24 12.92 -30.04
N VAL B 410 19.66 13.42 -31.13
CA VAL B 410 19.29 12.53 -32.22
C VAL B 410 20.53 11.94 -32.88
N LEU B 411 21.58 12.74 -33.04
CA LEU B 411 22.82 12.17 -33.56
C LEU B 411 23.33 11.07 -32.65
N ARG B 412 23.32 11.29 -31.34
CA ARG B 412 23.77 10.26 -30.42
C ARG B 412 22.96 8.98 -30.54
N ILE B 413 21.63 9.09 -30.54
CA ILE B 413 20.80 7.89 -30.57
C ILE B 413 20.93 7.15 -31.90
N LEU B 414 20.92 7.86 -33.02
CA LEU B 414 21.02 7.17 -34.30
C LEU B 414 22.39 6.52 -34.45
N PHE B 415 23.44 7.16 -33.94
CA PHE B 415 24.74 6.52 -33.99
C PHE B 415 24.75 5.27 -33.13
N GLU B 416 24.14 5.32 -31.94
CA GLU B 416 24.06 4.12 -31.12
C GLU B 416 23.33 3.00 -31.86
N ALA B 417 22.27 3.34 -32.58
CA ALA B 417 21.54 2.31 -33.32
C ALA B 417 22.40 1.72 -34.42
N ALA B 418 23.13 2.56 -35.16
CA ALA B 418 23.99 2.03 -36.22
C ALA B 418 25.07 1.13 -35.65
N VAL B 419 25.66 1.51 -34.53
CA VAL B 419 26.68 0.67 -33.91
C VAL B 419 26.07 -0.64 -33.44
N HIS B 420 24.84 -0.60 -32.92
CA HIS B 420 24.20 -1.84 -32.52
C HIS B 420 23.94 -2.74 -33.72
N ALA B 421 23.60 -2.15 -34.86
CA ALA B 421 23.43 -2.95 -36.07
C ALA B 421 24.74 -3.60 -36.47
N ILE B 422 25.84 -2.86 -36.41
CA ILE B 422 27.13 -3.43 -36.80
C ILE B 422 27.52 -4.55 -35.84
N LEU B 423 27.30 -4.36 -34.54
CA LEU B 423 27.57 -5.43 -33.59
C LEU B 423 26.74 -6.66 -33.88
N ALA B 424 25.46 -6.49 -34.15
CA ALA B 424 24.61 -7.65 -34.42
C ALA B 424 25.03 -8.37 -35.68
N PHE B 425 25.43 -7.62 -36.72
CA PHE B 425 25.86 -8.29 -37.94
C PHE B 425 27.16 -9.05 -37.72
N ASN B 426 28.07 -8.49 -36.94
CA ASN B 426 29.30 -9.22 -36.63
C ASN B 426 28.99 -10.48 -35.83
N GLU B 427 28.06 -10.38 -34.87
CA GLU B 427 27.69 -11.56 -34.11
C GLU B 427 27.05 -12.61 -35.00
N VAL B 428 26.30 -12.20 -36.02
CA VAL B 428 25.72 -13.16 -36.94
C VAL B 428 26.80 -13.82 -37.79
N LEU B 429 27.78 -13.05 -38.24
CA LEU B 429 28.90 -13.65 -38.96
C LEU B 429 29.59 -14.70 -38.10
N TYR B 430 29.82 -14.39 -36.82
CA TYR B 430 30.44 -15.36 -35.93
C TYR B 430 29.55 -16.57 -35.71
N ARG B 431 28.25 -16.36 -35.53
CA ARG B 431 27.33 -17.49 -35.34
C ARG B 431 27.31 -18.39 -36.56
N LEU B 432 27.34 -17.79 -37.75
CA LEU B 432 27.41 -18.57 -38.97
C LEU B 432 28.70 -19.38 -39.05
N LEU B 433 29.83 -18.76 -38.72
CA LEU B 433 31.10 -19.49 -38.77
C LEU B 433 31.13 -20.63 -37.76
N LYS B 434 30.53 -20.42 -36.58
CA LYS B 434 30.50 -21.49 -35.59
C LYS B 434 29.56 -22.60 -36.02
N GLU B 435 28.45 -22.25 -36.66
CA GLU B 435 27.52 -23.27 -37.11
C GLU B 435 28.09 -24.08 -38.27
N ALA B 436 28.87 -23.43 -39.13
CA ALA B 436 29.46 -24.08 -40.30
C ALA B 436 30.68 -24.91 -39.96
N GLY B 437 30.91 -25.19 -38.68
CA GLY B 437 31.98 -26.10 -38.26
C GLY B 437 33.38 -25.68 -38.67
N ALA B 438 33.77 -24.45 -38.34
CA ALA B 438 35.12 -24.00 -38.62
C ALA B 438 36.05 -24.47 -37.50
N ASP B 439 37.32 -24.13 -37.63
CA ASP B 439 38.33 -24.55 -36.66
C ASP B 439 38.12 -23.81 -35.34
N GLU B 440 38.78 -24.31 -34.29
CA GLU B 440 38.64 -23.70 -32.98
C GLU B 440 39.55 -22.50 -32.82
N GLU B 441 40.83 -22.62 -33.22
CA GLU B 441 41.72 -21.47 -33.22
C GLU B 441 41.21 -20.38 -34.14
N PHE B 442 40.67 -20.77 -35.30
CA PHE B 442 40.12 -19.81 -36.24
C PHE B 442 38.94 -19.07 -35.63
N LEU B 443 38.03 -19.79 -34.98
CA LEU B 443 36.90 -19.15 -34.33
C LEU B 443 37.34 -18.29 -33.16
N LYS B 444 38.43 -18.66 -32.49
CA LYS B 444 38.96 -17.80 -31.44
C LYS B 444 39.50 -16.50 -32.02
N GLU B 445 40.18 -16.56 -33.16
CA GLU B 445 40.64 -15.34 -33.81
C GLU B 445 39.47 -14.47 -34.23
N ILE B 446 38.40 -15.08 -34.73
CA ILE B 446 37.23 -14.31 -35.13
C ILE B 446 36.55 -13.69 -33.91
N GLU B 447 36.44 -14.42 -32.81
CA GLU B 447 35.79 -13.84 -31.65
C GLU B 447 36.65 -12.75 -31.01
N ILE B 448 37.98 -12.84 -31.13
CA ILE B 448 38.77 -11.75 -30.60
C ILE B 448 38.73 -10.53 -31.52
N LYS B 449 38.64 -10.72 -32.83
CA LYS B 449 38.43 -9.56 -33.69
C LYS B 449 37.06 -8.92 -33.47
N LEU B 450 36.05 -9.73 -33.16
CA LEU B 450 34.76 -9.16 -32.80
C LEU B 450 34.81 -8.43 -31.47
N ALA B 451 35.61 -8.93 -30.52
CA ALA B 451 35.83 -8.18 -29.30
C ALA B 451 36.52 -6.86 -29.60
N GLU B 452 37.44 -6.85 -30.56
CA GLU B 452 38.03 -5.59 -31.03
C GLU B 452 36.95 -4.64 -31.53
N ILE B 453 36.06 -5.15 -32.38
CA ILE B 453 34.96 -4.33 -32.89
C ILE B 453 34.19 -3.73 -31.73
N GLU B 454 33.87 -4.54 -30.73
CA GLU B 454 33.06 -4.03 -29.62
C GLU B 454 33.83 -3.03 -28.77
N MET B 455 35.12 -3.27 -28.54
CA MET B 455 35.92 -2.30 -27.78
C MET B 455 35.95 -0.95 -28.48
N LYS B 456 36.31 -0.94 -29.77
CA LYS B 456 36.38 0.33 -30.48
C LYS B 456 35.01 0.95 -30.63
N ALA B 457 33.95 0.14 -30.65
CA ALA B 457 32.61 0.71 -30.69
C ALA B 457 32.26 1.40 -29.38
N LEU B 458 32.59 0.78 -28.25
CA LEU B 458 32.35 1.44 -26.97
C LEU B 458 33.15 2.73 -26.87
N VAL B 459 34.40 2.70 -27.32
CA VAL B 459 35.22 3.90 -27.28
C VAL B 459 34.61 4.98 -28.16
N ALA B 460 34.14 4.61 -29.35
CA ALA B 460 33.51 5.59 -30.23
C ALA B 460 32.26 6.17 -29.59
N LYS B 461 31.47 5.32 -28.94
CA LYS B 461 30.26 5.82 -28.29
C LYS B 461 30.60 6.84 -27.22
N ASN B 462 31.60 6.55 -26.39
CA ASN B 462 31.92 7.49 -25.33
C ASN B 462 32.62 8.73 -25.86
N LYS B 463 33.31 8.63 -27.00
CA LYS B 463 33.87 9.84 -27.61
C LYS B 463 32.76 10.74 -28.15
N LEU B 464 31.76 10.15 -28.79
CA LEU B 464 30.59 10.91 -29.18
C LEU B 464 29.93 11.55 -27.97
N GLU B 465 29.83 10.80 -26.86
CA GLU B 465 29.24 11.37 -25.65
C GLU B 465 30.06 12.54 -25.12
N SER B 466 31.39 12.44 -25.18
CA SER B 466 32.22 13.53 -24.69
C SER B 466 32.06 14.78 -25.54
N ILE B 467 32.09 14.63 -26.87
CA ILE B 467 31.93 15.81 -27.71
C ILE B 467 30.55 16.41 -27.53
N LEU B 468 29.53 15.58 -27.41
CA LEU B 468 28.20 16.09 -27.11
C LEU B 468 28.19 16.83 -25.79
N SER B 469 28.94 16.34 -24.80
CA SER B 469 29.02 17.02 -23.52
C SER B 469 29.65 18.40 -23.67
N ALA B 470 30.69 18.51 -24.48
CA ALA B 470 31.31 19.82 -24.70
C ALA B 470 30.35 20.78 -25.36
N ILE B 471 29.62 20.30 -26.38
CA ILE B 471 28.63 21.16 -27.03
C ILE B 471 27.57 21.61 -26.05
N ASP B 472 27.07 20.69 -25.22
CA ASP B 472 26.04 21.10 -24.27
C ASP B 472 26.58 22.06 -23.22
N MET B 473 27.85 21.91 -22.84
CA MET B 473 28.48 22.86 -21.94
C MET B 473 28.48 24.26 -22.55
N LYS B 474 29.02 24.38 -23.76
CA LYS B 474 29.02 25.67 -24.45
C LYS B 474 27.61 26.21 -24.63
N ALA B 475 26.63 25.33 -24.82
CA ALA B 475 25.25 25.79 -25.04
C ALA B 475 24.65 26.37 -23.77
N LYS B 476 24.69 25.61 -22.67
CA LYS B 476 24.14 26.13 -21.42
C LYS B 476 24.89 27.38 -20.99
N ARG B 477 26.17 27.49 -21.32
CA ARG B 477 26.87 28.74 -21.04
C ARG B 477 26.34 29.89 -21.88
N GLY B 478 25.69 29.61 -23.00
CA GLY B 478 25.08 30.66 -23.80
C GLY B 478 25.89 31.06 -25.01
N ALA B 479 26.45 30.10 -25.72
CA ALA B 479 27.28 30.41 -26.86
C ALA B 479 26.43 30.91 -28.02
N SER B 480 27.10 31.47 -29.01
CA SER B 480 26.44 31.96 -30.21
C SER B 480 25.99 30.79 -31.08
N GLU B 481 24.93 31.04 -31.86
CA GLU B 481 24.29 29.95 -32.59
C GLU B 481 25.12 29.49 -33.77
N GLU B 482 25.82 30.42 -34.42
CA GLU B 482 26.70 30.09 -35.52
C GLU B 482 27.81 29.19 -35.00
N GLU B 483 28.31 29.52 -33.80
CA GLU B 483 29.36 28.76 -33.16
C GLU B 483 28.90 27.33 -32.88
N LEU B 484 27.70 27.17 -32.33
CA LEU B 484 27.19 25.82 -32.05
C LEU B 484 26.88 25.07 -33.33
N LYS B 485 26.47 25.77 -34.39
CA LYS B 485 26.27 25.08 -35.66
C LYS B 485 27.58 24.51 -36.18
N GLU B 486 28.67 25.28 -36.08
CA GLU B 486 29.96 24.75 -36.51
C GLU B 486 30.42 23.60 -35.61
N LEU B 487 30.19 23.72 -34.30
CA LEU B 487 30.57 22.63 -33.41
C LEU B 487 29.75 21.37 -33.68
N LEU B 488 28.48 21.53 -34.06
CA LEU B 488 27.66 20.38 -34.38
C LEU B 488 28.07 19.78 -35.72
N ARG B 489 28.48 20.61 -36.68
CA ARG B 489 29.08 20.09 -37.89
C ARG B 489 30.29 19.24 -37.57
N GLU B 490 31.11 19.69 -36.63
CA GLU B 490 32.27 18.90 -36.24
C GLU B 490 31.86 17.58 -35.60
N LEU B 491 30.87 17.60 -34.71
CA LEU B 491 30.42 16.35 -34.09
C LEU B 491 29.88 15.39 -35.15
N LYS B 492 29.17 15.91 -36.14
CA LYS B 492 28.64 15.04 -37.18
C LYS B 492 29.77 14.47 -38.03
N LYS B 493 30.76 15.27 -38.36
CA LYS B 493 31.93 14.74 -39.06
C LYS B 493 32.57 13.62 -38.26
N THR B 494 32.72 13.83 -36.95
CA THR B 494 33.36 12.82 -36.12
C THR B 494 32.55 11.54 -36.06
N VAL B 495 31.23 11.64 -35.90
CA VAL B 495 30.43 10.43 -35.81
C VAL B 495 30.41 9.68 -37.14
N GLU B 496 30.35 10.40 -38.26
CA GLU B 496 30.38 9.70 -39.54
C GLU B 496 31.73 9.05 -39.76
N ASP B 497 32.81 9.73 -39.39
CA ASP B 497 34.13 9.13 -39.52
C ASP B 497 34.25 7.87 -38.68
N MET B 498 33.72 7.91 -37.46
CA MET B 498 33.85 6.74 -36.59
C MET B 498 32.98 5.59 -37.08
N LEU B 499 31.79 5.88 -37.59
CA LEU B 499 30.99 4.83 -38.20
C LEU B 499 31.68 4.22 -39.40
N ARG B 500 32.28 5.06 -40.25
CA ARG B 500 32.98 4.52 -41.40
C ARG B 500 34.16 3.66 -40.98
N GLU B 501 34.90 4.10 -39.95
CA GLU B 501 36.02 3.31 -39.47
C GLU B 501 35.57 1.99 -38.88
N LEU B 502 34.49 2.01 -38.10
CA LEU B 502 34.01 0.79 -37.47
C LEU B 502 33.50 -0.18 -38.53
N GLU B 503 32.82 0.33 -39.55
CA GLU B 503 32.39 -0.53 -40.64
C GLU B 503 33.58 -1.11 -41.39
N ARG B 504 34.61 -0.31 -41.60
CA ARG B 504 35.81 -0.83 -42.27
C ARG B 504 36.47 -1.91 -41.44
N LEU B 505 36.54 -1.71 -40.13
CA LEU B 505 37.14 -2.72 -39.26
C LEU B 505 36.32 -4.01 -39.26
N SER B 506 34.99 -3.88 -39.24
CA SER B 506 34.16 -5.07 -39.32
C SER B 506 34.32 -5.79 -40.66
N GLU B 507 34.43 -5.03 -41.74
CA GLU B 507 34.61 -5.65 -43.04
C GLU B 507 35.96 -6.34 -43.14
N GLU B 508 36.99 -5.76 -42.54
CA GLU B 508 38.28 -6.44 -42.49
C GLU B 508 38.22 -7.69 -41.63
N SER B 509 37.43 -7.68 -40.57
CA SER B 509 37.19 -8.90 -39.80
C SER B 509 36.53 -9.96 -40.66
N ARG B 510 35.51 -9.58 -41.43
CA ARG B 510 34.83 -10.52 -42.31
C ARG B 510 35.77 -11.06 -43.39
N ARG B 511 36.68 -10.22 -43.87
CA ARG B 511 37.65 -10.67 -44.86
C ARG B 511 38.65 -11.65 -44.26
N ILE B 512 39.13 -11.36 -43.04
CA ILE B 512 39.98 -12.31 -42.34
C ILE B 512 39.25 -13.62 -42.15
N ALA B 513 37.93 -13.57 -41.90
CA ALA B 513 37.14 -14.79 -41.81
C ALA B 513 37.17 -15.55 -43.13
N GLU B 514 36.63 -14.96 -44.18
CA GLU B 514 36.59 -15.64 -45.48
C GLU B 514 37.60 -15.06 -46.46
N SER C 15 45.01 -15.67 -25.88
CA SER C 15 45.21 -15.35 -24.46
C SER C 15 45.80 -13.96 -24.30
N GLU C 16 47.12 -13.84 -24.51
CA GLU C 16 47.78 -12.54 -24.35
C GLU C 16 47.22 -11.51 -25.31
N LYS C 17 46.68 -11.94 -26.45
CA LYS C 17 46.15 -10.99 -27.42
C LYS C 17 44.91 -10.29 -26.87
N ALA C 18 44.09 -11.01 -26.11
CA ALA C 18 42.96 -10.36 -25.47
C ALA C 18 43.44 -9.36 -24.42
N LEU C 19 44.50 -9.71 -23.69
CA LEU C 19 45.05 -8.74 -22.75
C LEU C 19 45.53 -7.48 -23.48
N GLU C 20 46.17 -7.64 -24.63
CA GLU C 20 46.61 -6.46 -25.37
C GLU C 20 45.46 -5.66 -25.94
N ILE C 21 44.38 -6.32 -26.35
CA ILE C 21 43.23 -5.58 -26.88
C ILE C 21 42.58 -4.77 -25.76
N LEU C 22 42.48 -5.35 -24.57
CA LEU C 22 41.92 -4.60 -23.46
C LEU C 22 42.85 -3.49 -23.04
N ARG C 23 44.17 -3.72 -23.13
CA ARG C 23 45.11 -2.66 -22.83
C ARG C 23 44.94 -1.50 -23.79
N GLU C 24 44.70 -1.79 -25.07
CA GLU C 24 44.49 -0.71 -26.02
C GLU C 24 43.20 0.04 -25.74
N ALA C 25 42.12 -0.68 -25.43
CA ALA C 25 40.86 0.00 -25.13
C ALA C 25 40.98 0.85 -23.87
N LEU C 26 41.68 0.35 -22.85
CA LEU C 26 41.84 1.14 -21.63
C LEU C 26 42.76 2.34 -21.86
N LYS C 27 43.75 2.20 -22.74
CA LYS C 27 44.56 3.35 -23.09
C LYS C 27 43.72 4.41 -23.78
N GLU C 28 42.85 4.00 -24.71
CA GLU C 28 42.00 4.98 -25.37
C GLU C 28 41.01 5.62 -24.40
N LEU C 29 40.51 4.85 -23.43
CA LEU C 29 39.59 5.43 -22.46
C LEU C 29 40.31 6.39 -21.51
N GLU C 30 41.55 6.06 -21.13
CA GLU C 30 42.35 7.02 -20.38
C GLU C 30 42.57 8.29 -21.20
N ASP C 31 42.80 8.15 -22.50
CA ASP C 31 43.02 9.33 -23.33
C ASP C 31 41.77 10.19 -23.42
N ILE C 32 40.61 9.56 -23.63
CA ILE C 32 39.39 10.34 -23.71
C ILE C 32 39.07 10.98 -22.36
N ALA C 33 39.41 10.33 -21.25
CA ALA C 33 39.21 10.98 -19.97
C ALA C 33 40.09 12.21 -19.83
N LYS C 34 41.35 12.10 -20.23
CA LYS C 34 42.23 13.26 -20.20
C LYS C 34 41.70 14.38 -21.08
N GLU C 35 41.22 14.03 -22.27
CA GLU C 35 40.68 15.04 -23.16
C GLU C 35 39.42 15.67 -22.59
N GLN C 36 38.62 14.92 -21.85
CA GLN C 36 37.44 15.49 -21.23
C GLN C 36 37.82 16.45 -20.10
N ARG C 37 38.86 16.10 -19.36
CA ARG C 37 39.35 17.06 -18.37
C ARG C 37 39.83 18.34 -19.03
N LYS C 38 40.50 18.21 -20.18
CA LYS C 38 40.93 19.41 -20.89
C LYS C 38 39.73 20.21 -21.38
N ILE C 39 38.68 19.54 -21.83
CA ILE C 39 37.47 20.25 -22.25
C ILE C 39 36.85 21.00 -21.07
N LEU C 40 36.81 20.37 -19.90
CA LEU C 40 36.31 21.08 -18.72
C LEU C 40 37.16 22.29 -18.41
N LYS C 41 38.48 22.15 -18.47
CA LYS C 41 39.34 23.30 -18.19
C LYS C 41 39.11 24.41 -19.20
N ASP C 42 38.91 24.05 -20.47
CA ASP C 42 38.64 25.06 -21.48
C ASP C 42 37.33 25.80 -21.20
N ALA C 43 36.28 25.05 -20.88
CA ALA C 43 35.00 25.70 -20.62
C ALA C 43 35.06 26.55 -19.36
N LEU C 44 35.75 26.07 -18.33
CA LEU C 44 35.89 26.87 -17.12
C LEU C 44 36.69 28.13 -17.39
N ASP C 45 37.72 28.03 -18.23
CA ASP C 45 38.49 29.21 -18.60
C ASP C 45 37.61 30.23 -19.32
N GLU C 46 36.79 29.75 -20.25
CA GLU C 46 35.87 30.65 -20.95
C GLU C 46 34.91 31.32 -19.98
N LEU C 47 34.36 30.55 -19.03
CA LEU C 47 33.46 31.12 -18.05
C LEU C 47 34.15 32.16 -17.19
N ARG C 48 35.37 31.88 -16.76
CA ARG C 48 36.11 32.83 -15.93
C ARG C 48 36.45 34.09 -16.71
N GLU C 49 36.74 33.96 -18.00
CA GLU C 49 36.99 35.15 -18.81
C GLU C 49 35.73 35.98 -18.98
N GLU C 50 34.58 35.34 -19.17
CA GLU C 50 33.34 36.10 -19.22
C GLU C 50 33.10 36.84 -17.91
N ALA C 51 33.34 36.16 -16.78
CA ALA C 51 33.14 36.81 -15.48
C ALA C 51 34.08 38.00 -15.31
N GLU C 52 35.34 37.84 -15.68
CA GLU C 52 36.29 38.94 -15.55
C GLU C 52 35.92 40.10 -16.47
N LYS C 53 35.41 39.78 -17.66
CA LYS C 53 34.99 40.86 -18.56
C LYS C 53 33.78 41.59 -18.02
N LEU C 54 32.90 40.89 -17.32
CA LEU C 54 31.75 41.56 -16.71
C LEU C 54 32.13 42.33 -15.46
N ARG C 55 33.24 41.96 -14.80
CA ARG C 55 33.65 42.68 -13.60
C ARG C 55 33.82 44.16 -13.87
N GLU C 56 34.37 44.52 -15.03
CA GLU C 56 34.51 45.93 -15.37
C GLU C 56 33.18 46.54 -15.81
N ASP C 57 32.44 45.84 -16.66
CA ASP C 57 31.19 46.35 -17.19
C ASP C 57 30.02 46.04 -16.27
N ASP C 60 26.87 47.44 -12.89
CA ASP C 60 25.88 47.46 -11.84
C ASP C 60 26.28 46.57 -10.66
N GLU C 61 25.65 46.79 -9.51
CA GLU C 61 25.79 45.85 -8.41
C GLU C 61 24.88 44.64 -8.60
N GLU C 62 23.64 44.86 -9.04
CA GLU C 62 22.71 43.76 -9.25
C GLU C 62 23.14 42.90 -10.42
N GLU C 63 23.64 43.52 -11.49
CA GLU C 63 24.18 42.79 -12.63
C GLU C 63 25.20 41.75 -12.16
N ILE C 64 26.19 42.20 -11.40
CA ILE C 64 27.22 41.28 -10.91
C ILE C 64 26.62 40.27 -9.93
N ASN C 65 25.86 40.75 -8.95
CA ASN C 65 25.31 39.88 -7.92
C ASN C 65 24.45 38.77 -8.51
N LYS C 66 23.87 38.99 -9.69
CA LYS C 66 23.06 37.96 -10.33
C LYS C 66 23.87 37.09 -11.28
N ARG C 67 24.70 37.72 -12.12
CA ARG C 67 25.42 36.97 -13.13
C ARG C 67 26.50 36.09 -12.52
N LEU C 68 27.10 36.50 -11.40
CA LEU C 68 28.10 35.65 -10.78
C LEU C 68 27.48 34.37 -10.23
N ASN C 69 26.27 34.48 -9.68
CA ASN C 69 25.57 33.29 -9.22
C ASN C 69 25.15 32.41 -10.40
N GLU C 70 24.68 33.01 -11.48
CA GLU C 70 24.35 32.20 -12.65
C GLU C 70 25.59 31.50 -13.20
N LEU C 71 26.74 32.18 -13.14
CA LEU C 71 27.96 31.60 -13.69
C LEU C 71 28.46 30.46 -12.81
N MET C 72 28.40 30.62 -11.49
CA MET C 72 28.79 29.51 -10.63
C MET C 72 27.83 28.33 -10.80
N LYS C 73 26.55 28.62 -11.02
CA LYS C 73 25.59 27.53 -11.25
C LYS C 73 25.93 26.77 -12.52
N ILE C 74 26.21 27.48 -13.61
CA ILE C 74 26.51 26.76 -14.84
C ILE C 74 27.88 26.10 -14.78
N ALA C 75 28.80 26.63 -13.97
CA ALA C 75 30.09 25.97 -13.83
C ALA C 75 29.94 24.66 -13.05
N VAL C 76 29.12 24.66 -12.01
CA VAL C 76 28.86 23.40 -11.31
C VAL C 76 28.10 22.45 -12.21
N GLU C 77 27.24 22.97 -13.08
CA GLU C 77 26.62 22.09 -14.07
C GLU C 77 27.66 21.46 -15.00
N ALA C 78 28.67 22.24 -15.40
CA ALA C 78 29.74 21.69 -16.22
C ALA C 78 30.51 20.61 -15.48
N LEU C 79 30.78 20.83 -14.19
CA LEU C 79 31.46 19.79 -13.41
C LEU C 79 30.62 18.53 -13.27
N GLU C 80 29.33 18.69 -12.99
CA GLU C 80 28.45 17.53 -12.91
C GLU C 80 28.42 16.78 -14.24
N LEU C 81 28.49 17.51 -15.35
CA LEU C 81 28.49 16.85 -16.65
C LEU C 81 29.79 16.09 -16.88
N THR C 82 30.93 16.67 -16.49
CA THR C 82 32.17 15.95 -16.66
C THR C 82 32.25 14.73 -15.75
N ILE C 83 31.63 14.81 -14.58
CA ILE C 83 31.54 13.62 -13.74
C ILE C 83 30.70 12.56 -14.42
N GLU C 84 29.60 12.96 -15.06
CA GLU C 84 28.80 11.98 -15.78
C GLU C 84 29.61 11.32 -16.89
N VAL C 85 30.39 12.09 -17.63
CA VAL C 85 31.20 11.50 -18.69
C VAL C 85 32.22 10.54 -18.11
N LEU C 86 32.85 10.90 -17.00
CA LEU C 86 33.84 10.01 -16.41
C LEU C 86 33.20 8.73 -15.89
N ARG C 87 32.00 8.82 -15.34
CA ARG C 87 31.33 7.61 -14.88
C ARG C 87 30.95 6.71 -16.05
N SER C 88 30.51 7.30 -17.17
CA SER C 88 30.25 6.48 -18.35
C SER C 88 31.52 5.81 -18.83
N LEU C 89 32.65 6.51 -18.75
CA LEU C 89 33.92 5.87 -19.11
C LEU C 89 34.23 4.70 -18.19
N ALA C 90 33.97 4.85 -16.91
CA ALA C 90 34.19 3.74 -15.97
C ALA C 90 33.32 2.54 -16.32
N GLU C 91 32.04 2.78 -16.61
CA GLU C 91 31.17 1.68 -16.97
C GLU C 91 31.63 1.00 -18.24
N SER C 92 32.10 1.78 -19.22
CA SER C 92 32.59 1.16 -20.45
C SER C 92 33.85 0.34 -20.20
N ALA C 93 34.71 0.79 -19.28
CA ALA C 93 35.89 -0.01 -18.96
C ALA C 93 35.49 -1.32 -18.28
N LEU C 94 34.50 -1.27 -17.39
CA LEU C 94 34.00 -2.51 -16.81
C LEU C 94 33.48 -3.44 -17.88
N ARG C 95 32.71 -2.92 -18.83
CA ARG C 95 32.21 -3.75 -19.91
C ARG C 95 33.35 -4.34 -20.75
N ALA C 96 34.43 -3.58 -20.92
CA ALA C 96 35.59 -4.12 -21.64
C ALA C 96 36.20 -5.29 -20.88
N LEU C 97 36.33 -5.16 -19.57
CA LEU C 97 36.85 -6.29 -18.79
C LEU C 97 35.91 -7.48 -18.87
N GLU C 98 34.60 -7.24 -18.86
CA GLU C 98 33.64 -8.32 -19.02
C GLU C 98 33.86 -9.05 -20.34
N LEU C 99 34.12 -8.29 -21.41
CA LEU C 99 34.40 -8.93 -22.69
C LEU C 99 35.65 -9.80 -22.61
N LEU C 100 36.70 -9.24 -22.02
CA LEU C 100 37.98 -9.92 -21.89
C LEU C 100 37.91 -11.19 -21.04
N LEU C 101 37.16 -11.15 -19.95
CA LEU C 101 37.04 -12.32 -19.09
C LEU C 101 36.37 -13.46 -19.86
N LYS C 102 35.34 -13.14 -20.63
CA LYS C 102 34.65 -14.13 -21.44
C LYS C 102 35.60 -14.67 -22.49
N LEU C 103 36.41 -13.78 -23.06
CA LEU C 103 37.36 -14.14 -24.09
C LEU C 103 38.58 -14.85 -23.53
N ALA C 104 38.60 -15.14 -22.23
CA ALA C 104 39.76 -15.81 -21.65
C ALA C 104 39.45 -16.94 -20.66
N GLU C 105 40.15 -18.05 -20.81
CA GLU C 105 40.00 -19.19 -19.91
C GLU C 105 41.21 -19.27 -18.97
N ASP C 106 42.30 -18.62 -19.38
CA ASP C 106 43.55 -18.61 -18.62
C ASP C 106 43.46 -17.72 -17.38
N HIS C 107 44.25 -18.06 -16.35
CA HIS C 107 44.24 -17.27 -15.13
C HIS C 107 45.23 -16.11 -15.18
N LYS C 108 46.39 -16.29 -15.80
CA LYS C 108 47.39 -15.22 -15.82
C LYS C 108 46.86 -13.99 -16.52
N VAL C 109 46.27 -14.15 -17.70
CA VAL C 109 45.74 -13.01 -18.42
C VAL C 109 44.58 -12.38 -17.66
N ILE C 110 43.75 -13.19 -17.01
CA ILE C 110 42.64 -12.65 -16.23
C ILE C 110 43.15 -11.76 -15.11
N GLU C 111 44.15 -12.25 -14.36
CA GLU C 111 44.69 -11.44 -13.28
C GLU C 111 45.35 -10.18 -13.81
N GLU C 112 46.07 -10.28 -14.92
CA GLU C 112 46.70 -9.09 -15.49
C GLU C 112 45.65 -8.08 -15.92
N ALA C 113 44.53 -8.55 -16.48
CA ALA C 113 43.47 -7.66 -16.89
C ALA C 113 42.83 -6.96 -15.70
N VAL C 114 42.61 -7.70 -14.61
CA VAL C 114 42.03 -7.05 -13.44
C VAL C 114 42.99 -6.02 -12.86
N LYS C 115 44.28 -6.34 -12.82
CA LYS C 115 45.26 -5.36 -12.33
C LYS C 115 45.25 -4.11 -13.20
N LEU C 116 45.23 -4.28 -14.52
CA LEU C 116 45.21 -3.13 -15.42
C LEU C 116 43.94 -2.31 -15.26
N LEU C 117 42.79 -2.99 -15.09
CA LEU C 117 41.55 -2.24 -14.95
C LEU C 117 41.49 -1.49 -13.63
N LEU C 118 42.04 -2.07 -12.57
CA LEU C 118 42.11 -1.32 -11.31
C LEU C 118 43.01 -0.11 -11.47
N GLU C 119 44.12 -0.26 -12.16
CA GLU C 119 44.96 0.91 -12.41
C GLU C 119 44.20 1.97 -13.19
N PHE C 120 43.41 1.55 -14.18
CA PHE C 120 42.68 2.54 -14.97
C PHE C 120 41.63 3.24 -14.13
N LEU C 121 40.92 2.51 -13.27
CA LEU C 121 39.92 3.18 -12.45
C LEU C 121 40.57 4.08 -11.40
N LYS C 122 41.77 3.76 -10.96
CA LYS C 122 42.53 4.70 -10.15
C LYS C 122 42.82 5.98 -10.92
N LYS C 123 43.32 5.87 -12.16
CA LYS C 123 43.58 7.07 -12.95
C LYS C 123 42.30 7.84 -13.25
N LEU C 124 41.18 7.15 -13.40
CA LEU C 124 39.93 7.84 -13.67
C LEU C 124 39.46 8.63 -12.46
N ALA C 125 39.50 8.03 -11.28
CA ALA C 125 39.17 8.80 -10.08
C ALA C 125 40.15 9.94 -9.88
N GLU C 126 41.39 9.76 -10.28
CA GLU C 126 42.35 10.88 -10.19
C GLU C 126 41.93 12.02 -11.11
N VAL C 127 41.51 11.72 -12.33
CA VAL C 127 41.04 12.77 -13.22
C VAL C 127 39.81 13.44 -12.63
N ALA C 128 38.93 12.67 -12.00
CA ALA C 128 37.76 13.28 -11.37
C ALA C 128 38.15 14.19 -10.23
N GLU C 129 39.17 13.82 -9.46
CA GLU C 129 39.66 14.71 -8.41
C GLU C 129 40.23 15.99 -9.01
N GLU C 130 40.94 15.88 -10.13
CA GLU C 130 41.45 17.09 -10.78
C GLU C 130 40.32 17.98 -11.26
N ALA C 131 39.25 17.38 -11.78
CA ALA C 131 38.10 18.19 -12.21
C ALA C 131 37.44 18.88 -11.03
N ASN C 132 37.27 18.17 -9.92
CA ASN C 132 36.72 18.81 -8.73
C ASN C 132 37.60 19.95 -8.27
N ARG C 133 38.92 19.75 -8.26
CA ARG C 133 39.82 20.81 -7.83
C ARG C 133 39.70 22.01 -8.75
N LEU C 134 39.54 21.77 -10.05
CA LEU C 134 39.35 22.89 -10.97
C LEU C 134 38.07 23.65 -10.66
N ALA C 135 36.97 22.93 -10.42
CA ALA C 135 35.72 23.61 -10.12
C ALA C 135 35.84 24.44 -8.84
N LEU C 136 36.51 23.92 -7.83
CA LEU C 136 36.62 24.67 -6.59
C LEU C 136 37.56 25.86 -6.72
N GLU C 137 38.68 25.70 -7.42
CA GLU C 137 39.55 26.84 -7.62
C GLU C 137 38.87 27.90 -8.49
N PHE C 138 38.00 27.49 -9.40
CA PHE C 138 37.24 28.49 -10.15
C PHE C 138 36.22 29.19 -9.28
N LEU C 139 35.57 28.47 -8.38
CA LEU C 139 34.69 29.14 -7.44
C LEU C 139 35.46 30.13 -6.56
N GLU C 140 36.71 29.80 -6.23
CA GLU C 140 37.53 30.74 -5.48
C GLU C 140 37.87 31.98 -6.31
N GLU C 141 38.29 31.77 -7.55
CA GLU C 141 38.54 32.91 -8.44
C GLU C 141 37.27 33.73 -8.63
N LEU C 142 36.10 33.11 -8.47
CA LEU C 142 34.86 33.85 -8.57
C LEU C 142 34.57 34.64 -7.31
N ILE C 143 34.83 34.07 -6.13
CA ILE C 143 34.64 34.82 -4.90
C ILE C 143 35.64 35.97 -4.80
N GLU C 144 36.70 35.89 -5.59
CA GLU C 144 37.62 36.99 -5.68
C GLU C 144 36.86 38.15 -6.33
N LEU C 145 35.94 37.81 -7.24
CA LEU C 145 35.23 38.80 -8.03
C LEU C 145 34.05 39.40 -7.27
N GLY C 146 33.57 38.75 -6.23
CA GLY C 146 32.56 39.35 -5.40
C GLY C 146 31.20 38.71 -5.52
N GLY C 147 31.15 37.44 -5.88
CA GLY C 147 29.90 36.74 -5.95
C GLY C 147 29.31 36.53 -4.57
N ASP C 148 28.17 35.83 -4.54
CA ASP C 148 27.56 35.50 -3.27
C ASP C 148 28.46 34.55 -2.49
N VAL C 149 28.15 34.41 -1.20
CA VAL C 149 28.82 33.47 -0.34
C VAL C 149 27.94 32.25 -0.06
N GLU C 150 26.65 32.46 0.18
CA GLU C 150 25.76 31.31 0.33
C GLU C 150 25.62 30.56 -0.98
N ALA C 151 25.47 31.28 -2.09
CA ALA C 151 25.36 30.61 -3.38
C ALA C 151 26.66 29.91 -3.75
N ALA C 152 27.81 30.53 -3.48
CA ALA C 152 29.08 29.87 -3.74
C ALA C 152 29.23 28.62 -2.89
N ALA C 153 28.81 28.69 -1.63
CA ALA C 153 28.88 27.51 -0.79
C ALA C 153 27.94 26.41 -1.29
N LYS C 154 26.76 26.79 -1.78
CA LYS C 154 25.83 25.79 -2.29
C LYS C 154 26.36 25.14 -3.56
N ALA C 155 26.94 25.93 -4.45
CA ALA C 155 27.55 25.38 -5.66
C ALA C 155 28.70 24.45 -5.29
N SER C 156 29.50 24.82 -4.30
CA SER C 156 30.58 23.94 -3.87
C SER C 156 30.04 22.64 -3.28
N LYS C 157 28.95 22.72 -2.53
CA LYS C 157 28.36 21.51 -1.97
C LYS C 157 27.81 20.61 -3.07
N GLU C 158 27.21 21.21 -4.10
CA GLU C 158 26.76 20.40 -5.24
C GLU C 158 27.94 19.74 -5.96
N ALA C 159 29.04 20.47 -6.10
CA ALA C 159 30.23 19.87 -6.69
C ALA C 159 30.70 18.67 -5.88
N ALA C 160 30.79 18.83 -4.57
CA ALA C 160 31.23 17.73 -3.73
C ALA C 160 30.24 16.57 -3.75
N ARG C 161 28.95 16.85 -3.88
CA ARG C 161 28.00 15.75 -3.92
C ARG C 161 28.09 14.98 -5.23
N ALA C 162 28.26 15.66 -6.34
CA ALA C 162 28.50 14.94 -7.59
C ALA C 162 29.78 14.14 -7.54
N SER C 163 30.82 14.69 -6.90
CA SER C 163 32.07 13.94 -6.76
C SER C 163 31.87 12.70 -5.90
N ALA C 164 31.12 12.81 -4.82
CA ALA C 164 30.86 11.63 -3.99
C ALA C 164 30.02 10.61 -4.74
N GLU C 165 29.11 11.06 -5.60
CA GLU C 165 28.36 10.14 -6.42
C GLU C 165 29.28 9.38 -7.36
N PHE C 166 30.26 10.08 -7.94
CA PHE C 166 31.23 9.38 -8.78
C PHE C 166 32.03 8.38 -7.96
N ALA C 167 32.40 8.74 -6.74
CA ALA C 167 33.14 7.80 -5.91
C ALA C 167 32.31 6.54 -5.64
N ARG C 168 31.01 6.71 -5.38
CA ARG C 168 30.17 5.53 -5.16
C ARG C 168 30.03 4.70 -6.43
N ALA C 169 29.92 5.34 -7.58
CA ALA C 169 29.84 4.57 -8.82
C ALA C 169 31.11 3.77 -9.05
N ILE C 170 32.27 4.37 -8.77
CA ILE C 170 33.51 3.63 -8.93
C ILE C 170 33.58 2.48 -7.93
N VAL C 171 33.11 2.69 -6.70
CA VAL C 171 33.11 1.59 -5.74
C VAL C 171 32.25 0.44 -6.24
N GLU C 172 31.10 0.76 -6.83
CA GLU C 172 30.26 -0.33 -7.33
C GLU C 172 30.90 -1.02 -8.53
N ILE C 173 31.60 -0.28 -9.38
CA ILE C 173 32.28 -0.93 -10.49
C ILE C 173 33.40 -1.82 -9.98
N LEU C 174 34.10 -1.39 -8.93
CA LEU C 174 35.13 -2.25 -8.34
C LEU C 174 34.52 -3.51 -7.76
N GLU C 175 33.38 -3.39 -7.10
CA GLU C 175 32.71 -4.57 -6.57
C GLU C 175 32.29 -5.50 -7.71
N GLU C 176 31.82 -4.94 -8.82
CA GLU C 176 31.44 -5.78 -9.95
C GLU C 176 32.65 -6.47 -10.56
N VAL C 177 33.80 -5.80 -10.61
CA VAL C 177 35.01 -6.45 -11.10
C VAL C 177 35.43 -7.58 -10.18
N ALA C 178 35.38 -7.34 -8.87
CA ALA C 178 35.68 -8.42 -7.94
C ALA C 178 34.73 -9.60 -8.14
N ARG C 179 33.46 -9.31 -8.38
CA ARG C 179 32.50 -10.39 -8.58
C ARG C 179 32.76 -11.15 -9.88
N LEU C 180 33.11 -10.45 -10.95
CA LEU C 180 33.46 -11.15 -12.19
C LEU C 180 34.68 -12.03 -11.99
N ALA C 181 35.71 -11.50 -11.32
CA ALA C 181 36.90 -12.31 -11.06
C ALA C 181 36.57 -13.52 -10.22
N ILE C 182 35.69 -13.37 -9.24
CA ILE C 182 35.28 -14.51 -8.42
C ILE C 182 34.55 -15.54 -9.28
N GLU C 183 33.67 -15.07 -10.16
CA GLU C 183 32.84 -15.98 -10.94
C GLU C 183 33.67 -16.75 -11.97
N PHE C 184 34.64 -16.09 -12.60
CA PHE C 184 35.40 -16.73 -13.67
C PHE C 184 36.77 -17.20 -13.19
N ILE C 185 36.86 -17.54 -11.90
CA ILE C 185 38.11 -18.00 -11.30
C ILE C 185 37.98 -19.30 -10.50
N GLU C 186 38.89 -20.24 -10.72
CA GLU C 186 38.86 -21.53 -10.03
C GLU C 186 39.96 -21.83 -8.99
N ASP C 187 40.75 -20.83 -8.59
CA ASP C 187 41.83 -21.08 -7.63
C ASP C 187 41.92 -20.09 -6.45
N GLU C 188 42.50 -20.55 -5.35
CA GLU C 188 42.65 -19.71 -4.16
C GLU C 188 43.89 -18.83 -4.12
N LYS C 189 45.01 -19.34 -4.61
CA LYS C 189 46.26 -18.59 -4.56
C LYS C 189 46.10 -17.29 -5.31
N LEU C 190 45.37 -17.33 -6.42
CA LEU C 190 45.17 -16.15 -7.24
C LEU C 190 43.91 -15.38 -6.86
N LEU C 191 42.88 -16.08 -6.41
CA LEU C 191 41.62 -15.41 -6.10
C LEU C 191 41.77 -14.52 -4.89
N ALA C 192 42.54 -14.97 -3.89
CA ALA C 192 42.81 -14.10 -2.75
C ALA C 192 43.70 -12.93 -3.14
N ARG C 193 44.59 -13.12 -4.10
CA ARG C 193 45.38 -12.00 -4.61
C ARG C 193 44.46 -10.94 -5.23
N ILE C 194 43.49 -11.38 -6.03
CA ILE C 194 42.54 -10.43 -6.61
C ILE C 194 41.71 -9.76 -5.52
N ALA C 195 41.36 -10.51 -4.48
CA ALA C 195 40.64 -9.89 -3.38
C ALA C 195 41.45 -8.75 -2.78
N GLN C 196 42.71 -9.00 -2.45
CA GLN C 196 43.49 -7.96 -1.82
C GLN C 196 43.77 -6.81 -2.78
N LEU C 197 43.85 -7.07 -4.08
CA LEU C 197 44.05 -5.99 -5.03
C LEU C 197 42.82 -5.11 -5.17
N ILE C 198 41.63 -5.72 -5.25
CA ILE C 198 40.41 -4.93 -5.28
C ILE C 198 40.27 -4.11 -3.99
N ILE C 199 40.67 -4.69 -2.86
CA ILE C 199 40.58 -3.92 -1.62
C ILE C 199 41.53 -2.75 -1.63
N LYS C 200 42.74 -2.95 -2.12
CA LYS C 200 43.65 -1.82 -2.25
C LYS C 200 43.05 -0.74 -3.15
N ALA C 201 42.40 -1.15 -4.23
CA ALA C 201 41.78 -0.14 -5.10
C ALA C 201 40.65 0.59 -4.41
N ILE C 202 39.85 -0.11 -3.60
CA ILE C 202 38.77 0.58 -2.92
C ILE C 202 39.30 1.55 -1.87
N THR C 203 40.36 1.16 -1.15
CA THR C 203 40.96 2.11 -0.23
C THR C 203 41.51 3.32 -0.98
N GLU C 204 42.07 3.10 -2.18
CA GLU C 204 42.55 4.23 -2.96
C GLU C 204 41.42 5.15 -3.38
N ILE C 205 40.29 4.58 -3.79
CA ILE C 205 39.15 5.41 -4.18
C ILE C 205 38.65 6.21 -2.98
N VAL C 206 38.53 5.58 -1.82
CA VAL C 206 37.99 6.33 -0.70
C VAL C 206 38.99 7.36 -0.22
N ARG C 207 40.29 7.11 -0.38
CA ARG C 207 41.25 8.15 -0.03
C ARG C 207 41.13 9.34 -0.97
N ILE C 208 40.94 9.08 -2.26
CA ILE C 208 40.76 10.20 -3.19
C ILE C 208 39.48 10.96 -2.90
N MET C 209 38.42 10.26 -2.54
CA MET C 209 37.17 10.96 -2.22
C MET C 209 37.31 11.80 -0.97
N ALA C 210 37.97 11.26 0.05
CA ALA C 210 38.21 12.04 1.26
C ALA C 210 39.12 13.23 0.97
N GLU C 211 40.07 13.08 0.05
CA GLU C 211 40.91 14.21 -0.31
C GLU C 211 40.10 15.29 -1.01
N MET C 212 39.20 14.90 -1.91
CA MET C 212 38.32 15.87 -2.54
C MET C 212 37.48 16.60 -1.50
N ALA C 213 36.95 15.87 -0.52
CA ALA C 213 36.12 16.52 0.49
C ALA C 213 36.94 17.41 1.40
N SER C 214 38.17 17.02 1.71
CA SER C 214 39.03 17.88 2.54
C SER C 214 39.41 19.15 1.79
N LEU C 215 39.68 19.04 0.49
CA LEU C 215 39.94 20.24 -0.30
C LEU C 215 38.71 21.14 -0.36
N ASN C 216 37.53 20.56 -0.49
CA ASN C 216 36.33 21.39 -0.52
C ASN C 216 36.08 22.07 0.82
N VAL C 217 36.36 21.38 1.93
CA VAL C 217 36.22 22.02 3.23
C VAL C 217 37.23 23.15 3.39
N LYS C 218 38.46 22.94 2.93
CA LYS C 218 39.43 24.03 2.97
C LYS C 218 38.98 25.21 2.12
N ALA C 219 38.34 24.94 0.98
CA ALA C 219 37.82 26.02 0.16
C ALA C 219 36.72 26.80 0.88
N MET C 220 35.81 26.08 1.55
CA MET C 220 34.79 26.77 2.34
C MET C 220 35.43 27.55 3.49
N SER C 221 36.50 27.02 4.07
CA SER C 221 37.21 27.72 5.13
C SER C 221 37.86 29.01 4.62
N GLU C 222 38.32 29.02 3.38
CA GLU C 222 38.83 30.25 2.79
C GLU C 222 37.71 31.14 2.25
N ILE C 223 36.50 30.61 2.14
CA ILE C 223 35.36 31.44 1.74
C ILE C 223 34.83 32.24 2.92
N ILE C 224 34.68 31.61 4.08
CA ILE C 224 34.02 32.28 5.21
C ILE C 224 34.71 33.57 5.62
N LYS C 225 35.89 33.83 5.09
CA LYS C 225 36.64 35.01 5.46
C LYS C 225 35.85 36.27 5.17
N LEU C 226 35.13 36.31 4.05
CA LEU C 226 34.35 37.50 3.73
C LEU C 226 32.88 37.12 3.57
N ALA C 227 32.26 36.82 4.70
CA ALA C 227 30.85 36.45 4.77
C ALA C 227 30.23 37.06 6.01
N ASP C 228 28.92 37.25 6.00
CA ASP C 228 28.21 37.84 7.15
C ASP C 228 28.01 36.78 8.23
N ASP C 229 27.79 37.19 9.47
CA ASP C 229 27.71 36.19 10.53
C ASP C 229 26.85 35.01 10.10
N GLU C 230 25.62 35.30 9.64
CA GLU C 230 24.71 34.22 9.25
C GLU C 230 25.20 33.50 8.01
N THR C 231 25.77 34.23 7.05
CA THR C 231 26.28 33.59 5.85
C THR C 231 27.46 32.68 6.17
N ALA C 232 28.33 33.12 7.09
CA ALA C 232 29.43 32.25 7.52
C ALA C 232 28.90 31.01 8.21
N LYS C 233 27.83 31.17 9.02
CA LYS C 233 27.26 30.00 9.68
C LYS C 233 26.67 29.02 8.67
N LYS C 234 26.00 29.54 7.63
CA LYS C 234 25.47 28.65 6.59
C LYS C 234 26.59 27.95 5.83
N ALA C 235 27.68 28.67 5.56
CA ALA C 235 28.83 28.05 4.92
C ALA C 235 29.38 26.91 5.77
N VAL C 236 29.52 27.14 7.07
CA VAL C 236 30.02 26.08 7.96
C VAL C 236 29.03 24.92 8.01
N LYS C 237 27.74 25.23 8.02
CA LYS C 237 26.73 24.17 8.03
C LYS C 237 26.89 23.26 6.84
N ILE C 238 26.94 23.81 5.63
CA ILE C 238 26.99 22.89 4.49
C ILE C 238 28.40 22.35 4.25
N ALA C 239 29.44 22.96 4.81
CA ALA C 239 30.74 22.29 4.80
C ALA C 239 30.72 21.05 5.68
N LEU C 240 30.10 21.13 6.84
CA LEU C 240 29.92 19.91 7.63
C LEU C 240 28.99 18.94 6.93
N GLU C 241 28.07 19.44 6.11
CA GLU C 241 27.24 18.53 5.34
C GLU C 241 28.07 17.76 4.32
N ILE C 242 28.99 18.44 3.62
CA ILE C 242 29.83 17.71 2.66
C ILE C 242 30.74 16.74 3.39
N LEU C 243 31.19 17.08 4.60
CA LEU C 243 31.96 16.11 5.36
C LEU C 243 31.11 14.91 5.73
N GLU C 244 29.83 15.14 6.05
CA GLU C 244 28.95 14.03 6.35
C GLU C 244 28.79 13.11 5.15
N MET C 245 28.64 13.68 3.96
CA MET C 245 28.45 12.80 2.79
C MET C 245 29.75 12.12 2.37
N ALA C 246 30.90 12.75 2.62
CA ALA C 246 32.17 12.04 2.41
C ALA C 246 32.33 10.90 3.40
N MET C 247 31.87 11.10 4.63
CA MET C 247 31.83 9.99 5.59
C MET C 247 30.92 8.88 5.12
N LYS C 248 29.79 9.24 4.54
CA LYS C 248 28.90 8.22 4.00
C LYS C 248 29.59 7.44 2.89
N VAL C 249 30.36 8.12 2.05
CA VAL C 249 31.10 7.39 1.01
C VAL C 249 32.15 6.48 1.64
N ALA C 250 32.78 6.92 2.72
CA ALA C 250 33.76 6.04 3.37
C ALA C 250 33.08 4.80 3.92
N GLU C 251 31.94 4.96 4.58
CA GLU C 251 31.23 3.81 5.11
C GLU C 251 30.75 2.88 4.01
N GLU C 252 30.28 3.45 2.89
CA GLU C 252 29.82 2.61 1.79
C GLU C 252 30.97 1.87 1.12
N ALA C 253 32.11 2.53 0.99
CA ALA C 253 33.28 1.85 0.46
C ALA C 253 33.69 0.71 1.37
N ASN C 254 33.63 0.93 2.68
CA ASN C 254 33.94 -0.16 3.61
C ASN C 254 32.97 -1.32 3.43
N GLU C 255 31.67 -1.03 3.36
CA GLU C 255 30.71 -2.12 3.22
C GLU C 255 30.89 -2.88 1.92
N ALA C 256 31.17 -2.19 0.81
CA ALA C 256 31.37 -2.89 -0.44
C ALA C 256 32.66 -3.70 -0.43
N ALA C 257 33.72 -3.14 0.16
CA ALA C 257 34.97 -3.87 0.25
C ALA C 257 34.80 -5.12 1.09
N LEU C 258 34.05 -5.02 2.19
CA LEU C 258 33.83 -6.16 3.04
C LEU C 258 32.93 -7.19 2.35
N ARG C 259 31.96 -6.74 1.56
CA ARG C 259 31.19 -7.69 0.74
C ARG C 259 32.11 -8.45 -0.20
N VAL C 260 33.06 -7.76 -0.81
CA VAL C 260 34.00 -8.43 -1.71
C VAL C 260 34.84 -9.44 -0.97
N LEU C 261 35.33 -9.08 0.22
CA LEU C 261 36.17 -10.04 0.93
C LEU C 261 35.36 -11.24 1.41
N GLU C 262 34.10 -11.02 1.79
CA GLU C 262 33.23 -12.13 2.14
C GLU C 262 32.98 -13.02 0.94
N LEU C 263 32.82 -12.47 -0.26
CA LEU C 263 32.54 -13.35 -1.39
C LEU C 263 33.68 -14.35 -1.65
N ALA C 264 34.92 -13.84 -1.64
CA ALA C 264 36.08 -14.69 -1.88
C ALA C 264 36.25 -15.75 -0.81
N VAL C 265 36.03 -15.37 0.44
CA VAL C 265 36.15 -16.30 1.57
C VAL C 265 35.15 -17.41 1.34
N LYS C 266 33.98 -17.04 0.84
CA LYS C 266 32.90 -17.97 0.52
C LYS C 266 33.32 -18.92 -0.61
N ALA C 267 34.10 -18.39 -1.56
CA ALA C 267 34.60 -19.12 -2.72
C ALA C 267 35.90 -19.89 -2.44
N GLY C 268 36.39 -19.83 -1.20
CA GLY C 268 37.61 -20.54 -0.84
C GLY C 268 38.91 -19.75 -0.86
N GLY C 269 38.81 -18.43 -1.01
CA GLY C 269 40.02 -17.60 -1.03
C GLY C 269 40.78 -17.74 0.27
N ASP C 270 42.10 -17.81 0.17
CA ASP C 270 42.99 -17.97 1.32
C ASP C 270 42.43 -17.21 2.51
N VAL C 271 42.51 -17.81 3.69
CA VAL C 271 41.91 -17.21 4.87
C VAL C 271 42.80 -16.12 5.45
N GLU C 272 44.05 -16.45 5.72
CA GLU C 272 44.92 -15.46 6.35
C GLU C 272 45.13 -14.25 5.45
N LEU C 273 45.15 -14.44 4.13
CA LEU C 273 45.29 -13.29 3.24
C LEU C 273 44.06 -12.39 3.27
N ALA C 274 42.87 -12.99 3.32
CA ALA C 274 41.68 -12.17 3.47
C ALA C 274 41.68 -11.44 4.81
N ALA C 275 42.21 -12.06 5.86
CA ALA C 275 42.33 -11.35 7.12
C ALA C 275 43.26 -10.15 6.99
N GLU C 276 44.40 -10.34 6.32
CA GLU C 276 45.31 -9.21 6.14
C GLU C 276 44.67 -8.13 5.27
N ALA C 277 43.86 -8.51 4.30
CA ALA C 277 43.18 -7.52 3.47
C ALA C 277 42.17 -6.72 4.29
N SER C 278 41.41 -7.37 5.15
CA SER C 278 40.47 -6.63 5.99
C SER C 278 41.21 -5.74 6.98
N HIS C 279 42.34 -6.19 7.51
CA HIS C 279 43.12 -5.33 8.40
C HIS C 279 43.62 -4.09 7.67
N GLU C 280 44.16 -4.26 6.48
CA GLU C 280 44.65 -3.11 5.73
C GLU C 280 43.50 -2.18 5.34
N LEU C 281 42.35 -2.75 4.99
CA LEU C 281 41.18 -1.92 4.70
C LEU C 281 40.78 -1.09 5.92
N ALA C 282 40.68 -1.73 7.08
CA ALA C 282 40.36 -1.00 8.29
C ALA C 282 41.37 0.10 8.56
N LYS C 283 42.65 -0.20 8.39
CA LYS C 283 43.69 0.82 8.63
C LYS C 283 43.52 2.01 7.70
N ALA C 284 43.33 1.74 6.40
CA ALA C 284 43.20 2.84 5.45
C ALA C 284 41.96 3.67 5.74
N SER C 285 40.85 3.02 6.04
CA SER C 285 39.63 3.79 6.30
C SER C 285 39.71 4.54 7.63
N LEU C 286 40.44 4.02 8.60
CA LEU C 286 40.63 4.80 9.82
C LEU C 286 41.49 6.01 9.55
N GLU C 287 42.48 5.90 8.66
CA GLU C 287 43.23 7.09 8.27
C GLU C 287 42.34 8.08 7.54
N VAL C 288 41.42 7.58 6.73
CA VAL C 288 40.48 8.48 6.04
C VAL C 288 39.60 9.22 7.04
N LEU C 289 39.05 8.51 8.02
CA LEU C 289 38.25 9.21 9.02
C LEU C 289 39.10 10.16 9.84
N LYS C 290 40.37 9.85 10.04
CA LYS C 290 41.25 10.80 10.71
C LYS C 290 41.43 12.07 9.90
N ILE C 291 41.65 11.95 8.60
CA ILE C 291 41.84 13.16 7.81
C ILE C 291 40.54 13.96 7.73
N MET C 292 39.39 13.29 7.80
CA MET C 292 38.15 14.05 7.86
C MET C 292 38.01 14.79 9.19
N VAL C 293 38.41 14.16 10.29
CA VAL C 293 38.49 14.88 11.56
C VAL C 293 39.37 16.10 11.43
N GLU C 294 40.52 15.96 10.78
CA GLU C 294 41.41 17.09 10.61
C GLU C 294 40.76 18.21 9.81
N ALA C 295 40.06 17.86 8.73
CA ALA C 295 39.38 18.87 7.95
C ALA C 295 38.30 19.58 8.77
N ALA C 296 37.53 18.83 9.56
CA ALA C 296 36.50 19.45 10.38
C ALA C 296 37.11 20.36 11.43
N GLU C 297 38.27 19.99 11.98
CA GLU C 297 38.90 20.85 12.97
C GLU C 297 39.43 22.13 12.34
N LEU C 298 40.01 22.05 11.14
CA LEU C 298 40.43 23.28 10.46
C LEU C 298 39.24 24.18 10.15
N LEU C 299 38.15 23.58 9.68
CA LEU C 299 36.95 24.37 9.43
C LEU C 299 36.45 25.05 10.70
N ALA C 300 36.45 24.33 11.83
CA ALA C 300 36.00 24.93 13.07
C ALA C 300 36.92 26.05 13.52
N ARG C 301 38.23 25.87 13.37
CA ARG C 301 39.17 26.95 13.69
C ARG C 301 38.86 28.20 12.89
N ALA C 302 38.71 28.06 11.57
CA ALA C 302 38.44 29.22 10.74
C ALA C 302 37.09 29.86 11.11
N ALA C 303 36.06 29.04 11.31
CA ALA C 303 34.75 29.58 11.69
C ALA C 303 34.85 30.39 12.97
N ILE C 304 35.38 29.79 14.04
CA ILE C 304 35.53 30.49 15.31
C ILE C 304 36.32 31.78 15.12
N GLU C 305 37.36 31.76 14.29
CA GLU C 305 38.17 32.96 14.12
C GLU C 305 37.55 33.98 13.18
N VAL C 306 36.44 33.65 12.52
CA VAL C 306 35.77 34.62 11.65
C VAL C 306 34.30 34.82 11.98
N ILE C 307 33.65 33.94 12.75
CA ILE C 307 32.21 34.04 12.94
C ILE C 307 31.85 35.31 13.71
N GLU C 308 32.65 35.68 14.71
CA GLU C 308 32.56 36.96 15.41
C GLU C 308 31.18 37.19 16.03
N ASP C 309 30.87 36.35 17.02
CA ASP C 309 29.63 36.49 17.77
C ASP C 309 29.79 35.76 19.09
N GLU C 310 28.68 35.70 19.83
CA GLU C 310 28.60 34.99 21.11
C GLU C 310 27.58 33.84 21.07
N LYS C 311 26.68 33.88 20.08
CA LYS C 311 25.65 32.87 19.88
C LYS C 311 25.91 32.02 18.65
N LEU C 312 26.10 32.63 17.48
CA LEU C 312 26.42 31.85 16.29
C LEU C 312 27.80 31.21 16.39
N LEU C 313 28.71 31.82 17.16
CA LEU C 313 29.99 31.17 17.41
C LEU C 313 29.77 29.80 18.04
N ALA C 314 29.06 29.76 19.16
CA ALA C 314 28.80 28.49 19.82
C ALA C 314 27.93 27.59 18.96
N GLU C 315 27.06 28.16 18.13
CA GLU C 315 26.24 27.31 17.25
C GLU C 315 27.12 26.58 16.24
N ALA C 316 28.03 27.28 15.59
CA ALA C 316 28.93 26.63 14.64
C ALA C 316 29.86 25.66 15.34
N ALA C 317 30.31 26.01 16.55
CA ALA C 317 31.16 25.09 17.30
C ALA C 317 30.41 23.81 17.65
N GLN C 318 29.17 23.94 18.09
CA GLN C 318 28.35 22.77 18.39
C GLN C 318 28.04 21.95 17.15
N LEU C 319 27.91 22.60 16.00
CA LEU C 319 27.68 21.85 14.77
C LEU C 319 28.91 21.05 14.37
N VAL C 320 30.09 21.66 14.49
CA VAL C 320 31.32 20.89 14.27
C VAL C 320 31.41 19.75 15.28
N ILE C 321 30.93 19.97 16.50
CA ILE C 321 30.92 18.92 17.51
C ILE C 321 30.00 17.78 17.09
N GLU C 322 28.86 18.08 16.48
CA GLU C 322 28.03 16.98 15.99
C GLU C 322 28.71 16.24 14.86
N ALA C 323 29.44 16.97 13.99
CA ALA C 323 30.18 16.29 12.94
C ALA C 323 31.25 15.37 13.50
N ILE C 324 31.97 15.83 14.52
CA ILE C 324 32.98 14.98 15.14
C ILE C 324 32.34 13.82 15.87
N ARG C 325 31.15 14.01 16.42
CA ARG C 325 30.43 12.90 17.03
C ARG C 325 30.14 11.83 16.00
N ARG C 326 29.66 12.25 14.83
CA ARG C 326 29.39 11.28 13.78
C ARG C 326 30.67 10.62 13.27
N LEU C 327 31.78 11.36 13.22
CA LEU C 327 33.05 10.76 12.85
C LEU C 327 33.48 9.68 13.84
N MET C 328 33.37 9.97 15.13
CA MET C 328 33.67 8.96 16.13
C MET C 328 32.79 7.74 15.97
N GLU C 329 31.49 7.95 15.77
CA GLU C 329 30.58 6.83 15.64
C GLU C 329 30.91 5.98 14.42
N ILE C 330 31.28 6.61 13.31
CA ILE C 330 31.58 5.83 12.11
C ILE C 330 32.92 5.11 12.25
N MET C 331 33.90 5.74 12.92
CA MET C 331 35.13 5.02 13.24
C MET C 331 34.80 3.75 14.00
N ALA C 332 33.99 3.88 15.04
CA ALA C 332 33.63 2.73 15.85
C ALA C 332 32.88 1.69 15.05
N ARG C 333 31.96 2.12 14.20
CA ARG C 333 31.18 1.16 13.43
C ARG C 333 32.03 0.39 12.44
N ILE C 334 32.95 1.08 11.75
CA ILE C 334 33.81 0.37 10.81
C ILE C 334 34.73 -0.59 11.54
N ALA C 335 35.23 -0.18 12.71
CA ALA C 335 36.07 -1.10 13.48
C ALA C 335 35.28 -2.34 13.90
N LYS C 336 34.05 -2.15 14.38
CA LYS C 336 33.25 -3.29 14.79
C LYS C 336 32.96 -4.20 13.62
N LEU C 337 32.63 -3.62 12.46
CA LEU C 337 32.27 -4.46 11.32
C LEU C 337 33.46 -5.26 10.82
N ASN C 338 34.64 -4.66 10.76
CA ASN C 338 35.80 -5.43 10.34
C ASN C 338 36.20 -6.46 11.39
N ALA C 339 36.03 -6.16 12.67
CA ALA C 339 36.31 -7.16 13.69
C ALA C 339 35.34 -8.34 13.57
N GLU C 340 34.09 -8.06 13.23
CA GLU C 340 33.14 -9.16 13.08
C GLU C 340 33.46 -10.00 11.86
N PHE C 341 33.86 -9.37 10.75
CA PHE C 341 34.26 -10.17 9.60
C PHE C 341 35.45 -11.04 9.92
N LEU C 342 36.47 -10.47 10.57
CA LEU C 342 37.59 -11.30 10.97
C LEU C 342 37.16 -12.41 11.92
N ALA C 343 36.13 -12.17 12.73
CA ALA C 343 35.66 -13.22 13.62
C ALA C 343 35.04 -14.37 12.83
N ARG C 344 34.23 -14.07 11.81
CA ARG C 344 33.68 -15.14 10.98
C ARG C 344 34.79 -15.90 10.27
N VAL C 345 35.72 -15.17 9.66
CA VAL C 345 36.81 -15.83 8.94
C VAL C 345 37.68 -16.65 9.89
N MET C 346 37.82 -16.19 11.14
CA MET C 346 38.47 -17.01 12.16
C MET C 346 37.69 -18.29 12.40
N LYS C 347 36.37 -18.16 12.61
CA LYS C 347 35.49 -19.32 12.72
C LYS C 347 35.74 -20.34 11.64
N LEU C 348 36.14 -19.89 10.45
CA LEU C 348 36.44 -20.83 9.38
C LEU C 348 37.91 -21.23 9.29
N ALA C 349 38.82 -20.64 10.05
CA ALA C 349 40.20 -20.63 9.58
C ALA C 349 41.05 -21.87 9.85
N ASP C 350 41.51 -22.05 11.10
CA ASP C 350 42.61 -22.99 11.33
C ASP C 350 43.00 -23.03 12.80
N GLU C 351 44.03 -23.81 13.13
CA GLU C 351 44.58 -23.85 14.48
C GLU C 351 45.38 -22.60 14.81
N GLU C 352 46.24 -22.15 13.90
CA GLU C 352 47.15 -21.04 14.18
C GLU C 352 46.83 -19.75 13.45
N THR C 353 46.32 -19.81 12.22
CA THR C 353 45.85 -18.57 11.61
C THR C 353 44.73 -17.96 12.43
N ALA C 354 44.02 -18.76 13.24
CA ALA C 354 43.03 -18.20 14.14
C ALA C 354 43.67 -17.31 15.19
N GLU C 355 44.78 -17.75 15.79
CA GLU C 355 45.46 -16.87 16.74
C GLU C 355 46.06 -15.66 16.04
N ARG C 356 46.50 -15.84 14.80
CA ARG C 356 46.97 -14.68 14.05
C ARG C 356 45.83 -13.69 13.81
N VAL C 357 44.64 -14.20 13.51
CA VAL C 357 43.48 -13.33 13.33
C VAL C 357 43.08 -12.66 14.64
N LEU C 358 43.20 -13.36 15.76
CA LEU C 358 42.90 -12.71 17.02
C LEU C 358 43.88 -11.58 17.31
N GLU C 359 45.17 -11.81 17.03
CA GLU C 359 46.14 -10.75 17.20
C GLU C 359 45.88 -9.57 16.26
N ILE C 360 45.49 -9.86 15.02
CA ILE C 360 45.21 -8.78 14.08
C ILE C 360 43.98 -7.99 14.54
N ILE C 361 42.96 -8.68 15.08
CA ILE C 361 41.79 -7.96 15.58
C ILE C 361 42.18 -7.07 16.74
N THR C 362 43.02 -7.57 17.64
CA THR C 362 43.51 -6.72 18.73
C THR C 362 44.22 -5.51 18.17
N GLU C 363 44.99 -5.69 17.10
CA GLU C 363 45.65 -4.55 16.47
C GLU C 363 44.64 -3.54 15.91
N ILE C 364 43.60 -4.03 15.23
CA ILE C 364 42.63 -3.11 14.65
C ILE C 364 41.88 -2.35 15.72
N LEU C 365 41.55 -3.03 16.83
CA LEU C 365 40.83 -2.33 17.88
C LEU C 365 41.72 -1.36 18.63
N ARG C 366 43.00 -1.69 18.80
CA ARG C 366 43.90 -0.69 19.37
C ARG C 366 44.00 0.53 18.46
N GLN C 367 44.09 0.32 17.15
CA GLN C 367 44.14 1.43 16.23
C GLN C 367 42.86 2.27 16.28
N ALA C 368 41.71 1.60 16.36
CA ALA C 368 40.45 2.34 16.41
C ALA C 368 40.32 3.11 17.71
N SER C 369 40.75 2.54 18.83
CA SER C 369 40.71 3.28 20.08
C SER C 369 41.64 4.48 20.03
N GLU C 370 42.83 4.31 19.44
CA GLU C 370 43.74 5.43 19.33
C GLU C 370 43.15 6.54 18.48
N LEU C 371 42.49 6.19 17.38
CA LEU C 371 41.93 7.24 16.54
C LEU C 371 40.69 7.86 17.17
N ALA C 372 39.93 7.11 17.95
CA ALA C 372 38.83 7.73 18.69
C ALA C 372 39.36 8.70 19.73
N GLU C 373 40.47 8.37 20.38
CA GLU C 373 41.06 9.29 21.33
C GLU C 373 41.59 10.54 20.62
N GLU C 374 42.16 10.37 19.43
CA GLU C 374 42.60 11.53 18.69
C GLU C 374 41.42 12.39 18.27
N ALA C 375 40.28 11.76 17.94
CA ALA C 375 39.08 12.53 17.66
C ALA C 375 38.60 13.30 18.89
N ASN C 376 38.74 12.69 20.07
CA ASN C 376 38.36 13.40 21.28
C ASN C 376 39.28 14.58 21.53
N LYS C 377 40.57 14.42 21.26
CA LYS C 377 41.48 15.56 21.39
C LYS C 377 41.13 16.65 20.39
N ALA C 378 40.71 16.28 19.18
CA ALA C 378 40.29 17.28 18.22
C ALA C 378 39.07 18.04 18.71
N ALA C 379 38.08 17.34 19.23
CA ALA C 379 36.89 18.03 19.72
C ALA C 379 37.21 18.89 20.94
N GLU C 380 38.11 18.43 21.80
CA GLU C 380 38.50 19.25 22.94
C GLU C 380 39.23 20.51 22.48
N ARG C 381 40.07 20.40 21.46
CA ARG C 381 40.72 21.59 20.93
C ARG C 381 39.70 22.55 20.35
N VAL C 382 38.69 22.03 19.66
CA VAL C 382 37.66 22.90 19.12
C VAL C 382 36.89 23.60 20.23
N LEU C 383 36.56 22.86 21.30
CA LEU C 383 35.82 23.48 22.38
C LEU C 383 36.67 24.48 23.16
N ASP C 384 37.99 24.28 23.22
CA ASP C 384 38.83 25.27 23.85
C ASP C 384 38.97 26.52 22.99
N LEU C 385 39.04 26.34 21.67
CA LEU C 385 39.02 27.50 20.77
C LEU C 385 37.68 28.21 20.77
N ALA C 386 36.60 27.52 21.15
CA ALA C 386 35.33 28.20 21.33
C ALA C 386 35.24 28.89 22.69
N ARG C 387 35.89 28.34 23.70
CA ARG C 387 35.94 29.00 25.01
C ARG C 387 36.76 30.28 24.95
N LYS C 388 37.93 30.22 24.32
CA LYS C 388 38.79 31.39 24.27
C LYS C 388 38.22 32.49 23.39
N ALA C 389 37.38 32.14 22.42
CA ALA C 389 36.74 33.14 21.58
C ALA C 389 35.44 33.67 22.19
N GLY C 390 35.07 33.20 23.38
CA GLY C 390 33.92 33.74 24.08
C GLY C 390 32.60 33.41 23.43
N GLY C 391 32.23 32.13 23.43
CA GLY C 391 30.94 31.70 22.92
C GLY C 391 29.94 31.45 24.04
N ASP C 392 28.74 31.03 23.62
CA ASP C 392 27.72 30.67 24.59
C ASP C 392 28.22 29.55 25.47
N GLU C 393 27.78 29.56 26.73
CA GLU C 393 28.25 28.58 27.69
C GLU C 393 27.39 27.32 27.71
N GLU C 394 26.08 27.47 27.58
CA GLU C 394 25.22 26.28 27.54
C GLU C 394 25.56 25.40 26.35
N LEU C 395 25.79 26.00 25.18
CA LEU C 395 26.13 25.22 24.00
C LEU C 395 27.46 24.49 24.21
N VAL C 396 28.44 25.15 24.82
CA VAL C 396 29.73 24.52 25.03
C VAL C 396 29.60 23.37 26.03
N HIS C 397 28.80 23.55 27.09
CA HIS C 397 28.59 22.47 28.03
C HIS C 397 27.90 21.29 27.36
N THR C 398 26.91 21.57 26.52
CA THR C 398 26.22 20.48 25.82
C THR C 398 27.17 19.76 24.86
N ALA C 399 28.08 20.49 24.22
CA ALA C 399 29.05 19.85 23.35
C ALA C 399 30.01 18.96 24.14
N SER C 400 30.48 19.43 25.28
CA SER C 400 31.36 18.61 26.11
C SER C 400 30.63 17.36 26.59
N SER C 401 29.36 17.50 26.96
CA SER C 401 28.58 16.35 27.39
C SER C 401 28.40 15.37 26.23
N LEU C 402 28.17 15.88 25.03
CA LEU C 402 28.01 15.01 23.88
C LEU C 402 29.30 14.26 23.58
N LEU C 403 30.46 14.90 23.76
CA LEU C 403 31.71 14.17 23.53
C LEU C 403 31.98 13.14 24.61
N ILE C 404 31.65 13.44 25.86
CA ILE C 404 31.78 12.39 26.86
C ILE C 404 30.89 11.21 26.52
N LYS C 405 29.64 11.47 26.14
CA LYS C 405 28.75 10.38 25.76
C LYS C 405 29.28 9.62 24.56
N ALA C 406 29.82 10.31 23.56
CA ALA C 406 30.29 9.62 22.35
C ALA C 406 31.55 8.81 22.62
N SER C 407 32.48 9.36 23.42
CA SER C 407 33.65 8.57 23.77
C SER C 407 33.27 7.34 24.57
N ALA C 408 32.30 7.48 25.46
CA ALA C 408 31.82 6.29 26.18
C ALA C 408 31.20 5.29 25.20
N GLU C 409 30.47 5.78 24.21
CA GLU C 409 29.89 4.87 23.23
C GLU C 409 30.96 4.13 22.44
N VAL C 410 32.02 4.82 22.06
CA VAL C 410 33.09 4.14 21.33
C VAL C 410 33.78 3.12 22.22
N LEU C 411 34.00 3.45 23.49
CA LEU C 411 34.55 2.45 24.39
C LEU C 411 33.66 1.22 24.47
N ARG C 412 32.34 1.44 24.59
CA ARG C 412 31.42 0.31 24.65
C ARG C 412 31.51 -0.55 23.40
N ILE C 413 31.46 0.06 22.23
CA ILE C 413 31.42 -0.72 20.99
C ILE C 413 32.75 -1.46 20.77
N LEU C 414 33.88 -0.79 20.98
CA LEU C 414 35.16 -1.48 20.77
C LEU C 414 35.35 -2.59 21.77
N PHE C 415 34.89 -2.41 23.01
CA PHE C 415 34.97 -3.51 23.95
C PHE C 415 34.10 -4.68 23.51
N GLU C 416 32.90 -4.39 23.02
CA GLU C 416 32.06 -5.47 22.52
C GLU C 416 32.75 -6.21 21.39
N ALA C 417 33.43 -5.49 20.50
CA ALA C 417 34.13 -6.15 19.41
C ALA C 417 35.26 -7.03 19.93
N ALA C 418 36.03 -6.54 20.90
CA ALA C 418 37.12 -7.35 21.44
C ALA C 418 36.58 -8.61 22.11
N VAL C 419 35.47 -8.48 22.84
CA VAL C 419 34.89 -9.65 23.47
C VAL C 419 34.39 -10.63 22.43
N HIS C 420 33.81 -10.11 21.34
CA HIS C 420 33.38 -11.01 20.28
C HIS C 420 34.55 -11.74 19.66
N ALA C 421 35.68 -11.05 19.51
CA ALA C 421 36.88 -11.73 19.01
C ALA C 421 37.32 -12.83 19.95
N ILE C 422 37.31 -12.57 21.25
CA ILE C 422 37.73 -13.60 22.20
C ILE C 422 36.78 -14.79 22.16
N LEU C 423 35.47 -14.52 22.08
CA LEU C 423 34.52 -15.62 21.97
C LEU C 423 34.76 -16.43 20.71
N ALA C 424 34.99 -15.78 19.58
CA ALA C 424 35.20 -16.52 18.34
C ALA C 424 36.47 -17.35 18.41
N PHE C 425 37.54 -16.81 19.01
CA PHE C 425 38.76 -17.59 19.11
C PHE C 425 38.58 -18.80 20.01
N ASN C 426 37.84 -18.63 21.11
CA ASN C 426 37.56 -19.79 21.96
C ASN C 426 36.74 -20.83 21.21
N GLU C 427 35.74 -20.38 20.45
CA GLU C 427 34.95 -21.32 19.67
C GLU C 427 35.80 -22.04 18.64
N VAL C 428 36.81 -21.36 18.08
CA VAL C 428 37.69 -22.03 17.13
C VAL C 428 38.56 -23.05 17.83
N LEU C 429 39.07 -22.72 19.02
CA LEU C 429 39.81 -23.71 19.80
C LEU C 429 38.96 -24.95 20.06
N TYR C 430 37.71 -24.75 20.43
CA TYR C 430 36.83 -25.88 20.67
C TYR C 430 36.56 -26.66 19.38
N ARG C 431 36.34 -25.97 18.28
CA ARG C 431 36.09 -26.65 17.00
C ARG C 431 37.30 -27.47 16.59
N LEU C 432 38.50 -26.93 16.81
CA LEU C 432 39.71 -27.67 16.51
C LEU C 432 39.84 -28.91 17.39
N LEU C 433 39.54 -28.78 18.68
CA LEU C 433 39.64 -29.94 19.57
C LEU C 433 38.61 -31.00 19.19
N LYS C 434 37.42 -30.58 18.77
CA LYS C 434 36.41 -31.55 18.37
C LYS C 434 36.78 -32.23 17.05
N GLU C 435 37.38 -31.48 16.14
CA GLU C 435 37.79 -32.05 14.87
C GLU C 435 38.96 -33.01 15.04
N ALA C 436 39.86 -32.71 15.98
CA ALA C 436 41.04 -33.54 16.22
C ALA C 436 40.74 -34.78 17.04
N GLY C 437 39.46 -35.13 17.20
CA GLY C 437 39.07 -36.37 17.85
C GLY C 437 39.53 -36.53 19.28
N ALA C 438 39.24 -35.55 20.12
CA ALA C 438 39.57 -35.67 21.53
C ALA C 438 38.47 -36.45 22.25
N ASP C 439 38.67 -36.63 23.55
CA ASP C 439 37.73 -37.40 24.36
C ASP C 439 36.41 -36.65 24.51
N GLU C 440 35.38 -37.38 24.95
CA GLU C 440 34.07 -36.76 25.11
C GLU C 440 33.97 -35.99 26.43
N GLU C 441 34.41 -36.60 27.54
CA GLU C 441 34.46 -35.89 28.81
C GLU C 441 35.38 -34.68 28.72
N PHE C 442 36.50 -34.83 28.03
CA PHE C 442 37.44 -33.73 27.85
C PHE C 442 36.79 -32.59 27.09
N LEU C 443 36.10 -32.91 25.99
CA LEU C 443 35.42 -31.88 25.22
C LEU C 443 34.28 -31.26 26.01
N LYS C 444 33.64 -32.03 26.89
CA LYS C 444 32.63 -31.43 27.75
C LYS C 444 33.24 -30.44 28.73
N GLU C 445 34.40 -30.77 29.28
CA GLU C 445 35.08 -29.82 30.16
C GLU C 445 35.48 -28.56 29.40
N ILE C 446 35.94 -28.72 28.16
CA ILE C 446 36.29 -27.54 27.36
C ILE C 446 35.07 -26.71 27.03
N GLU C 447 33.95 -27.35 26.68
CA GLU C 447 32.76 -26.57 26.36
C GLU C 447 32.17 -25.90 27.60
N ILE C 448 32.34 -26.49 28.78
CA ILE C 448 31.85 -25.78 29.96
C ILE C 448 32.79 -24.64 30.35
N LYS C 449 34.10 -24.78 30.13
CA LYS C 449 34.97 -23.62 30.37
C LYS C 449 34.70 -22.52 29.36
N LEU C 450 34.35 -22.87 28.13
CA LEU C 450 33.96 -21.84 27.18
C LEU C 450 32.63 -21.20 27.56
N ALA C 451 31.72 -21.97 28.13
CA ALA C 451 30.50 -21.37 28.68
C ALA C 451 30.84 -20.41 29.81
N GLU C 452 31.84 -20.75 30.62
CA GLU C 452 32.35 -19.81 31.63
C GLU C 452 32.82 -18.52 30.99
N ILE C 453 33.63 -18.65 29.93
CA ILE C 453 34.11 -17.48 29.22
C ILE C 453 32.93 -16.61 28.79
N GLU C 454 31.91 -17.24 28.21
CA GLU C 454 30.78 -16.47 27.71
C GLU C 454 29.97 -15.84 28.85
N MET C 455 29.78 -16.56 29.96
CA MET C 455 29.08 -15.98 31.09
C MET C 455 29.80 -14.74 31.61
N LYS C 456 31.09 -14.87 31.89
CA LYS C 456 31.82 -13.73 32.42
C LYS C 456 31.93 -12.62 31.39
N ALA C 457 31.90 -12.95 30.10
CA ALA C 457 31.90 -11.92 29.08
C ALA C 457 30.58 -11.15 29.08
N LEU C 458 29.46 -11.85 29.20
CA LEU C 458 28.18 -11.16 29.29
C LEU C 458 28.13 -10.27 30.53
N VAL C 459 28.62 -10.78 31.65
CA VAL C 459 28.64 -9.98 32.87
C VAL C 459 29.50 -8.75 32.69
N ALA C 460 30.67 -8.92 32.07
CA ALA C 460 31.54 -7.77 31.82
C ALA C 460 30.87 -6.75 30.92
N LYS C 461 30.17 -7.22 29.90
CA LYS C 461 29.48 -6.30 29.01
C LYS C 461 28.44 -5.50 29.75
N ASN C 462 27.65 -6.16 30.60
CA ASN C 462 26.60 -5.40 31.29
C ASN C 462 27.19 -4.53 32.40
N LYS C 463 28.34 -4.88 32.95
CA LYS C 463 29.00 -3.99 33.90
C LYS C 463 29.50 -2.73 33.21
N LEU C 464 30.09 -2.89 32.04
CA LEU C 464 30.44 -1.73 31.23
C LEU C 464 29.22 -0.89 30.93
N GLU C 465 28.10 -1.54 30.60
CA GLU C 465 26.88 -0.79 30.31
C GLU C 465 26.39 -0.03 31.54
N SER C 466 26.50 -0.64 32.72
CA SER C 466 26.05 0.05 33.93
C SER C 466 26.92 1.27 34.24
N ILE C 467 28.24 1.12 34.14
CA ILE C 467 29.10 2.26 34.42
C ILE C 467 28.89 3.36 33.40
N LEU C 468 28.71 2.98 32.13
CA LEU C 468 28.36 3.96 31.12
C LEU C 468 27.05 4.65 31.44
N SER C 469 26.09 3.90 31.99
CA SER C 469 24.82 4.50 32.37
C SER C 469 25.01 5.54 33.48
N ALA C 470 25.86 5.22 34.46
CA ALA C 470 26.12 6.19 35.52
C ALA C 470 26.77 7.45 34.98
N ILE C 471 27.75 7.30 34.08
CA ILE C 471 28.38 8.48 33.49
C ILE C 471 27.36 9.30 32.71
N ASP C 472 26.50 8.65 31.94
CA ASP C 472 25.51 9.42 31.18
C ASP C 472 24.50 10.10 32.09
N MET C 473 24.16 9.46 33.22
CA MET C 473 23.30 10.10 34.20
C MET C 473 23.93 11.38 34.72
N LYS C 474 25.16 11.29 35.21
CA LYS C 474 25.87 12.48 35.69
C LYS C 474 26.01 13.53 34.59
N ALA C 475 26.14 13.10 33.33
CA ALA C 475 26.32 14.04 32.23
C ALA C 475 25.04 14.82 31.96
N LYS C 476 23.93 14.10 31.74
CA LYS C 476 22.67 14.78 31.49
C LYS C 476 22.28 15.65 32.68
N ARG C 477 22.66 15.26 33.88
CA ARG C 477 22.43 16.13 35.02
C ARG C 477 23.26 17.40 34.95
N GLY C 478 24.35 17.40 34.20
CA GLY C 478 25.14 18.60 34.01
C GLY C 478 26.38 18.66 34.87
N ALA C 479 27.10 17.56 34.97
CA ALA C 479 28.28 17.53 35.81
C ALA C 479 29.41 18.32 35.17
N SER C 480 30.43 18.57 35.98
CA SER C 480 31.61 19.28 35.51
C SER C 480 32.46 18.39 34.61
N GLU C 481 33.19 19.03 33.70
CA GLU C 481 33.89 18.27 32.66
C GLU C 481 35.08 17.52 33.20
N GLU C 482 35.77 18.11 34.18
CA GLU C 482 36.91 17.47 34.81
C GLU C 482 36.41 16.21 35.52
N GLU C 483 35.25 16.33 36.15
CA GLU C 483 34.62 15.21 36.85
C GLU C 483 34.31 14.07 35.89
N LEU C 484 33.71 14.39 34.73
CA LEU C 484 33.40 13.34 33.77
C LEU C 484 34.66 12.76 33.14
N LYS C 485 35.71 13.56 32.97
CA LYS C 485 36.97 13.01 32.48
C LYS C 485 37.52 11.99 33.44
N GLU C 486 37.47 12.28 34.75
CA GLU C 486 37.94 11.29 35.71
C GLU C 486 37.04 10.05 35.73
N LEU C 487 35.73 10.25 35.61
CA LEU C 487 34.84 9.09 35.58
C LEU C 487 35.06 8.24 34.33
N LEU C 488 35.39 8.89 33.21
CA LEU C 488 35.67 8.15 31.99
C LEU C 488 37.01 7.42 32.08
N ARG C 489 37.99 8.05 32.74
CA ARG C 489 39.23 7.34 33.04
C ARG C 489 38.94 6.08 33.84
N GLU C 490 38.03 6.18 34.82
CA GLU C 490 37.67 5.00 35.60
C GLU C 490 37.00 3.94 34.73
N LEU C 491 36.07 4.34 33.87
CA LEU C 491 35.43 3.36 32.99
C LEU C 491 36.44 2.68 32.07
N LYS C 492 37.42 3.44 31.58
CA LYS C 492 38.44 2.85 30.72
C LYS C 492 39.31 1.87 31.49
N LYS C 493 39.69 2.24 32.71
CA LYS C 493 40.42 1.30 33.56
C LYS C 493 39.63 0.02 33.74
N THR C 494 38.33 0.15 34.02
CA THR C 494 37.51 -1.03 34.25
C THR C 494 37.41 -1.90 33.01
N VAL C 495 37.21 -1.29 31.84
CA VAL C 495 37.06 -2.10 30.63
C VAL C 495 38.38 -2.78 30.28
N GLU C 496 39.50 -2.09 30.45
CA GLU C 496 40.77 -2.75 30.16
C GLU C 496 41.05 -3.87 31.14
N ASP C 497 40.72 -3.66 32.42
CA ASP C 497 40.89 -4.72 33.40
C ASP C 497 40.04 -5.93 33.05
N MET C 498 38.80 -5.69 32.63
CA MET C 498 37.92 -6.82 32.33
C MET C 498 38.36 -7.55 31.07
N LEU C 499 38.84 -6.81 30.06
CA LEU C 499 39.39 -7.48 28.89
C LEU C 499 40.62 -8.31 29.25
N ARG C 500 41.49 -7.77 30.08
CA ARG C 500 42.67 -8.52 30.49
C ARG C 500 42.27 -9.77 31.26
N GLU C 501 41.28 -9.66 32.14
CA GLU C 501 40.84 -10.82 32.90
C GLU C 501 40.20 -11.87 31.99
N LEU C 502 39.38 -11.43 31.03
CA LEU C 502 38.73 -12.37 30.15
C LEU C 502 39.74 -13.07 29.25
N GLU C 503 40.75 -12.34 28.78
CA GLU C 503 41.82 -12.96 28.01
C GLU C 503 42.59 -13.96 28.85
N ARG C 504 42.86 -13.61 30.11
CA ARG C 504 43.57 -14.55 30.98
C ARG C 504 42.75 -15.80 31.21
N LEU C 505 41.44 -15.66 31.41
CA LEU C 505 40.58 -16.81 31.60
C LEU C 505 40.54 -17.68 30.35
N SER C 506 40.47 -17.06 29.17
CA SER C 506 40.50 -17.83 27.93
C SER C 506 41.83 -18.55 27.76
N GLU C 507 42.92 -17.89 28.12
CA GLU C 507 44.23 -18.53 27.98
C GLU C 507 44.37 -19.69 28.96
N GLU C 508 43.81 -19.56 30.16
CA GLU C 508 43.80 -20.68 31.09
C GLU C 508 42.92 -21.82 30.58
N SER C 509 41.82 -21.49 29.90
CA SER C 509 41.04 -22.52 29.23
C SER C 509 41.87 -23.26 28.18
N ARG C 510 42.59 -22.51 27.36
CA ARG C 510 43.42 -23.11 26.33
C ARG C 510 44.54 -23.96 26.94
N ARG C 511 45.06 -23.55 28.09
CA ARG C 511 46.09 -24.33 28.76
C ARG C 511 45.50 -25.62 29.34
N ILE C 512 44.32 -25.54 29.93
CA ILE C 512 43.63 -26.75 30.38
C ILE C 512 43.39 -27.68 29.20
N ALA C 513 43.10 -27.12 28.04
CA ALA C 513 42.96 -27.93 26.83
C ALA C 513 44.27 -28.64 26.51
N GLU C 514 45.32 -27.89 26.20
CA GLU C 514 46.59 -28.51 25.86
C GLU C 514 47.62 -28.35 26.97
N SER D 15 27.33 -31.82 34.38
CA SER D 15 25.93 -31.61 34.75
C SER D 15 25.81 -30.55 35.83
N GLU D 16 26.07 -30.95 37.08
CA GLU D 16 25.94 -30.02 38.19
C GLU D 16 26.91 -28.84 38.05
N LYS D 17 28.02 -29.03 37.33
CA LYS D 17 28.98 -27.94 37.18
C LYS D 17 28.40 -26.83 36.32
N ALA D 18 27.59 -27.17 35.32
CA ALA D 18 26.91 -26.13 34.56
C ALA D 18 25.89 -25.41 35.43
N LEU D 19 25.21 -26.13 36.30
CA LEU D 19 24.31 -25.45 37.22
C LEU D 19 25.06 -24.48 38.11
N GLU D 20 26.24 -24.88 38.60
CA GLU D 20 27.01 -23.96 39.44
C GLU D 20 27.55 -22.77 38.65
N ILE D 21 27.91 -22.97 37.39
CA ILE D 21 28.40 -21.84 36.61
C ILE D 21 27.27 -20.84 36.36
N LEU D 22 26.07 -21.34 36.09
CA LEU D 22 24.95 -20.42 35.91
C LEU D 22 24.58 -19.76 37.21
N ARG D 23 24.72 -20.48 38.33
CA ARG D 23 24.47 -19.87 39.63
C ARG D 23 25.44 -18.72 39.87
N GLU D 24 26.70 -18.91 39.49
CA GLU D 24 27.66 -17.83 39.67
C GLU D 24 27.34 -16.63 38.78
N ALA D 25 26.99 -16.89 37.52
CA ALA D 25 26.64 -15.78 36.64
C ALA D 25 25.40 -15.04 37.13
N LEU D 26 24.40 -15.77 37.62
CA LEU D 26 23.20 -15.10 38.13
C LEU D 26 23.49 -14.36 39.42
N LYS D 27 24.40 -14.87 40.25
CA LYS D 27 24.79 -14.11 41.43
C LYS D 27 25.47 -12.81 41.04
N GLU D 28 26.36 -12.86 40.04
CA GLU D 28 27.00 -11.62 39.61
C GLU D 28 26.01 -10.65 38.98
N LEU D 29 25.00 -11.17 38.27
CA LEU D 29 24.00 -10.27 37.69
C LEU D 29 23.11 -9.67 38.76
N GLU D 30 22.76 -10.45 39.79
CA GLU D 30 22.05 -9.87 40.92
C GLU D 30 22.89 -8.79 41.59
N ASP D 31 24.21 -9.01 41.68
CA ASP D 31 25.06 -8.01 42.31
C ASP D 31 25.11 -6.73 41.49
N ILE D 32 25.28 -6.86 40.17
CA ILE D 32 25.31 -5.66 39.34
C ILE D 32 23.96 -4.95 39.36
N ALA D 33 22.87 -5.68 39.46
CA ALA D 33 21.58 -5.02 39.58
C ALA D 33 21.49 -4.22 40.87
N LYS D 34 21.94 -4.81 41.98
CA LYS D 34 21.95 -4.08 43.23
C LYS D 34 22.83 -2.84 43.14
N GLU D 35 24.00 -2.98 42.51
CA GLU D 35 24.89 -1.83 42.37
C GLU D 35 24.27 -0.76 41.48
N GLN D 36 23.50 -1.15 40.47
CA GLN D 36 22.83 -0.17 39.64
C GLN D 36 21.74 0.56 40.40
N ARG D 37 21.02 -0.15 41.27
CA ARG D 37 20.07 0.53 42.12
C ARG D 37 20.78 1.52 43.04
N LYS D 38 21.95 1.15 43.56
CA LYS D 38 22.69 2.10 44.38
C LYS D 38 23.15 3.30 43.58
N ILE D 39 23.54 3.08 42.32
CA ILE D 39 23.93 4.20 41.46
C ILE D 39 22.74 5.14 41.23
N LEU D 40 21.56 4.57 41.00
CA LEU D 40 20.37 5.41 40.86
C LEU D 40 20.11 6.21 42.12
N LYS D 41 20.22 5.56 43.29
CA LYS D 41 19.99 6.29 44.53
C LYS D 41 21.00 7.40 44.71
N ASP D 42 22.25 7.16 44.34
CA ASP D 42 23.27 8.20 44.44
C ASP D 42 22.95 9.38 43.53
N ALA D 43 22.59 9.10 42.28
CA ALA D 43 22.29 10.19 41.37
C ALA D 43 21.04 10.95 41.79
N LEU D 44 20.02 10.24 42.29
CA LEU D 44 18.83 10.92 42.77
C LEU D 44 19.15 11.77 43.98
N ASP D 45 20.03 11.28 44.87
CA ASP D 45 20.44 12.08 46.01
C ASP D 45 21.16 13.35 45.57
N GLU D 46 22.05 13.23 44.59
CA GLU D 46 22.72 14.41 44.07
C GLU D 46 21.73 15.41 43.48
N LEU D 47 20.75 14.90 42.72
CA LEU D 47 19.73 15.78 42.14
C LEU D 47 18.93 16.48 43.22
N ARG D 48 18.53 15.75 44.26
CA ARG D 48 17.74 16.33 45.33
C ARG D 48 18.55 17.36 46.10
N GLU D 49 19.85 17.12 46.26
CA GLU D 49 20.69 18.12 46.92
C GLU D 49 20.81 19.39 46.08
N GLU D 50 20.95 19.23 44.77
CA GLU D 50 20.96 20.42 43.91
C GLU D 50 19.66 21.19 44.03
N ALA D 51 18.53 20.48 44.04
CA ALA D 51 17.24 21.15 44.15
C ALA D 51 17.11 21.88 45.48
N GLU D 52 17.53 21.23 46.57
CA GLU D 52 17.46 21.88 47.88
C GLU D 52 18.38 23.10 47.95
N LYS D 53 19.54 23.02 47.31
CA LYS D 53 20.44 24.16 47.30
C LYS D 53 19.87 25.31 46.49
N LEU D 54 19.12 25.01 45.44
CA LEU D 54 18.48 26.06 44.66
C LEU D 54 17.25 26.63 45.36
N ARG D 55 16.63 25.86 46.27
CA ARG D 55 15.46 26.35 46.97
C ARG D 55 15.75 27.66 47.69
N GLU D 56 16.94 27.79 48.29
CA GLU D 56 17.30 29.03 48.94
C GLU D 56 17.70 30.11 47.94
N ASP D 57 18.51 29.75 46.96
CA ASP D 57 19.00 30.71 45.98
C ASP D 57 18.03 30.87 44.82
N ASP D 60 14.56 33.37 42.59
CA ASP D 60 13.47 33.77 41.74
C ASP D 60 12.30 32.80 41.80
N GLU D 61 11.13 33.24 41.35
CA GLU D 61 10.03 32.31 41.16
C GLU D 61 10.16 31.55 39.85
N GLU D 62 10.56 32.24 38.78
CA GLU D 62 10.72 31.57 37.48
C GLU D 62 11.89 30.62 37.50
N GLU D 63 12.99 31.01 38.16
CA GLU D 63 14.13 30.12 38.33
C GLU D 63 13.69 28.77 38.88
N ILE D 64 12.97 28.79 40.00
CA ILE D 64 12.51 27.56 40.61
C ILE D 64 11.49 26.85 39.71
N ASN D 65 10.49 27.59 39.23
CA ASN D 65 9.43 26.99 38.43
C ASN D 65 9.97 26.31 37.19
N LYS D 66 11.14 26.72 36.69
CA LYS D 66 11.73 26.10 35.52
C LYS D 66 12.70 24.99 35.90
N ARG D 67 13.58 25.24 36.87
CA ARG D 67 14.60 24.28 37.20
C ARG D 67 14.02 23.05 37.88
N LEU D 68 12.93 23.19 38.63
CA LEU D 68 12.34 22.01 39.26
C LEU D 68 11.74 21.08 38.21
N ASN D 69 11.15 21.65 37.16
CA ASN D 69 10.65 20.82 36.07
C ASN D 69 11.79 20.17 35.30
N GLU D 70 12.87 20.92 35.05
CA GLU D 70 14.01 20.30 34.39
C GLU D 70 14.59 19.17 35.24
N LEU D 71 14.60 19.35 36.56
CA LEU D 71 15.17 18.34 37.44
C LEU D 71 14.30 17.10 37.49
N MET D 72 12.98 17.27 37.56
CA MET D 72 12.12 16.09 37.52
C MET D 72 12.24 15.38 36.17
N LYS D 73 12.42 16.13 35.09
CA LYS D 73 12.59 15.50 33.78
C LYS D 73 13.86 14.67 33.75
N ILE D 74 14.98 15.22 34.23
CA ILE D 74 16.21 14.44 34.18
C ILE D 74 16.19 13.31 35.20
N ALA D 75 15.42 13.44 36.29
CA ALA D 75 15.32 12.32 37.21
C ALA D 75 14.52 11.18 36.61
N VAL D 76 13.44 11.48 35.89
CA VAL D 76 12.72 10.42 35.20
C VAL D 76 13.58 9.85 34.08
N GLU D 77 14.43 10.65 33.47
CA GLU D 77 15.37 10.09 32.51
C GLU D 77 16.32 9.11 33.19
N ALA D 78 16.78 9.44 34.40
CA ALA D 78 17.63 8.52 35.13
C ALA D 78 16.91 7.22 35.47
N LEU D 79 15.62 7.32 35.85
CA LEU D 79 14.85 6.10 36.11
C LEU D 79 14.68 5.27 34.86
N GLU D 80 14.34 5.90 33.74
CA GLU D 80 14.22 5.18 32.47
C GLU D 80 15.53 4.50 32.11
N LEU D 81 16.65 5.14 32.41
CA LEU D 81 17.94 4.54 32.11
C LEU D 81 18.21 3.34 33.00
N THR D 82 17.89 3.44 34.29
CA THR D 82 18.09 2.28 35.16
C THR D 82 17.16 1.14 34.79
N ILE D 83 15.96 1.45 34.29
CA ILE D 83 15.11 0.38 33.79
C ILE D 83 15.74 -0.27 32.57
N GLU D 84 16.35 0.53 31.69
CA GLU D 84 17.03 -0.08 30.54
C GLU D 84 18.15 -0.99 30.98
N VAL D 85 18.93 -0.58 31.98
CA VAL D 85 20.01 -1.44 32.46
C VAL D 85 19.45 -2.72 33.05
N LEU D 86 18.37 -2.63 33.81
CA LEU D 86 17.81 -3.85 34.39
C LEU D 86 17.26 -4.78 33.33
N ARG D 87 16.65 -4.22 32.28
CA ARG D 87 16.15 -5.08 31.22
C ARG D 87 17.30 -5.75 30.47
N SER D 88 18.40 -5.05 30.26
CA SER D 88 19.56 -5.70 29.65
C SER D 88 20.08 -6.81 30.54
N LEU D 89 20.06 -6.61 31.86
CA LEU D 89 20.45 -7.68 32.76
C LEU D 89 19.54 -8.89 32.63
N ALA D 90 18.24 -8.64 32.49
CA ALA D 90 17.31 -9.75 32.32
C ALA D 90 17.60 -10.52 31.03
N GLU D 91 17.83 -9.80 29.94
CA GLU D 91 18.15 -10.48 28.69
C GLU D 91 19.43 -11.29 28.80
N SER D 92 20.43 -10.75 29.50
CA SER D 92 21.67 -11.51 29.66
C SER D 92 21.45 -12.75 30.52
N ALA D 93 20.59 -12.67 31.52
CA ALA D 93 20.30 -13.87 32.30
C ALA D 93 19.58 -14.91 31.46
N LEU D 94 18.65 -14.50 30.61
CA LEU D 94 18.04 -15.44 29.70
C LEU D 94 19.08 -16.10 28.81
N ARG D 95 20.00 -15.32 28.26
CA ARG D 95 21.06 -15.90 27.43
C ARG D 95 21.92 -16.87 28.23
N ALA D 96 22.14 -16.59 29.51
CA ALA D 96 22.90 -17.53 30.33
C ALA D 96 22.16 -18.85 30.47
N LEU D 97 20.85 -18.79 30.69
CA LEU D 97 20.07 -20.02 30.77
C LEU D 97 20.10 -20.77 29.44
N GLU D 98 20.04 -20.03 28.33
CA GLU D 98 20.15 -20.65 27.02
C GLU D 98 21.47 -21.41 26.88
N LEU D 99 22.55 -20.82 27.36
CA LEU D 99 23.84 -21.51 27.34
C LEU D 99 23.79 -22.79 28.16
N LEU D 100 23.26 -22.68 29.37
CA LEU D 100 23.16 -23.81 30.28
C LEU D 100 22.30 -24.95 29.76
N LEU D 101 21.17 -24.62 29.13
CA LEU D 101 20.29 -25.66 28.60
C LEU D 101 21.02 -26.46 27.52
N LYS D 102 21.76 -25.76 26.66
CA LYS D 102 22.52 -26.39 25.60
C LYS D 102 23.61 -27.26 26.23
N LEU D 103 24.21 -26.75 27.30
CA LEU D 103 25.28 -27.46 27.99
C LEU D 103 24.75 -28.59 28.87
N ALA D 104 23.46 -28.87 28.82
CA ALA D 104 22.89 -29.92 29.65
C ALA D 104 21.89 -30.85 28.98
N GLU D 105 22.05 -32.15 29.19
CA GLU D 105 21.12 -33.13 28.64
C GLU D 105 20.24 -33.69 29.76
N ASP D 106 20.69 -33.51 31.00
CA ASP D 106 19.98 -33.98 32.19
C ASP D 106 18.75 -33.14 32.50
N HIS D 107 17.74 -33.74 33.13
CA HIS D 107 16.54 -33.02 33.49
C HIS D 107 16.64 -32.33 34.84
N LYS D 108 17.31 -32.95 35.81
CA LYS D 108 17.37 -32.35 37.14
C LYS D 108 18.06 -31.00 37.11
N VAL D 109 19.22 -30.93 36.45
CA VAL D 109 19.95 -29.66 36.37
C VAL D 109 19.15 -28.64 35.58
N ILE D 110 18.45 -29.07 34.52
CA ILE D 110 17.65 -28.13 33.75
C ILE D 110 16.55 -27.52 34.61
N GLU D 111 15.84 -28.36 35.37
CA GLU D 111 14.79 -27.82 36.22
C GLU D 111 15.36 -26.91 37.29
N GLU D 112 16.50 -27.28 37.88
CA GLU D 112 17.10 -26.43 38.89
C GLU D 112 17.51 -25.09 38.30
N ALA D 113 18.02 -25.09 37.07
CA ALA D 113 18.41 -23.85 36.42
C ALA D 113 17.21 -22.97 36.14
N VAL D 114 16.10 -23.56 35.70
CA VAL D 114 14.91 -22.74 35.46
C VAL D 114 14.38 -22.17 36.77
N LYS D 115 14.39 -22.97 37.84
CA LYS D 115 13.95 -22.43 39.13
C LYS D 115 14.84 -21.27 39.57
N LEU D 116 16.15 -21.43 39.44
CA LEU D 116 17.06 -20.36 39.83
C LEU D 116 16.87 -19.11 38.98
N LEU D 117 16.64 -19.28 37.68
CA LEU D 117 16.47 -18.12 36.82
C LEU D 117 15.15 -17.40 37.11
N LEU D 118 14.11 -18.15 37.44
CA LEU D 118 12.87 -17.50 37.84
C LEU D 118 13.07 -16.71 39.13
N GLU D 119 13.81 -17.29 40.08
CA GLU D 119 14.10 -16.54 41.29
C GLU D 119 14.87 -15.27 40.97
N PHE D 120 15.83 -15.35 40.05
CA PHE D 120 16.60 -14.16 39.71
C PHE D 120 15.73 -13.10 39.05
N LEU D 121 14.83 -13.49 38.16
CA LEU D 121 13.98 -12.49 37.52
C LEU D 121 12.99 -11.91 38.51
N LYS D 122 12.58 -12.69 39.51
CA LYS D 122 11.81 -12.11 40.60
C LYS D 122 12.61 -11.03 41.33
N LYS D 123 13.86 -11.33 41.70
CA LYS D 123 14.68 -10.33 42.36
C LYS D 123 14.94 -9.11 41.49
N LEU D 124 15.04 -9.32 40.18
CA LEU D 124 15.27 -8.19 39.29
C LEU D 124 14.06 -7.29 39.21
N ALA D 125 12.86 -7.86 39.06
CA ALA D 125 11.67 -7.03 39.09
C ALA D 125 11.52 -6.36 40.44
N GLU D 126 11.97 -7.00 41.52
CA GLU D 126 11.93 -6.34 42.81
C GLU D 126 12.84 -5.13 42.85
N VAL D 127 14.04 -5.24 42.30
CA VAL D 127 14.93 -4.08 42.22
C VAL D 127 14.31 -2.98 41.37
N ALA D 128 13.63 -3.36 40.30
CA ALA D 128 12.97 -2.35 39.48
C ALA D 128 11.86 -1.66 40.24
N GLU D 129 11.12 -2.40 41.07
CA GLU D 129 10.11 -1.76 41.90
C GLU D 129 10.74 -0.81 42.90
N GLU D 130 11.90 -1.18 43.46
CA GLU D 130 12.57 -0.27 44.38
C GLU D 130 13.02 0.99 43.66
N ALA D 131 13.49 0.86 42.42
CA ALA D 131 13.89 2.04 41.66
C ALA D 131 12.70 2.93 41.37
N ASN D 132 11.57 2.35 40.98
CA ASN D 132 10.37 3.15 40.77
C ASN D 132 9.95 3.86 42.04
N ARG D 133 9.99 3.16 43.17
CA ARG D 133 9.62 3.79 44.43
C ARG D 133 10.55 4.94 44.75
N LEU D 134 11.84 4.79 44.45
CA LEU D 134 12.77 5.90 44.67
C LEU D 134 12.43 7.09 43.79
N ALA D 135 12.14 6.85 42.52
CA ALA D 135 11.79 7.97 41.65
C ALA D 135 10.54 8.69 42.12
N LEU D 136 9.54 7.94 42.58
CA LEU D 136 8.30 8.59 43.02
C LEU D 136 8.48 9.32 44.34
N GLU D 137 9.22 8.73 45.28
CA GLU D 137 9.49 9.47 46.52
C GLU D 137 10.34 10.70 46.27
N PHE D 138 11.21 10.67 45.27
CA PHE D 138 11.95 11.87 44.93
C PHE D 138 11.05 12.92 44.30
N LEU D 139 10.11 12.50 43.46
CA LEU D 139 9.15 13.47 42.94
C LEU D 139 8.31 14.06 44.07
N GLU D 140 8.03 13.29 45.11
CA GLU D 140 7.33 13.83 46.26
C GLU D 140 8.18 14.85 47.01
N GLU D 141 9.44 14.50 47.28
CA GLU D 141 10.35 15.46 47.89
C GLU D 141 10.51 16.70 47.04
N LEU D 142 10.29 16.58 45.74
CA LEU D 142 10.35 17.74 44.87
C LEU D 142 9.09 18.58 44.97
N ILE D 143 7.92 17.95 45.03
CA ILE D 143 6.69 18.72 45.19
C ILE D 143 6.65 19.38 46.56
N GLU D 144 7.47 18.90 47.48
CA GLU D 144 7.62 19.56 48.75
C GLU D 144 8.25 20.92 48.47
N LEU D 145 9.12 20.98 47.46
CA LEU D 145 9.90 22.17 47.14
C LEU D 145 9.10 23.18 46.33
N GLY D 146 8.04 22.75 45.67
CA GLY D 146 7.18 23.70 45.01
C GLY D 146 7.24 23.64 43.50
N GLY D 147 7.58 22.48 42.95
CA GLY D 147 7.59 22.32 41.52
C GLY D 147 6.19 22.34 40.95
N ASP D 148 6.10 22.15 39.64
CA ASP D 148 4.81 22.08 39.00
C ASP D 148 4.05 20.85 39.49
N VAL D 149 2.75 20.84 39.21
CA VAL D 149 1.90 19.70 39.49
C VAL D 149 1.57 18.93 38.22
N GLU D 150 1.27 19.62 37.12
CA GLU D 150 1.08 18.91 35.86
C GLU D 150 2.38 18.27 35.39
N ALA D 151 3.49 18.99 35.49
CA ALA D 151 4.77 18.42 35.08
C ALA D 151 5.17 17.27 35.99
N ALA D 152 4.95 17.40 37.30
CA ALA D 152 5.25 16.30 38.20
C ALA D 152 4.39 15.09 37.89
N ALA D 153 3.12 15.30 37.59
CA ALA D 153 2.26 14.20 37.22
C ALA D 153 2.71 13.55 35.92
N LYS D 154 3.15 14.35 34.95
CA LYS D 154 3.62 13.79 33.69
C LYS D 154 4.91 12.99 33.88
N ALA D 155 5.83 13.50 34.68
CA ALA D 155 7.05 12.75 34.98
C ALA D 155 6.72 11.45 35.69
N SER D 156 5.76 11.48 36.62
CA SER D 156 5.35 10.26 37.29
C SER D 156 4.73 9.26 36.31
N LYS D 157 3.94 9.75 35.36
CA LYS D 157 3.35 8.86 34.38
C LYS D 157 4.42 8.26 33.48
N GLU D 158 5.43 9.03 33.12
CA GLU D 158 6.53 8.47 32.35
C GLU D 158 7.28 7.41 33.14
N ALA D 159 7.48 7.65 34.44
CA ALA D 159 8.11 6.64 35.28
C ALA D 159 7.30 5.35 35.27
N ALA D 160 5.98 5.46 35.48
CA ALA D 160 5.15 4.27 35.49
C ALA D 160 5.12 3.59 34.14
N ARG D 161 5.20 4.34 33.05
CA ARG D 161 5.19 3.70 31.74
C ARG D 161 6.48 2.95 31.47
N ALA D 162 7.63 3.52 31.86
CA ALA D 162 8.87 2.76 31.74
C ALA D 162 8.85 1.53 32.62
N SER D 163 8.26 1.62 33.81
CA SER D 163 8.16 0.46 34.66
C SER D 163 7.27 -0.62 34.05
N ALA D 164 6.16 -0.22 33.44
CA ALA D 164 5.31 -1.20 32.77
C ALA D 164 6.01 -1.82 31.58
N GLU D 165 6.84 -1.05 30.88
CA GLU D 165 7.63 -1.61 29.80
C GLU D 165 8.59 -2.67 30.32
N PHE D 166 9.22 -2.41 31.46
CA PHE D 166 10.07 -3.42 32.05
C PHE D 166 9.28 -4.65 32.45
N ALA D 167 8.08 -4.46 32.96
CA ALA D 167 7.26 -5.62 33.31
C ALA D 167 6.93 -6.46 32.08
N ARG D 168 6.64 -5.80 30.96
CA ARG D 168 6.37 -6.56 29.74
C ARG D 168 7.62 -7.28 29.24
N ALA D 169 8.78 -6.63 29.33
CA ALA D 169 10.00 -7.31 28.91
C ALA D 169 10.26 -8.54 29.77
N ILE D 170 10.04 -8.44 31.07
CA ILE D 170 10.22 -9.60 31.93
C ILE D 170 9.22 -10.69 31.58
N VAL D 171 7.97 -10.32 31.29
CA VAL D 171 6.99 -11.33 30.90
C VAL D 171 7.45 -12.06 29.64
N GLU D 172 8.00 -11.33 28.68
CA GLU D 172 8.45 -11.99 27.46
C GLU D 172 9.67 -12.88 27.74
N ILE D 173 10.55 -12.46 28.64
CA ILE D 173 11.68 -13.32 28.96
C ILE D 173 11.20 -14.59 29.67
N LEU D 174 10.19 -14.46 30.52
CA LEU D 174 9.63 -15.64 31.17
C LEU D 174 9.01 -16.58 30.14
N GLU D 175 8.30 -16.02 29.16
CA GLU D 175 7.73 -16.86 28.11
C GLU D 175 8.83 -17.56 27.33
N GLU D 176 9.93 -16.85 27.06
CA GLU D 176 11.04 -17.48 26.34
C GLU D 176 11.69 -18.59 27.16
N VAL D 177 11.79 -18.41 28.48
CA VAL D 177 12.32 -19.47 29.32
C VAL D 177 11.40 -20.68 29.31
N ALA D 178 10.09 -20.44 29.40
CA ALA D 178 9.16 -21.56 29.31
C ALA D 178 9.30 -22.27 27.98
N ARG D 179 9.50 -21.52 26.89
CA ARG D 179 9.65 -22.14 25.59
C ARG D 179 10.94 -22.94 25.49
N LEU D 180 12.04 -22.43 26.03
CA LEU D 180 13.28 -23.21 26.04
C LEU D 180 13.11 -24.49 26.84
N ALA D 181 12.49 -24.40 28.01
CA ALA D 181 12.27 -25.61 28.81
C ALA D 181 11.40 -26.61 28.07
N ILE D 182 10.38 -26.12 27.35
CA ILE D 182 9.54 -27.01 26.56
C ILE D 182 10.35 -27.68 25.46
N GLU D 183 11.19 -26.91 24.79
CA GLU D 183 11.94 -27.43 23.65
C GLU D 183 12.98 -28.45 24.08
N PHE D 184 13.66 -28.21 25.19
CA PHE D 184 14.75 -29.10 25.60
C PHE D 184 14.31 -30.06 26.70
N ILE D 185 13.03 -30.42 26.70
CA ILE D 185 12.46 -31.33 27.71
C ILE D 185 11.65 -32.47 27.11
N GLU D 186 11.89 -33.69 27.58
CA GLU D 186 11.17 -34.88 27.07
C GLU D 186 10.17 -35.57 28.02
N ASP D 187 9.82 -34.96 29.15
CA ASP D 187 8.90 -35.61 30.09
C ASP D 187 7.74 -34.75 30.60
N GLU D 188 6.65 -35.39 31.01
CA GLU D 188 5.48 -34.66 31.52
C GLU D 188 5.50 -34.35 33.00
N LYS D 189 6.02 -35.24 33.81
CA LYS D 189 6.03 -35.04 35.25
C LYS D 189 6.80 -33.77 35.58
N LEU D 190 7.88 -33.53 34.85
CA LEU D 190 8.70 -32.35 35.08
C LEU D 190 8.29 -31.16 34.25
N LEU D 191 7.79 -31.40 33.04
CA LEU D 191 7.45 -30.30 32.15
C LEU D 191 6.25 -29.54 32.69
N ALA D 192 5.28 -30.25 33.26
CA ALA D 192 4.16 -29.55 33.89
C ALA D 192 4.59 -28.82 35.15
N ARG D 193 5.60 -29.35 35.85
CA ARG D 193 6.15 -28.61 36.99
C ARG D 193 6.74 -27.29 36.53
N ILE D 194 7.50 -27.31 35.43
CA ILE D 194 8.06 -26.06 34.91
C ILE D 194 6.95 -25.13 34.44
N ALA D 195 5.89 -25.68 33.87
CA ALA D 195 4.76 -24.83 33.49
C ALA D 195 4.21 -24.10 34.70
N GLN D 196 3.93 -24.83 35.78
CA GLN D 196 3.33 -24.16 36.94
C GLN D 196 4.32 -23.20 37.59
N LEU D 197 5.62 -23.49 37.51
CA LEU D 197 6.60 -22.56 38.08
C LEU D 197 6.71 -21.27 37.27
N ILE D 198 6.72 -21.37 35.95
CA ILE D 198 6.72 -20.17 35.12
C ILE D 198 5.44 -19.37 35.37
N ILE D 199 4.32 -20.05 35.56
CA ILE D 199 3.09 -19.32 35.81
C ILE D 199 3.15 -18.60 37.14
N LYS D 200 3.69 -19.26 38.17
CA LYS D 200 3.86 -18.56 39.43
C LYS D 200 4.75 -17.33 39.26
N ALA D 201 5.81 -17.45 38.46
CA ALA D 201 6.67 -16.29 38.25
C ALA D 201 5.94 -15.17 37.51
N ILE D 202 5.09 -15.51 36.54
CA ILE D 202 4.38 -14.45 35.83
C ILE D 202 3.37 -13.77 36.75
N THR D 203 2.68 -14.54 37.59
CA THR D 203 1.80 -13.90 38.56
C THR D 203 2.59 -13.00 39.51
N GLU D 204 3.80 -13.41 39.88
CA GLU D 204 4.62 -12.56 40.73
C GLU D 204 5.00 -11.26 40.03
N ILE D 205 5.37 -11.36 38.75
CA ILE D 205 5.72 -10.16 38.01
C ILE D 205 4.53 -9.22 37.90
N VAL D 206 3.35 -9.76 37.59
CA VAL D 206 2.22 -8.87 37.44
C VAL D 206 1.79 -8.30 38.77
N ARG D 207 2.00 -9.03 39.87
CA ARG D 207 1.70 -8.45 41.17
C ARG D 207 2.65 -7.31 41.49
N ILE D 208 3.93 -7.46 41.16
CA ILE D 208 4.87 -6.37 41.39
C ILE D 208 4.54 -5.16 40.51
N MET D 209 4.13 -5.40 39.26
CA MET D 209 3.78 -4.28 38.40
C MET D 209 2.53 -3.56 38.91
N ALA D 210 1.53 -4.32 39.35
CA ALA D 210 0.35 -3.68 39.93
C ALA D 210 0.69 -2.94 41.21
N GLU D 211 1.64 -3.45 41.98
CA GLU D 211 2.05 -2.72 43.18
C GLU D 211 2.74 -1.41 42.82
N MET D 212 3.59 -1.43 41.81
CA MET D 212 4.20 -0.19 41.34
C MET D 212 3.15 0.81 40.91
N ALA D 213 2.14 0.34 40.16
CA ALA D 213 1.11 1.25 39.70
C ALA D 213 0.24 1.77 40.84
N SER D 214 -0.03 0.93 41.84
CA SER D 214 -0.81 1.39 42.98
C SER D 214 -0.04 2.42 43.79
N LEU D 215 1.26 2.21 43.95
CA LEU D 215 2.09 3.20 44.62
C LEU D 215 2.11 4.52 43.84
N ASN D 216 2.18 4.43 42.51
CA ASN D 216 2.19 5.67 41.74
C ASN D 216 0.84 6.39 41.81
N VAL D 217 -0.25 5.64 41.86
CA VAL D 217 -1.55 6.28 42.03
C VAL D 217 -1.66 6.93 43.40
N LYS D 218 -1.15 6.28 44.43
CA LYS D 218 -1.14 6.91 45.75
C LYS D 218 -0.29 8.16 45.76
N ALA D 219 0.81 8.16 45.01
CA ALA D 219 1.63 9.37 44.93
C ALA D 219 0.87 10.49 44.24
N MET D 220 0.17 10.19 43.16
CA MET D 220 -0.66 11.22 42.51
C MET D 220 -1.77 11.70 43.44
N SER D 221 -2.32 10.78 44.25
CA SER D 221 -3.33 11.16 45.22
C SER D 221 -2.79 12.10 46.29
N GLU D 222 -1.52 11.92 46.67
CA GLU D 222 -0.90 12.87 47.59
C GLU D 222 -0.38 14.11 46.89
N ILE D 223 -0.33 14.11 45.56
CA ILE D 223 0.04 15.31 44.82
C ILE D 223 -1.15 16.25 44.69
N ILE D 224 -2.33 15.73 44.36
CA ILE D 224 -3.46 16.60 44.04
C ILE D 224 -3.84 17.53 45.20
N LYS D 225 -3.24 17.30 46.35
CA LYS D 225 -3.58 18.10 47.52
C LYS D 225 -3.30 19.58 47.27
N LEU D 226 -2.21 19.88 46.58
CA LEU D 226 -1.90 21.28 46.31
C LEU D 226 -1.80 21.51 44.80
N ALA D 227 -2.96 21.47 44.16
CA ALA D 227 -3.09 21.67 42.72
C ALA D 227 -4.35 22.47 42.43
N ASP D 228 -4.38 23.16 41.30
CA ASP D 228 -5.55 23.96 40.92
C ASP D 228 -6.65 23.07 40.36
N ASP D 229 -7.90 23.53 40.38
CA ASP D 229 -8.97 22.63 39.96
C ASP D 229 -8.59 21.88 38.69
N GLU D 230 -8.17 22.62 37.66
CA GLU D 230 -7.83 21.99 36.38
C GLU D 230 -6.58 21.13 36.50
N THR D 231 -5.59 21.59 37.27
CA THR D 231 -4.38 20.80 37.45
C THR D 231 -4.67 19.51 38.20
N ALA D 232 -5.54 19.56 39.21
CA ALA D 232 -5.95 18.34 39.90
C ALA D 232 -6.68 17.40 38.96
N LYS D 233 -7.52 17.95 38.07
CA LYS D 233 -8.22 17.10 37.12
C LYS D 233 -7.24 16.44 36.15
N LYS D 234 -6.22 17.16 35.70
CA LYS D 234 -5.22 16.56 34.82
C LYS D 234 -4.44 15.47 35.55
N ALA D 235 -4.11 15.71 36.82
CA ALA D 235 -3.43 14.69 37.61
C ALA D 235 -4.28 13.44 37.72
N VAL D 236 -5.57 13.59 37.99
CA VAL D 236 -6.45 12.43 38.07
C VAL D 236 -6.57 11.74 36.72
N LYS D 237 -6.61 12.53 35.64
CA LYS D 237 -6.67 11.94 34.31
C LYS D 237 -5.49 11.02 34.06
N ILE D 238 -4.27 11.53 34.27
CA ILE D 238 -3.15 10.66 33.92
C ILE D 238 -2.86 9.62 34.99
N ALA D 239 -3.37 9.77 36.21
CA ALA D 239 -3.32 8.66 37.15
C ALA D 239 -4.21 7.51 36.68
N LEU D 240 -5.41 7.83 36.19
CA LEU D 240 -6.22 6.77 35.59
C LEU D 240 -5.56 6.24 34.33
N GLU D 241 -4.78 7.06 33.63
CA GLU D 241 -4.04 6.54 32.48
C GLU D 241 -3.01 5.51 32.92
N ILE D 242 -2.27 5.78 34.00
CA ILE D 242 -1.29 4.79 34.44
C ILE D 242 -1.99 3.54 34.95
N LEU D 243 -3.17 3.68 35.54
CA LEU D 243 -3.91 2.49 35.90
C LEU D 243 -4.34 1.71 34.67
N GLU D 244 -4.70 2.41 33.60
CA GLU D 244 -5.06 1.73 32.36
C GLU D 244 -3.88 0.94 31.81
N MET D 245 -2.68 1.53 31.84
CA MET D 245 -1.54 0.80 31.29
C MET D 245 -1.08 -0.33 32.21
N ALA D 246 -1.27 -0.20 33.52
CA ALA D 246 -1.03 -1.34 34.39
C ALA D 246 -2.03 -2.46 34.14
N MET D 247 -3.28 -2.11 33.85
CA MET D 247 -4.24 -3.11 33.43
C MET D 247 -3.82 -3.78 32.14
N LYS D 248 -3.27 -3.01 31.21
CA LYS D 248 -2.79 -3.61 29.97
C LYS D 248 -1.68 -4.59 30.26
N VAL D 249 -0.79 -4.26 31.21
CA VAL D 249 0.25 -5.22 31.57
C VAL D 249 -0.34 -6.46 32.19
N ALA D 250 -1.39 -6.31 33.00
CA ALA D 250 -2.01 -7.49 33.58
C ALA D 250 -2.61 -8.39 32.50
N GLU D 251 -3.30 -7.79 31.54
CA GLU D 251 -3.88 -8.57 30.46
C GLU D 251 -2.80 -9.24 29.61
N GLU D 252 -1.70 -8.54 29.36
CA GLU D 252 -0.64 -9.14 28.57
C GLU D 252 0.06 -10.26 29.31
N ALA D 253 0.26 -10.09 30.62
CA ALA D 253 0.82 -11.17 31.40
C ALA D 253 -0.09 -12.38 31.38
N ASN D 254 -1.41 -12.16 31.47
CA ASN D 254 -2.33 -13.28 31.35
C ASN D 254 -2.20 -13.98 30.01
N GLU D 255 -2.18 -13.21 28.92
CA GLU D 255 -2.09 -13.83 27.61
C GLU D 255 -0.80 -14.61 27.44
N ALA D 256 0.33 -14.07 27.91
CA ALA D 256 1.58 -14.80 27.77
C ALA D 256 1.61 -16.04 28.65
N ALA D 257 1.07 -15.94 29.87
CA ALA D 257 1.00 -17.10 30.74
C ALA D 257 0.15 -18.19 30.13
N LEU D 258 -0.97 -17.80 29.53
CA LEU D 258 -1.85 -18.77 28.91
C LEU D 258 -1.21 -19.37 27.66
N ARG D 259 -0.45 -18.58 26.90
CA ARG D 259 0.32 -19.16 25.81
C ARG D 259 1.28 -20.22 26.33
N VAL D 260 1.94 -19.94 27.45
CA VAL D 260 2.87 -20.92 28.00
C VAL D 260 2.14 -22.18 28.42
N LEU D 261 0.98 -22.04 29.05
CA LEU D 261 0.29 -23.25 29.48
C LEU D 261 -0.24 -24.05 28.29
N GLU D 262 -0.66 -23.35 27.24
CA GLU D 262 -1.06 -24.04 26.02
C GLU D 262 0.12 -24.76 25.39
N LEU D 263 1.31 -24.19 25.41
CA LEU D 263 2.42 -24.90 24.78
C LEU D 263 2.71 -26.26 25.42
N ALA D 264 2.75 -26.27 26.75
CA ALA D 264 3.03 -27.50 27.49
C ALA D 264 1.95 -28.55 27.29
N VAL D 265 0.70 -28.11 27.28
CA VAL D 265 -0.44 -29.02 27.09
C VAL D 265 -0.27 -29.66 25.72
N LYS D 266 0.19 -28.86 24.76
CA LYS D 266 0.47 -29.30 23.39
C LYS D 266 1.59 -30.34 23.38
N ALA D 267 2.58 -30.14 24.25
CA ALA D 267 3.74 -31.01 24.39
C ALA D 267 3.51 -32.22 25.29
N GLY D 268 2.28 -32.36 25.81
CA GLY D 268 1.96 -33.48 26.69
C GLY D 268 2.05 -33.26 28.18
N GLY D 269 2.20 -32.01 28.61
CA GLY D 269 2.29 -31.72 30.03
C GLY D 269 1.01 -32.14 30.74
N ASP D 270 1.17 -32.70 31.92
CA ASP D 270 0.05 -33.21 32.72
C ASP D 270 -1.15 -32.28 32.54
N VAL D 271 -2.34 -32.89 32.43
CA VAL D 271 -3.54 -32.09 32.15
C VAL D 271 -4.07 -31.43 33.42
N GLU D 272 -4.30 -32.22 34.46
CA GLU D 272 -4.88 -31.64 35.68
C GLU D 272 -3.95 -30.60 36.29
N LEU D 273 -2.63 -30.78 36.19
CA LEU D 273 -1.73 -29.79 36.74
C LEU D 273 -1.79 -28.49 35.94
N ALA D 274 -1.89 -28.56 34.62
CA ALA D 274 -2.07 -27.35 33.84
C ALA D 274 -3.40 -26.67 34.18
N ALA D 275 -4.44 -27.46 34.47
CA ALA D 275 -5.69 -26.85 34.91
C ALA D 275 -5.50 -26.11 36.22
N GLU D 276 -4.80 -26.72 37.17
CA GLU D 276 -4.56 -26.03 38.43
C GLU D 276 -3.71 -24.78 38.24
N ALA D 277 -2.77 -24.82 37.30
CA ALA D 277 -1.95 -23.64 37.02
C ALA D 277 -2.80 -22.52 36.45
N SER D 278 -3.69 -22.83 35.51
CA SER D 278 -4.56 -21.78 34.98
C SER D 278 -5.51 -21.24 36.04
N HIS D 279 -6.00 -22.10 36.93
CA HIS D 279 -6.84 -21.62 38.02
C HIS D 279 -6.08 -20.66 38.92
N GLU D 280 -4.86 -21.03 39.31
CA GLU D 280 -4.09 -20.15 40.17
C GLU D 280 -3.73 -18.86 39.46
N LEU D 281 -3.43 -18.92 38.17
CA LEU D 281 -3.18 -17.71 37.40
C LEU D 281 -4.40 -16.80 37.40
N ALA D 282 -5.57 -17.35 37.11
CA ALA D 282 -6.78 -16.54 37.14
C ALA D 282 -7.00 -15.92 38.51
N LYS D 283 -6.77 -16.69 39.57
CA LYS D 283 -6.96 -16.17 40.92
C LYS D 283 -6.02 -14.99 41.19
N ALA D 284 -4.74 -15.17 40.87
CA ALA D 284 -3.78 -14.10 41.14
C ALA D 284 -4.11 -12.85 40.32
N SER D 285 -4.45 -13.02 39.05
CA SER D 285 -4.75 -11.85 38.24
C SER D 285 -6.06 -11.19 38.66
N LEU D 286 -7.02 -11.95 39.17
CA LEU D 286 -8.22 -11.31 39.69
C LEU D 286 -7.88 -10.52 40.95
N GLU D 287 -6.97 -11.02 41.78
CA GLU D 287 -6.54 -10.21 42.92
C GLU D 287 -5.82 -8.95 42.45
N VAL D 288 -5.06 -9.04 41.37
CA VAL D 288 -4.39 -7.86 40.82
C VAL D 288 -5.41 -6.83 40.35
N LEU D 289 -6.43 -7.27 39.61
CA LEU D 289 -7.44 -6.33 39.17
C LEU D 289 -8.22 -5.77 40.35
N LYS D 290 -8.37 -6.55 41.43
CA LYS D 290 -9.00 -6.02 42.63
C LYS D 290 -8.16 -4.91 43.26
N ILE D 291 -6.85 -5.11 43.35
CA ILE D 291 -6.04 -4.06 43.96
C ILE D 291 -6.00 -2.82 43.07
N MET D 292 -6.13 -2.99 41.76
CA MET D 292 -6.21 -1.81 40.91
C MET D 292 -7.55 -1.08 41.11
N VAL D 293 -8.63 -1.83 41.30
CA VAL D 293 -9.90 -1.19 41.69
C VAL D 293 -9.71 -0.40 42.97
N GLU D 294 -9.01 -0.98 43.94
CA GLU D 294 -8.80 -0.28 45.21
C GLU D 294 -8.02 1.01 45.00
N ALA D 295 -6.97 0.96 44.18
CA ALA D 295 -6.20 2.16 43.90
C ALA D 295 -7.04 3.22 43.23
N ALA D 296 -7.87 2.82 42.26
CA ALA D 296 -8.72 3.80 41.59
C ALA D 296 -9.73 4.40 42.54
N GLU D 297 -10.25 3.62 43.48
CA GLU D 297 -11.20 4.15 44.44
C GLU D 297 -10.53 5.14 45.39
N LEU D 298 -9.32 4.84 45.85
CA LEU D 298 -8.61 5.81 46.68
C LEU D 298 -8.32 7.09 45.92
N LEU D 299 -7.91 6.97 44.67
CA LEU D 299 -7.69 8.17 43.86
C LEU D 299 -8.96 8.98 43.71
N ALA D 300 -10.10 8.31 43.48
CA ALA D 300 -11.35 9.03 43.35
C ALA D 300 -11.75 9.72 44.65
N ARG D 301 -11.55 9.05 45.78
CA ARG D 301 -11.83 9.67 47.07
C ARG D 301 -11.03 10.95 47.23
N ALA D 302 -9.71 10.87 46.99
CA ALA D 302 -8.87 12.06 47.16
C ALA D 302 -9.28 13.16 46.18
N ALA D 303 -9.54 12.81 44.92
CA ALA D 303 -9.95 13.81 43.94
C ALA D 303 -11.22 14.53 44.40
N ILE D 304 -12.28 13.76 44.69
CA ILE D 304 -13.52 14.35 45.15
C ILE D 304 -13.29 15.24 46.37
N GLU D 305 -12.42 14.81 47.29
CA GLU D 305 -12.21 15.61 48.49
C GLU D 305 -11.28 16.79 48.27
N VAL D 306 -10.66 16.92 47.10
CA VAL D 306 -9.81 18.07 46.83
C VAL D 306 -10.18 18.82 45.56
N ILE D 307 -10.98 18.26 44.65
CA ILE D 307 -11.23 18.90 43.37
C ILE D 307 -12.00 20.22 43.56
N GLU D 308 -12.96 20.24 44.48
CA GLU D 308 -13.65 21.46 44.93
C GLU D 308 -14.32 22.21 43.77
N ASP D 309 -15.33 21.55 43.19
CA ASP D 309 -16.12 22.16 42.13
C ASP D 309 -17.44 21.42 42.06
N GLU D 310 -18.24 21.79 41.05
CA GLU D 310 -19.52 21.17 40.75
C GLU D 310 -19.53 20.50 39.35
N LYS D 311 -18.58 20.89 38.50
CA LYS D 311 -18.43 20.36 37.16
C LYS D 311 -17.20 19.47 37.02
N LEU D 312 -16.03 19.97 37.38
CA LEU D 312 -14.84 19.12 37.32
C LEU D 312 -14.89 18.00 38.36
N LEU D 313 -15.61 18.21 39.45
CA LEU D 313 -15.84 17.12 40.39
C LEU D 313 -16.48 15.93 39.69
N ALA D 314 -17.63 16.18 39.06
CA ALA D 314 -18.32 15.10 38.36
C ALA D 314 -17.50 14.61 37.17
N GLU D 315 -16.70 15.47 36.56
CA GLU D 315 -15.86 15.01 35.45
C GLU D 315 -14.83 13.99 35.92
N ALA D 316 -14.14 14.29 37.02
CA ALA D 316 -13.16 13.34 37.56
C ALA D 316 -13.85 12.09 38.06
N ALA D 317 -15.03 12.23 38.67
CA ALA D 317 -15.76 11.05 39.12
C ALA D 317 -16.15 10.17 37.95
N GLN D 318 -16.64 10.76 36.87
CA GLN D 318 -16.99 10.00 35.68
C GLN D 318 -15.78 9.37 35.02
N LEU D 319 -14.61 10.02 35.11
CA LEU D 319 -13.42 9.42 34.55
C LEU D 319 -12.98 8.21 35.36
N VAL D 320 -13.04 8.31 36.69
CA VAL D 320 -12.79 7.13 37.52
C VAL D 320 -13.81 6.04 37.20
N ILE D 321 -15.04 6.43 36.90
CA ILE D 321 -16.05 5.46 36.51
C ILE D 321 -15.69 4.76 35.22
N GLU D 322 -15.13 5.48 34.26
CA GLU D 322 -14.69 4.79 33.05
C GLU D 322 -13.53 3.85 33.34
N ALA D 323 -12.63 4.24 34.25
CA ALA D 323 -11.56 3.33 34.64
C ALA D 323 -12.11 2.06 35.29
N ILE D 324 -13.08 2.20 36.17
CA ILE D 324 -13.69 1.03 36.80
C ILE D 324 -14.45 0.21 35.78
N ARG D 325 -15.05 0.85 34.78
CA ARG D 325 -15.70 0.10 33.71
C ARG D 325 -14.68 -0.78 33.00
N ARG D 326 -13.52 -0.20 32.68
CA ARG D 326 -12.50 -0.99 32.01
C ARG D 326 -11.95 -2.09 32.91
N LEU D 327 -11.85 -1.83 34.21
CA LEU D 327 -11.45 -2.88 35.14
C LEU D 327 -12.43 -4.04 35.15
N MET D 328 -13.73 -3.74 35.22
CA MET D 328 -14.73 -4.79 35.15
C MET D 328 -14.61 -5.58 33.85
N GLU D 329 -14.46 -4.88 32.73
CA GLU D 329 -14.39 -5.55 31.46
C GLU D 329 -13.16 -6.47 31.38
N ILE D 330 -12.02 -6.03 31.92
CA ILE D 330 -10.83 -6.86 31.86
C ILE D 330 -10.92 -8.04 32.82
N MET D 331 -11.55 -7.84 33.99
CA MET D 331 -11.84 -8.98 34.84
C MET D 331 -12.63 -10.03 34.09
N ALA D 332 -13.70 -9.60 33.43
CA ALA D 332 -14.54 -10.52 32.69
C ALA D 332 -13.78 -11.19 31.56
N ARG D 333 -12.94 -10.43 30.85
CA ARG D 333 -12.23 -11.01 29.72
C ARG D 333 -11.21 -12.05 30.19
N ILE D 334 -10.49 -11.77 31.26
CA ILE D 334 -9.52 -12.75 31.74
C ILE D 334 -10.23 -14.00 32.25
N ALA D 335 -11.37 -13.83 32.91
CA ALA D 335 -12.13 -14.99 33.35
C ALA D 335 -12.59 -15.82 32.17
N LYS D 336 -13.12 -15.17 31.14
CA LYS D 336 -13.57 -15.92 29.97
C LYS D 336 -12.42 -16.64 29.29
N LEU D 337 -11.27 -15.99 29.18
CA LEU D 337 -10.16 -16.61 28.47
C LEU D 337 -9.63 -17.81 29.23
N ASN D 338 -9.52 -17.71 30.55
CA ASN D 338 -9.06 -18.87 31.30
C ASN D 338 -10.11 -19.98 31.31
N ALA D 339 -11.39 -19.64 31.34
CA ALA D 339 -12.42 -20.67 31.24
C ALA D 339 -12.35 -21.38 29.90
N GLU D 340 -12.06 -20.64 28.83
CA GLU D 340 -11.95 -21.29 27.52
C GLU D 340 -10.73 -22.18 27.44
N PHE D 341 -9.60 -21.76 28.01
CA PHE D 341 -8.45 -22.64 28.02
C PHE D 341 -8.74 -23.91 28.81
N LEU D 342 -9.34 -23.78 29.98
CA LEU D 342 -9.70 -24.98 30.71
C LEU D 342 -10.68 -25.83 29.93
N ALA D 343 -11.53 -25.22 29.10
CA ALA D 343 -12.45 -26.00 28.29
C ALA D 343 -11.71 -26.82 27.25
N ARG D 344 -10.71 -26.24 26.59
CA ARG D 344 -9.92 -27.01 25.63
C ARG D 344 -9.18 -28.14 26.33
N VAL D 345 -8.52 -27.83 27.45
CA VAL D 345 -7.78 -28.86 28.16
C VAL D 345 -8.70 -29.94 28.68
N MET D 346 -9.94 -29.58 29.04
CA MET D 346 -10.94 -30.59 29.36
C MET D 346 -11.23 -31.47 28.15
N LYS D 347 -11.48 -30.83 27.00
CA LYS D 347 -11.65 -31.56 25.75
C LYS D 347 -10.57 -32.60 25.55
N LEU D 348 -9.37 -32.34 26.05
CA LEU D 348 -8.30 -33.32 25.90
C LEU D 348 -8.15 -34.26 27.09
N ALA D 349 -8.87 -34.06 28.19
CA ALA D 349 -8.36 -34.59 29.45
C ALA D 349 -8.62 -36.07 29.77
N ASP D 350 -9.85 -36.41 30.18
CA ASP D 350 -10.04 -37.70 30.84
C ASP D 350 -11.50 -37.89 31.23
N GLU D 351 -11.80 -39.02 31.90
CA GLU D 351 -13.13 -39.26 32.44
C GLU D 351 -13.41 -38.41 33.68
N GLU D 352 -12.46 -38.33 34.61
CA GLU D 352 -12.70 -37.67 35.88
C GLU D 352 -11.96 -36.35 36.06
N THR D 353 -10.75 -36.21 35.51
CA THR D 353 -10.14 -34.88 35.53
C THR D 353 -11.00 -33.89 34.78
N ALA D 354 -11.83 -34.35 33.84
CA ALA D 354 -12.77 -33.45 33.19
C ALA D 354 -13.79 -32.88 34.16
N GLU D 355 -14.35 -33.71 35.04
CA GLU D 355 -15.25 -33.17 36.04
C GLU D 355 -14.52 -32.29 37.03
N ARG D 356 -13.27 -32.62 37.33
CA ARG D 356 -12.47 -31.73 38.17
C ARG D 356 -12.27 -30.38 37.50
N VAL D 357 -12.03 -30.38 36.20
CA VAL D 357 -11.87 -29.13 35.45
C VAL D 357 -13.19 -28.36 35.39
N LEU D 358 -14.31 -29.06 35.28
CA LEU D 358 -15.58 -28.34 35.30
C LEU D 358 -15.81 -27.68 36.66
N GLU D 359 -15.49 -28.39 37.74
CA GLU D 359 -15.60 -27.79 39.06
C GLU D 359 -14.66 -26.61 39.24
N ILE D 360 -13.44 -26.71 38.72
CA ILE D 360 -12.49 -25.62 38.83
C ILE D 360 -12.98 -24.41 38.02
N ILE D 361 -13.58 -24.64 36.85
CA ILE D 361 -14.11 -23.53 36.07
C ILE D 361 -15.25 -22.86 36.82
N THR D 362 -16.12 -23.66 37.43
CA THR D 362 -17.17 -23.06 38.25
C THR D 362 -16.56 -22.21 39.35
N GLU D 363 -15.47 -22.67 39.95
CA GLU D 363 -14.81 -21.88 40.98
C GLU D 363 -14.27 -20.57 40.41
N ILE D 364 -13.64 -20.61 39.24
CA ILE D 364 -13.07 -19.39 38.66
C ILE D 364 -14.17 -18.40 38.32
N LEU D 365 -15.30 -18.89 37.80
CA LEU D 365 -16.37 -17.97 37.44
C LEU D 365 -17.07 -17.42 38.67
N ARG D 366 -17.19 -18.22 39.73
CA ARG D 366 -17.71 -17.66 40.97
C ARG D 366 -16.79 -16.56 41.49
N GLN D 367 -15.47 -16.79 41.44
CA GLN D 367 -14.53 -15.78 41.89
C GLN D 367 -14.62 -14.52 41.03
N ALA D 368 -14.76 -14.68 39.73
CA ALA D 368 -14.85 -13.53 38.84
C ALA D 368 -16.14 -12.75 39.07
N SER D 369 -17.25 -13.45 39.29
CA SER D 369 -18.49 -12.76 39.60
C SER D 369 -18.38 -12.01 40.92
N GLU D 370 -17.76 -12.62 41.92
CA GLU D 370 -17.60 -11.94 43.19
C GLU D 370 -16.75 -10.69 43.05
N LEU D 371 -15.68 -10.75 42.26
CA LEU D 371 -14.85 -9.57 42.10
C LEU D 371 -15.50 -8.51 41.23
N ALA D 372 -16.33 -8.92 40.26
CA ALA D 372 -17.10 -7.92 39.52
C ALA D 372 -18.11 -7.23 40.43
N GLU D 373 -18.73 -7.98 41.35
CA GLU D 373 -19.63 -7.35 42.30
C GLU D 373 -18.90 -6.41 43.23
N GLU D 374 -17.69 -6.79 43.65
CA GLU D 374 -16.90 -5.87 44.47
C GLU D 374 -16.52 -4.62 43.69
N ALA D 375 -16.25 -4.76 42.39
CA ALA D 375 -15.99 -3.59 41.57
C ALA D 375 -17.23 -2.70 41.48
N ASN D 376 -18.41 -3.31 41.42
CA ASN D 376 -19.63 -2.52 41.39
C ASN D 376 -19.82 -1.78 42.70
N LYS D 377 -19.51 -2.43 43.82
CA LYS D 377 -19.58 -1.75 45.11
C LYS D 377 -18.60 -0.59 45.16
N ALA D 378 -17.41 -0.77 44.59
CA ALA D 378 -16.44 0.32 44.54
C ALA D 378 -16.97 1.49 43.74
N ALA D 379 -17.54 1.23 42.57
CA ALA D 379 -18.07 2.32 41.76
C ALA D 379 -19.25 2.99 42.43
N GLU D 380 -20.10 2.22 43.12
CA GLU D 380 -21.20 2.82 43.85
C GLU D 380 -20.70 3.70 44.98
N ARG D 381 -19.64 3.28 45.69
CA ARG D 381 -19.07 4.11 46.72
C ARG D 381 -18.53 5.41 46.13
N VAL D 382 -17.88 5.31 44.96
CA VAL D 382 -17.36 6.52 44.33
C VAL D 382 -18.50 7.45 43.93
N LEU D 383 -19.58 6.90 43.40
CA LEU D 383 -20.68 7.76 42.99
C LEU D 383 -21.41 8.35 44.20
N ASP D 384 -21.43 7.65 45.33
CA ASP D 384 -22.01 8.25 46.52
C ASP D 384 -21.13 9.35 47.09
N LEU D 385 -19.80 9.16 47.03
CA LEU D 385 -18.90 10.23 47.43
C LEU D 385 -18.93 11.40 46.47
N ALA D 386 -19.37 11.19 45.23
CA ALA D 386 -19.58 12.31 44.33
C ALA D 386 -20.94 12.98 44.56
N ARG D 387 -21.93 12.20 45.00
CA ARG D 387 -23.23 12.80 45.35
C ARG D 387 -23.12 13.66 46.59
N LYS D 388 -22.44 13.16 47.62
CA LYS D 388 -22.34 13.91 48.86
C LYS D 388 -21.47 15.15 48.72
N ALA D 389 -20.54 15.14 47.78
CA ALA D 389 -19.71 16.32 47.54
C ALA D 389 -20.37 17.30 46.58
N GLY D 390 -21.57 17.01 46.10
CA GLY D 390 -22.30 17.94 45.28
C GLY D 390 -21.71 18.16 43.91
N GLY D 391 -21.75 17.12 43.07
CA GLY D 391 -21.29 17.23 41.70
C GLY D 391 -22.45 17.39 40.73
N ASP D 392 -22.09 17.45 39.45
CA ASP D 392 -23.09 17.52 38.40
C ASP D 392 -23.98 16.29 38.46
N GLU D 393 -25.25 16.47 38.11
CA GLU D 393 -26.20 15.38 38.20
C GLU D 393 -26.27 14.55 36.93
N GLU D 394 -26.19 15.20 35.77
CA GLU D 394 -26.20 14.45 34.52
C GLU D 394 -25.01 13.49 34.45
N LEU D 395 -23.83 13.96 34.84
CA LEU D 395 -22.64 13.11 34.81
C LEU D 395 -22.81 11.93 35.74
N VAL D 396 -23.38 12.16 36.94
CA VAL D 396 -23.55 11.07 37.89
C VAL D 396 -24.56 10.06 37.36
N HIS D 397 -25.65 10.54 36.75
CA HIS D 397 -26.61 9.61 36.17
C HIS D 397 -25.99 8.80 35.05
N THR D 398 -25.18 9.44 34.21
CA THR D 398 -24.52 8.70 33.13
C THR D 398 -23.54 7.67 33.68
N ALA D 399 -22.85 8.00 34.78
CA ALA D 399 -21.96 7.03 35.39
C ALA D 399 -22.73 5.84 35.96
N SER D 400 -23.84 6.09 36.63
CA SER D 400 -24.64 4.99 37.15
C SER D 400 -25.17 4.11 36.02
N SER D 401 -25.58 4.74 34.91
CA SER D 401 -26.06 3.98 33.77
C SER D 401 -24.92 3.14 33.18
N LEU D 402 -23.72 3.71 33.12
CA LEU D 402 -22.59 2.97 32.59
C LEU D 402 -22.26 1.78 33.47
N LEU D 403 -22.38 1.92 34.79
CA LEU D 403 -22.11 0.77 35.65
C LEU D 403 -23.20 -0.29 35.55
N ILE D 404 -24.46 0.11 35.41
CA ILE D 404 -25.48 -0.91 35.16
C ILE D 404 -25.18 -1.66 33.87
N LYS D 405 -24.84 -0.93 32.81
CA LYS D 405 -24.51 -1.59 31.56
C LYS D 405 -23.30 -2.50 31.69
N ALA D 406 -22.27 -2.07 32.42
CA ALA D 406 -21.06 -2.88 32.53
C ALA D 406 -21.29 -4.11 33.40
N SER D 407 -22.05 -3.97 34.49
CA SER D 407 -22.36 -5.14 35.29
C SER D 407 -23.19 -6.14 34.50
N ALA D 408 -24.13 -5.64 33.68
CA ALA D 408 -24.86 -6.55 32.81
C ALA D 408 -23.93 -7.23 31.83
N GLU D 409 -22.96 -6.49 31.30
CA GLU D 409 -22.02 -7.10 30.36
C GLU D 409 -21.20 -8.20 31.02
N VAL D 410 -20.77 -7.98 32.27
CA VAL D 410 -20.01 -9.01 32.96
C VAL D 410 -20.88 -10.22 33.24
N LEU D 411 -22.14 -10.01 33.61
CA LEU D 411 -23.04 -11.15 33.77
C LEU D 411 -23.17 -11.93 32.47
N ARG D 412 -23.33 -11.22 31.35
CA ARG D 412 -23.45 -11.90 30.07
C ARG D 412 -22.21 -12.74 29.77
N ILE D 413 -21.02 -12.15 29.90
CA ILE D 413 -19.81 -12.86 29.53
C ILE D 413 -19.55 -14.05 30.45
N LEU D 414 -19.71 -13.87 31.77
CA LEU D 414 -19.44 -14.99 32.66
C LEU D 414 -20.46 -16.10 32.44
N PHE D 415 -21.72 -15.76 32.15
CA PHE D 415 -22.67 -16.80 31.84
C PHE D 415 -22.28 -17.53 30.57
N GLU D 416 -21.82 -16.81 29.54
CA GLU D 416 -21.37 -17.47 28.34
C GLU D 416 -20.23 -18.43 28.63
N ALA D 417 -19.30 -18.02 29.52
CA ALA D 417 -18.20 -18.90 29.86
C ALA D 417 -18.68 -20.15 30.58
N ALA D 418 -19.62 -19.99 31.52
CA ALA D 418 -20.13 -21.17 32.22
C ALA D 418 -20.83 -22.12 31.27
N VAL D 419 -21.61 -21.58 30.34
CA VAL D 419 -22.28 -22.44 29.37
C VAL D 419 -21.27 -23.13 28.48
N HIS D 420 -20.20 -22.44 28.11
CA HIS D 420 -19.17 -23.09 27.32
C HIS D 420 -18.50 -24.22 28.10
N ALA D 421 -18.31 -24.02 29.40
CA ALA D 421 -17.77 -25.11 30.21
C ALA D 421 -18.71 -26.30 30.23
N ILE D 422 -20.01 -26.06 30.38
CA ILE D 422 -20.96 -27.18 30.40
C ILE D 422 -20.97 -27.90 29.06
N LEU D 423 -20.93 -27.15 27.96
CA LEU D 423 -20.88 -27.79 26.66
C LEU D 423 -19.62 -28.63 26.52
N ALA D 424 -18.47 -28.11 26.93
CA ALA D 424 -17.24 -28.88 26.79
C ALA D 424 -17.27 -30.14 27.65
N PHE D 425 -17.82 -30.05 28.86
CA PHE D 425 -17.88 -31.25 29.68
C PHE D 425 -18.81 -32.29 29.09
N ASN D 426 -19.94 -31.86 28.52
CA ASN D 426 -20.81 -32.82 27.85
C ASN D 426 -20.11 -33.45 26.66
N GLU D 427 -19.38 -32.65 25.89
CA GLU D 427 -18.65 -33.22 24.76
C GLU D 427 -17.60 -34.20 25.23
N VAL D 428 -16.98 -33.97 26.39
CA VAL D 428 -16.02 -34.92 26.90
C VAL D 428 -16.70 -36.20 27.35
N LEU D 429 -17.87 -36.09 27.98
CA LEU D 429 -18.62 -37.29 28.32
C LEU D 429 -18.93 -38.11 27.07
N TYR D 430 -19.35 -37.44 26.01
CA TYR D 430 -19.63 -38.14 24.76
C TYR D 430 -18.38 -38.75 24.16
N ARG D 431 -17.26 -38.02 24.18
CA ARG D 431 -16.02 -38.56 23.64
C ARG D 431 -15.57 -39.78 24.41
N LEU D 432 -15.73 -39.75 25.74
CA LEU D 432 -15.40 -40.90 26.57
C LEU D 432 -16.28 -42.09 26.23
N LEU D 433 -17.59 -41.86 26.07
CA LEU D 433 -18.48 -42.98 25.74
C LEU D 433 -18.17 -43.55 24.36
N LYS D 434 -17.78 -42.70 23.41
CA LYS D 434 -17.44 -43.21 22.09
C LYS D 434 -16.12 -43.97 22.12
N GLU D 435 -15.16 -43.51 22.93
CA GLU D 435 -13.89 -44.19 23.04
C GLU D 435 -14.04 -45.54 23.74
N ALA D 436 -14.93 -45.61 24.73
CA ALA D 436 -15.14 -46.82 25.50
C ALA D 436 -15.99 -47.85 24.77
N GLY D 437 -16.20 -47.69 23.47
CA GLY D 437 -16.87 -48.68 22.66
C GLY D 437 -18.29 -49.01 23.08
N ALA D 438 -19.13 -47.99 23.23
CA ALA D 438 -20.52 -48.23 23.54
C ALA D 438 -21.30 -48.53 22.27
N ASP D 439 -22.60 -48.77 22.41
CA ASP D 439 -23.44 -49.12 21.29
C ASP D 439 -23.63 -47.92 20.37
N GLU D 440 -24.14 -48.18 19.15
CA GLU D 440 -24.34 -47.10 18.19
C GLU D 440 -25.65 -46.37 18.45
N GLU D 441 -26.74 -47.11 18.67
CA GLU D 441 -28.00 -46.46 19.04
C GLU D 441 -27.87 -45.71 20.35
N PHE D 442 -27.13 -46.29 21.30
CA PHE D 442 -26.90 -45.63 22.58
C PHE D 442 -26.14 -44.33 22.40
N LEU D 443 -25.08 -44.35 21.59
CA LEU D 443 -24.32 -43.14 21.33
C LEU D 443 -25.15 -42.13 20.55
N LYS D 444 -26.06 -42.58 19.71
CA LYS D 444 -26.95 -41.65 19.03
C LYS D 444 -27.89 -40.98 20.02
N GLU D 445 -28.40 -41.73 20.99
CA GLU D 445 -29.24 -41.12 22.02
C GLU D 445 -28.45 -40.10 22.84
N ILE D 446 -27.19 -40.42 23.15
CA ILE D 446 -26.37 -39.48 23.89
C ILE D 446 -26.06 -38.24 23.07
N GLU D 447 -25.78 -38.40 21.78
CA GLU D 447 -25.49 -37.20 20.99
C GLU D 447 -26.74 -36.37 20.75
N ILE D 448 -27.91 -36.98 20.72
CA ILE D 448 -29.11 -36.15 20.60
C ILE D 448 -29.44 -35.46 21.92
N LYS D 449 -29.18 -36.09 23.06
CA LYS D 449 -29.36 -35.36 24.31
C LYS D 449 -28.35 -34.24 24.46
N LEU D 450 -27.14 -34.42 23.94
CA LEU D 450 -26.18 -33.32 23.94
C LEU D 450 -26.61 -32.21 22.99
N ALA D 451 -27.23 -32.56 21.86
CA ALA D 451 -27.82 -31.55 21.01
C ALA D 451 -28.92 -30.80 21.74
N GLU D 452 -29.70 -31.50 22.56
CA GLU D 452 -30.66 -30.83 23.42
C GLU D 452 -29.99 -29.83 24.34
N ILE D 453 -28.91 -30.26 24.99
CA ILE D 453 -28.16 -29.36 25.85
C ILE D 453 -27.76 -28.11 25.08
N GLU D 454 -27.24 -28.29 23.88
CA GLU D 454 -26.77 -27.14 23.11
C GLU D 454 -27.93 -26.25 22.66
N MET D 455 -29.04 -26.84 22.26
CA MET D 455 -30.20 -26.03 21.87
C MET D 455 -30.67 -25.16 23.03
N LYS D 456 -30.91 -25.80 24.19
CA LYS D 456 -31.40 -25.02 25.32
C LYS D 456 -30.34 -24.03 25.81
N ALA D 457 -29.06 -24.33 25.61
CA ALA D 457 -28.03 -23.37 25.96
C ALA D 457 -28.07 -22.15 25.05
N LEU D 458 -28.23 -22.37 23.74
CA LEU D 458 -28.37 -21.23 22.84
C LEU D 458 -29.59 -20.40 23.18
N VAL D 459 -30.70 -21.07 23.49
CA VAL D 459 -31.91 -20.33 23.85
C VAL D 459 -31.68 -19.53 25.12
N ALA D 460 -31.01 -20.13 26.11
CA ALA D 460 -30.73 -19.41 27.35
C ALA D 460 -29.84 -18.21 27.08
N LYS D 461 -28.85 -18.38 26.22
CA LYS D 461 -27.96 -17.26 25.91
C LYS D 461 -28.74 -16.12 25.28
N ASN D 462 -29.62 -16.41 24.33
CA ASN D 462 -30.34 -15.32 23.70
C ASN D 462 -31.41 -14.74 24.61
N LYS D 463 -31.92 -15.52 25.56
CA LYS D 463 -32.84 -14.95 26.55
C LYS D 463 -32.12 -13.98 27.47
N LEU D 464 -30.93 -14.35 27.91
CA LEU D 464 -30.09 -13.42 28.65
C LEU D 464 -29.81 -12.17 27.84
N GLU D 465 -29.54 -12.34 26.54
CA GLU D 465 -29.28 -11.17 25.70
C GLU D 465 -30.53 -10.28 25.58
N SER D 466 -31.70 -10.88 25.50
CA SER D 466 -32.93 -10.09 25.40
C SER D 466 -33.18 -9.30 26.69
N ILE D 467 -33.03 -9.95 27.84
CA ILE D 467 -33.27 -9.23 29.08
C ILE D 467 -32.23 -8.13 29.26
N LEU D 468 -30.98 -8.41 28.91
CA LEU D 468 -29.97 -7.36 28.93
C LEU D 468 -30.33 -6.22 28.00
N SER D 469 -30.93 -6.54 26.85
CA SER D 469 -31.36 -5.49 25.92
C SER D 469 -32.43 -4.62 26.55
N ALA D 470 -33.38 -5.23 27.25
CA ALA D 470 -34.43 -4.45 27.90
C ALA D 470 -33.84 -3.54 28.96
N ILE D 471 -32.91 -4.06 29.77
CA ILE D 471 -32.27 -3.22 30.79
C ILE D 471 -31.53 -2.06 30.13
N ASP D 472 -30.79 -2.33 29.06
CA ASP D 472 -30.06 -1.23 28.41
C ASP D 472 -31.00 -0.22 27.78
N MET D 473 -32.14 -0.68 27.27
CA MET D 473 -33.15 0.25 26.75
C MET D 473 -33.64 1.18 27.85
N LYS D 474 -34.08 0.62 28.98
CA LYS D 474 -34.51 1.44 30.10
C LYS D 474 -33.39 2.36 30.60
N ALA D 475 -32.13 1.91 30.49
CA ALA D 475 -31.03 2.72 30.99
C ALA D 475 -30.78 3.93 30.09
N LYS D 476 -30.61 3.70 28.79
CA LYS D 476 -30.41 4.82 27.88
C LYS D 476 -31.59 5.76 27.90
N ARG D 477 -32.79 5.25 28.15
CA ARG D 477 -33.92 6.15 28.32
C ARG D 477 -33.80 7.00 29.58
N GLY D 478 -33.00 6.57 30.55
CA GLY D 478 -32.78 7.38 31.73
C GLY D 478 -33.59 6.95 32.94
N ALA D 479 -33.67 5.65 33.18
CA ALA D 479 -34.47 5.17 34.28
C ALA D 479 -33.78 5.46 35.61
N SER D 480 -34.55 5.30 36.68
CA SER D 480 -34.02 5.50 38.02
C SER D 480 -33.10 4.34 38.42
N GLU D 481 -32.16 4.65 39.31
CA GLU D 481 -31.09 3.69 39.61
C GLU D 481 -31.61 2.53 40.45
N GLU D 482 -32.55 2.81 41.35
CA GLU D 482 -33.15 1.78 42.17
C GLU D 482 -33.89 0.81 41.26
N GLU D 483 -34.56 1.37 40.24
CA GLU D 483 -35.30 0.58 39.28
C GLU D 483 -34.36 -0.36 38.51
N LEU D 484 -33.23 0.17 38.03
CA LEU D 484 -32.29 -0.67 37.30
C LEU D 484 -31.62 -1.69 38.21
N LYS D 485 -31.41 -1.36 39.49
CA LYS D 485 -30.88 -2.35 40.41
C LYS D 485 -31.84 -3.51 40.56
N GLU D 486 -33.14 -3.23 40.68
CA GLU D 486 -34.10 -4.32 40.76
C GLU D 486 -34.16 -5.12 39.47
N LEU D 487 -34.10 -4.43 38.33
CA LEU D 487 -34.11 -5.15 37.06
C LEU D 487 -32.86 -6.01 36.88
N LEU D 488 -31.73 -5.55 37.39
CA LEU D 488 -30.50 -6.33 37.31
C LEU D 488 -30.56 -7.52 38.27
N ARG D 489 -31.17 -7.33 39.44
CA ARG D 489 -31.44 -8.46 40.32
C ARG D 489 -32.27 -9.51 39.60
N GLU D 490 -33.27 -9.07 38.84
CA GLU D 490 -34.08 -10.02 38.09
C GLU D 490 -33.26 -10.74 37.03
N LEU D 491 -32.42 -10.01 36.29
CA LEU D 491 -31.59 -10.66 35.28
C LEU D 491 -30.64 -11.67 35.92
N LYS D 492 -30.10 -11.35 37.08
CA LYS D 492 -29.20 -12.29 37.76
C LYS D 492 -29.96 -13.53 38.22
N LYS D 493 -31.16 -13.34 38.77
CA LYS D 493 -31.99 -14.49 39.11
C LYS D 493 -32.23 -15.36 37.89
N THR D 494 -32.54 -14.74 36.76
CA THR D 494 -32.83 -15.52 35.55
C THR D 494 -31.60 -16.27 35.07
N VAL D 495 -30.44 -15.63 35.06
CA VAL D 495 -29.24 -16.32 34.58
C VAL D 495 -28.85 -17.45 35.51
N GLU D 496 -28.97 -17.25 36.83
CA GLU D 496 -28.64 -18.35 37.73
C GLU D 496 -29.63 -19.49 37.58
N ASP D 497 -30.92 -19.18 37.42
CA ASP D 497 -31.90 -20.23 37.20
C ASP D 497 -31.60 -21.00 35.93
N MET D 498 -31.23 -20.31 34.87
CA MET D 498 -30.97 -21.01 33.62
C MET D 498 -29.70 -21.85 33.69
N LEU D 499 -28.66 -21.35 34.37
CA LEU D 499 -27.48 -22.18 34.58
C LEU D 499 -27.81 -23.42 35.39
N ARG D 500 -28.60 -23.27 36.45
CA ARG D 500 -28.98 -24.42 37.26
C ARG D 500 -29.78 -25.41 36.43
N GLU D 501 -30.69 -24.93 35.60
CA GLU D 501 -31.49 -25.83 34.78
C GLU D 501 -30.62 -26.55 33.75
N LEU D 502 -29.69 -25.82 33.12
CA LEU D 502 -28.84 -26.44 32.12
C LEU D 502 -27.92 -27.47 32.75
N GLU D 503 -27.41 -27.18 33.95
CA GLU D 503 -26.59 -28.17 34.65
C GLU D 503 -27.43 -29.39 35.02
N ARG D 504 -28.67 -29.18 35.45
CA ARG D 504 -29.52 -30.32 35.77
C ARG D 504 -29.80 -31.16 34.54
N LEU D 505 -30.04 -30.51 33.40
CA LEU D 505 -30.29 -31.25 32.17
C LEU D 505 -29.05 -32.03 31.74
N SER D 506 -27.87 -31.43 31.87
CA SER D 506 -26.64 -32.15 31.55
C SER D 506 -26.42 -33.33 32.49
N GLU D 507 -26.73 -33.15 33.77
CA GLU D 507 -26.56 -34.24 34.72
C GLU D 507 -27.54 -35.36 34.43
N GLU D 508 -28.76 -35.03 34.02
CA GLU D 508 -29.71 -36.06 33.62
C GLU D 508 -29.25 -36.77 32.35
N SER D 509 -28.61 -36.05 31.44
CA SER D 509 -27.98 -36.69 30.29
C SER D 509 -26.92 -37.69 30.72
N ARG D 510 -26.05 -37.27 31.65
CA ARG D 510 -25.01 -38.16 32.15
C ARG D 510 -25.59 -39.37 32.86
N ARG D 511 -26.71 -39.19 33.55
CA ARG D 511 -27.35 -40.31 34.22
C ARG D 511 -27.97 -41.28 33.21
N ILE D 512 -28.60 -40.74 32.17
CA ILE D 512 -29.09 -41.59 31.09
C ILE D 512 -27.94 -42.35 30.45
N ALA D 513 -26.77 -41.72 30.36
CA ALA D 513 -25.58 -42.42 29.87
C ALA D 513 -25.23 -43.58 30.78
N GLU D 514 -24.88 -43.29 32.03
CA GLU D 514 -24.48 -44.35 32.95
C GLU D 514 -25.55 -44.61 34.01
#